data_8EV9
#
_entry.id   8EV9
#
_cell.length_a   1.00
_cell.length_b   1.00
_cell.length_c   1.00
_cell.angle_alpha   90.00
_cell.angle_beta   90.00
_cell.angle_gamma   90.00
#
_symmetry.space_group_name_H-M   'P 1'
#
loop_
_entity.id
_entity.type
_entity.pdbx_description
1 polymer 'Cyclic nucleotide-gated cation channel alpha-3'
2 polymer 'Cyclic nucleotide-gated cation channel beta-3'
3 non-polymer 2-acetamido-2-deoxy-beta-D-glucopyranose
4 non-polymer 'CYCLIC GUANOSINE MONOPHOSPHATE'
#
loop_
_entity_poly.entity_id
_entity_poly.type
_entity_poly.pdbx_seq_one_letter_code
_entity_poly.pdbx_strand_id
1 'polypeptide(L)'
;MDYKDDDDKKTKKKDAIVVDPSSNLYYRWLTAIALPVFYNWYLLICRACFDELQSEYLMLWLVLDYSADVLYVLDVLVRA
RTGFLEQGLMVSDTNRLWQHYKTTTQFKLDVLSLVPTDLAYLKVGTNYPEVRFNRLLKFSRLFEFFDRTETRTNYPNMFR
IGNLVLYILIIIHWNACIYFAISKFIGFGTDSWVYPNISIPEHGRLSRKYIYSLYWSTLTLTTIGETPPPVKDEEYLFVV
VDFLVGVLIFATIVGNVGSMISNMNASRAEFQAKIDSIKQYMQFRKVTKDLETRVIRWFDYLWANKKTVDEKEVLKSLPD
KLKAEIAINVHLDTLKKVRIFQDCEAGLLVELVLKLRPTVFSPGDYICKKGDIGKEMYIINEGKLAVVADDGVTQFVVLS
DGSYFGEISILNIKGSKSGNRRTANIRSIGYSDLFCLSKDDLMEALTEYPEAKKALEEKGRQILMKDNLIDEELARAGAD
PKDLEEKVEQLGSSLDTLQTRFARLLAEYNATQMKMKQRLSQLESQVKGGGDKPLADGEVPGDATKTEDKQQ
;
A,B,C
2 'polypeptide(L)'
;MDYKDDDDKSGDLTTNPDPQNAAEPTGTVPEQKEMDPGKEGPNSPQNKPPAAPVINEYADAQLHNLVKRMRQRTALYKKK
LVEGDLSSPEASPQTAKPTAVPPVKESDDKPTEHYYRLLWFKVKKMPLTEYLKRIKLPNSIDSYTDRLYLLWLLLVTLAY
NWNCCFIPLRLVFPYQTADNIHYWLIADIICDIIYLYDMLFIQPRLQFVRGGDIIVDSNELRKHYRTSTKFQLDVASIIP
FDICYLFFGFNPMFRANRMLKYTSFFEFNHHLESIMDKAYIYRVIRTTGYLLFILHINACVYYWASNYEGIGTTRWVYDG
EGNEYLRCYYWAVRTLITIGGLPEPQTLFEIVFQLLNFFSGVFVFSSLIGQMRDVIGAATANQNYFRACMDDTIAYMNNY
SIPKLVQKRVRTWYEYTWDSQRMLDESDLLKTLPTTVQLALAIDVNFSIISKVDLFKGCDTQMIYDMLLRLKSVLYLPGD
FVCKKGEIGKEMYIIKHGEVQVLGGPDGTKVLVTLKAGSVFGEISLLAAGGGNRRTANVVAHGFANLLTLDKKTLQEILV
HYPDSERILMKKARVLLKQKAKTAEATPPRKDLALLFPPKEETPKLFKTLLGGTGKASLARLLKLKREQAAQKKENSEGG
EEEGKENEDKQKENEDKQKENEDKGKENEDKDKGREPEEKPLDRPECTASPIAVEEEPHSVRRTVLPRGTSRQSLIISMA
PSAEGGEEVLTIEVKEKAKQ
;
D
#
loop_
_chem_comp.id
_chem_comp.type
_chem_comp.name
_chem_comp.formula
NAG D-saccharide, beta linking 2-acetamido-2-deoxy-beta-D-glucopyranose 'C8 H15 N O6'
PCG non-polymer 'CYCLIC GUANOSINE MONOPHOSPHATE' 'C10 H12 N5 O7 P'
#
# COMPACT_ATOMS: atom_id res chain seq x y z
N ILE A 17 -4.58 -24.05 -41.49
CA ILE A 17 -3.69 -23.56 -40.45
C ILE A 17 -4.51 -22.72 -39.46
N VAL A 18 -4.23 -22.90 -38.17
CA VAL A 18 -4.94 -22.20 -37.10
C VAL A 18 -3.95 -21.30 -36.39
N VAL A 19 -4.24 -20.01 -36.34
CA VAL A 19 -3.37 -19.03 -35.70
C VAL A 19 -3.51 -19.15 -34.20
N ASP A 20 -2.41 -19.44 -33.51
CA ASP A 20 -2.45 -19.55 -32.06
C ASP A 20 -2.37 -18.17 -31.44
N PRO A 21 -3.27 -17.81 -30.52
CA PRO A 21 -3.29 -16.45 -29.98
C PRO A 21 -2.23 -16.17 -28.93
N SER A 22 -1.37 -17.13 -28.59
CA SER A 22 -0.25 -16.89 -27.71
C SER A 22 1.07 -16.85 -28.45
N SER A 23 1.05 -17.01 -29.78
CA SER A 23 2.27 -17.13 -30.55
C SER A 23 2.82 -15.75 -30.87
N ASN A 24 3.79 -15.70 -31.79
CA ASN A 24 4.34 -14.43 -32.23
C ASN A 24 3.78 -13.99 -33.58
N LEU A 25 3.26 -14.93 -34.37
CA LEU A 25 2.54 -14.58 -35.59
C LEU A 25 1.27 -13.80 -35.27
N TYR A 26 0.60 -14.17 -34.18
CA TYR A 26 -0.59 -13.43 -33.76
C TYR A 26 -0.23 -12.07 -33.21
N TYR A 27 0.96 -11.91 -32.63
CA TYR A 27 1.33 -10.56 -32.22
C TYR A 27 1.78 -9.70 -33.39
N ARG A 28 2.35 -10.32 -34.43
CA ARG A 28 2.62 -9.57 -35.66
C ARG A 28 1.32 -9.14 -36.32
N TRP A 29 0.28 -9.97 -36.24
CA TRP A 29 -1.01 -9.52 -36.75
C TRP A 29 -1.66 -8.49 -35.83
N LEU A 30 -1.42 -8.55 -34.54
CA LEU A 30 -1.94 -7.52 -33.64
C LEU A 30 -1.30 -6.17 -33.89
N THR A 31 -0.02 -6.15 -34.28
CA THR A 31 0.58 -4.88 -34.70
C THR A 31 0.04 -4.42 -36.05
N ALA A 32 -0.09 -5.35 -37.01
CA ALA A 32 -0.56 -4.96 -38.34
C ALA A 32 -2.04 -4.62 -38.40
N ILE A 33 -2.82 -4.90 -37.36
CA ILE A 33 -4.20 -4.44 -37.31
C ILE A 33 -4.40 -3.34 -36.26
N ALA A 34 -3.46 -3.13 -35.35
CA ALA A 34 -3.54 -1.93 -34.56
C ALA A 34 -2.93 -0.73 -35.25
N LEU A 35 -2.31 -0.92 -36.41
CA LEU A 35 -1.95 0.26 -37.21
C LEU A 35 -3.14 0.90 -37.92
N PRO A 36 -3.96 0.22 -38.75
CA PRO A 36 -5.04 0.94 -39.40
C PRO A 36 -6.23 1.26 -38.51
N VAL A 37 -6.38 0.62 -37.35
CA VAL A 37 -7.40 1.04 -36.40
C VAL A 37 -7.04 2.40 -35.82
N PHE A 38 -5.75 2.61 -35.55
CA PHE A 38 -5.30 3.90 -35.06
C PHE A 38 -5.36 4.97 -36.14
N TYR A 39 -5.05 4.60 -37.40
CA TYR A 39 -5.26 5.52 -38.52
C TYR A 39 -6.72 5.89 -38.65
N ASN A 40 -7.62 4.92 -38.51
CA ASN A 40 -9.04 5.16 -38.74
C ASN A 40 -9.64 6.07 -37.68
N TRP A 41 -9.22 5.88 -36.42
CA TRP A 41 -9.64 6.79 -35.34
C TRP A 41 -9.16 8.22 -35.57
N TYR A 42 -7.83 8.39 -35.66
CA TYR A 42 -7.18 9.69 -35.77
C TYR A 42 -7.59 10.44 -37.05
N LEU A 43 -7.29 9.87 -38.20
CA LEU A 43 -7.57 10.60 -39.40
C LEU A 43 -9.01 10.51 -39.86
N LEU A 44 -9.88 9.67 -39.28
CA LEU A 44 -11.26 9.78 -39.70
C LEU A 44 -11.96 10.93 -39.03
N ILE A 45 -11.65 11.20 -37.75
CA ILE A 45 -12.25 12.42 -37.19
C ILE A 45 -11.60 13.68 -37.80
N CYS A 46 -10.33 13.62 -38.20
CA CYS A 46 -9.72 14.84 -38.73
C CYS A 46 -10.18 15.11 -40.15
N ARG A 47 -10.33 14.08 -40.98
CA ARG A 47 -10.87 14.23 -42.32
C ARG A 47 -12.34 14.62 -42.30
N ALA A 48 -13.09 14.21 -41.28
CA ALA A 48 -14.50 14.59 -41.23
C ALA A 48 -14.65 16.04 -40.81
N CYS A 49 -13.82 16.52 -39.88
CA CYS A 49 -14.06 17.84 -39.33
C CYS A 49 -13.34 18.95 -40.07
N PHE A 50 -12.26 18.68 -40.83
CA PHE A 50 -11.50 19.81 -41.32
C PHE A 50 -11.75 20.19 -42.77
N ASP A 51 -12.19 19.26 -43.63
CA ASP A 51 -12.88 19.51 -44.90
C ASP A 51 -11.99 20.14 -45.99
N GLU A 52 -10.74 20.45 -45.66
CA GLU A 52 -9.69 20.71 -46.63
C GLU A 52 -8.66 19.60 -46.63
N LEU A 53 -8.48 18.94 -45.48
CA LEU A 53 -7.65 17.75 -45.41
C LEU A 53 -8.28 16.59 -46.17
N GLN A 54 -9.61 16.55 -46.24
CA GLN A 54 -10.26 15.53 -47.06
C GLN A 54 -10.19 15.90 -48.54
N SER A 55 -10.37 17.17 -48.86
CA SER A 55 -10.46 17.58 -50.25
C SER A 55 -9.10 17.64 -50.95
N GLU A 56 -8.03 18.00 -50.25
CA GLU A 56 -6.72 18.15 -50.88
C GLU A 56 -6.08 16.80 -51.17
N TYR A 57 -5.87 16.00 -50.13
CA TYR A 57 -5.09 14.77 -50.23
C TYR A 57 -5.96 13.55 -50.54
N LEU A 58 -6.80 13.67 -51.57
CA LEU A 58 -7.84 12.68 -51.83
C LEU A 58 -7.26 11.38 -52.37
N MET A 59 -6.17 11.45 -53.15
CA MET A 59 -5.53 10.23 -53.65
C MET A 59 -4.84 9.47 -52.51
N LEU A 60 -4.26 10.22 -51.56
CA LEU A 60 -3.65 9.62 -50.38
C LEU A 60 -4.70 8.93 -49.52
N TRP A 61 -5.87 9.56 -49.37
CA TRP A 61 -6.89 8.90 -48.56
C TRP A 61 -7.54 7.74 -49.28
N LEU A 62 -7.56 7.74 -50.60
CA LEU A 62 -8.06 6.58 -51.34
C LEU A 62 -7.12 5.39 -51.18
N VAL A 63 -5.81 5.63 -51.22
CA VAL A 63 -4.82 4.56 -51.05
C VAL A 63 -4.86 4.01 -49.63
N LEU A 64 -4.86 4.89 -48.62
CA LEU A 64 -4.87 4.44 -47.24
C LEU A 64 -6.20 3.81 -46.85
N ASP A 65 -7.31 4.24 -47.45
CA ASP A 65 -8.60 3.64 -47.12
C ASP A 65 -8.74 2.27 -47.74
N TYR A 66 -8.21 2.06 -48.95
CA TYR A 66 -8.19 0.73 -49.55
C TYR A 66 -7.31 -0.22 -48.75
N SER A 67 -6.17 0.28 -48.25
CA SER A 67 -5.29 -0.54 -47.43
C SER A 67 -5.93 -0.89 -46.08
N ALA A 68 -6.61 0.06 -45.45
CA ALA A 68 -7.23 -0.22 -44.15
C ALA A 68 -8.43 -1.14 -44.29
N ASP A 69 -9.17 -1.07 -45.40
CA ASP A 69 -10.27 -2.01 -45.58
C ASP A 69 -9.77 -3.40 -45.93
N VAL A 70 -8.64 -3.50 -46.63
CA VAL A 70 -8.05 -4.82 -46.89
C VAL A 70 -7.54 -5.45 -45.59
N LEU A 71 -6.94 -4.65 -44.71
CA LEU A 71 -6.52 -5.19 -43.41
C LEU A 71 -7.70 -5.53 -42.50
N TYR A 72 -8.83 -4.84 -42.64
CA TYR A 72 -10.00 -5.19 -41.84
C TYR A 72 -10.63 -6.49 -42.33
N VAL A 73 -10.62 -6.72 -43.64
CA VAL A 73 -11.13 -7.98 -44.20
C VAL A 73 -10.24 -9.15 -43.80
N LEU A 74 -8.91 -8.95 -43.85
CA LEU A 74 -8.01 -9.99 -43.36
C LEU A 74 -8.07 -10.17 -41.85
N ASP A 75 -8.48 -9.15 -41.10
CA ASP A 75 -8.68 -9.31 -39.67
C ASP A 75 -9.90 -10.18 -39.36
N VAL A 76 -10.97 -10.02 -40.15
CA VAL A 76 -12.11 -10.92 -40.02
C VAL A 76 -11.72 -12.35 -40.37
N LEU A 77 -10.92 -12.51 -41.44
CA LEU A 77 -10.47 -13.84 -41.85
C LEU A 77 -9.46 -14.44 -40.87
N VAL A 78 -8.76 -13.63 -40.08
CA VAL A 78 -7.86 -14.16 -39.07
C VAL A 78 -8.61 -14.51 -37.78
N ARG A 79 -9.58 -13.68 -37.39
CA ARG A 79 -10.41 -13.98 -36.22
C ARG A 79 -11.33 -15.16 -36.46
N ALA A 80 -11.61 -15.52 -37.72
CA ALA A 80 -12.28 -16.78 -38.00
C ALA A 80 -11.32 -17.97 -38.04
N ARG A 81 -10.04 -17.77 -37.74
CA ARG A 81 -9.08 -18.86 -37.70
C ARG A 81 -8.12 -18.70 -36.53
N THR A 82 -8.58 -18.04 -35.47
CA THR A 82 -7.80 -17.86 -34.25
C THR A 82 -8.25 -18.89 -33.23
N GLY A 83 -7.31 -19.72 -32.78
CA GLY A 83 -7.66 -20.80 -31.87
C GLY A 83 -7.98 -20.30 -30.48
N PHE A 84 -8.59 -21.19 -29.71
CA PHE A 84 -9.02 -20.87 -28.35
C PHE A 84 -9.00 -22.14 -27.54
N LEU A 85 -8.71 -21.99 -26.24
CA LEU A 85 -8.37 -23.13 -25.40
C LEU A 85 -9.63 -23.78 -24.86
N GLU A 86 -9.87 -25.03 -25.26
CA GLU A 86 -10.96 -25.85 -24.75
C GLU A 86 -10.33 -27.09 -24.12
N GLN A 87 -10.45 -27.17 -22.78
CA GLN A 87 -9.86 -28.23 -21.94
C GLN A 87 -8.35 -28.33 -22.11
N GLY A 88 -7.68 -27.19 -22.06
CA GLY A 88 -6.24 -27.16 -22.02
C GLY A 88 -5.53 -27.18 -23.36
N LEU A 89 -6.14 -27.74 -24.39
CA LEU A 89 -5.49 -27.83 -25.69
C LEU A 89 -6.28 -27.04 -26.73
N MET A 90 -5.57 -26.62 -27.78
CA MET A 90 -6.15 -25.71 -28.76
C MET A 90 -7.06 -26.45 -29.73
N VAL A 91 -8.19 -25.84 -30.04
CA VAL A 91 -9.10 -26.39 -31.04
C VAL A 91 -8.54 -26.10 -32.42
N SER A 92 -8.48 -27.13 -33.26
CA SER A 92 -8.01 -26.97 -34.63
C SER A 92 -9.12 -27.11 -35.65
N ASP A 93 -10.35 -27.39 -35.22
CA ASP A 93 -11.45 -27.57 -36.16
C ASP A 93 -11.95 -26.20 -36.62
N THR A 94 -11.87 -25.98 -37.94
CA THR A 94 -12.19 -24.67 -38.50
C THR A 94 -13.69 -24.38 -38.45
N ASN A 95 -14.53 -25.41 -38.54
CA ASN A 95 -15.97 -25.20 -38.40
C ASN A 95 -16.34 -24.86 -36.96
N ARG A 96 -15.66 -25.47 -36.00
CA ARG A 96 -15.86 -25.11 -34.60
C ARG A 96 -15.39 -23.70 -34.31
N LEU A 97 -14.27 -23.31 -34.93
CA LEU A 97 -13.76 -21.95 -34.78
C LEU A 97 -14.69 -20.93 -35.42
N TRP A 98 -15.31 -21.30 -36.56
CA TRP A 98 -16.22 -20.38 -37.22
C TRP A 98 -17.53 -20.23 -36.45
N GLN A 99 -18.02 -21.31 -35.84
CA GLN A 99 -19.24 -21.20 -35.04
C GLN A 99 -18.98 -20.45 -33.73
N HIS A 100 -17.79 -20.64 -33.13
CA HIS A 100 -17.44 -19.86 -31.95
C HIS A 100 -17.16 -18.41 -32.30
N TYR A 101 -16.77 -18.12 -33.53
CA TYR A 101 -16.70 -16.73 -33.94
C TYR A 101 -18.08 -16.14 -34.14
N LYS A 102 -18.98 -16.88 -34.80
CA LYS A 102 -20.31 -16.37 -35.13
C LYS A 102 -21.19 -16.18 -33.89
N THR A 103 -20.94 -16.89 -32.79
CA THR A 103 -21.73 -16.64 -31.59
C THR A 103 -21.24 -15.45 -30.77
N THR A 104 -20.26 -14.69 -31.24
CA THR A 104 -19.66 -13.62 -30.44
C THR A 104 -20.25 -12.29 -30.86
N THR A 105 -20.18 -11.30 -29.95
CA THR A 105 -20.50 -9.92 -30.30
C THR A 105 -19.42 -9.28 -31.15
N GLN A 106 -18.20 -9.83 -31.09
CA GLN A 106 -17.12 -9.32 -31.92
C GLN A 106 -17.33 -9.65 -33.39
N PHE A 107 -18.11 -10.68 -33.72
CA PHE A 107 -18.46 -10.90 -35.12
C PHE A 107 -19.43 -9.85 -35.61
N LYS A 108 -20.34 -9.38 -34.75
CA LYS A 108 -21.23 -8.30 -35.12
C LYS A 108 -20.46 -6.99 -35.30
N LEU A 109 -19.48 -6.74 -34.43
CA LEU A 109 -18.66 -5.53 -34.60
C LEU A 109 -17.74 -5.61 -35.81
N ASP A 110 -17.13 -6.77 -36.05
CA ASP A 110 -16.23 -6.93 -37.19
C ASP A 110 -16.95 -7.07 -38.51
N VAL A 111 -18.26 -7.30 -38.51
CA VAL A 111 -19.04 -7.21 -39.73
C VAL A 111 -19.59 -5.80 -39.92
N LEU A 112 -19.97 -5.14 -38.83
CA LEU A 112 -20.41 -3.75 -38.88
C LEU A 112 -19.30 -2.78 -39.25
N SER A 113 -18.04 -3.15 -39.04
CA SER A 113 -16.91 -2.37 -39.51
C SER A 113 -16.56 -2.61 -40.97
N LEU A 114 -17.46 -3.20 -41.77
CA LEU A 114 -17.17 -3.47 -43.16
C LEU A 114 -18.37 -3.23 -44.08
N VAL A 115 -19.39 -2.51 -43.62
CA VAL A 115 -20.60 -2.35 -44.42
C VAL A 115 -20.37 -1.30 -45.50
N PRO A 116 -20.82 -1.54 -46.73
CA PRO A 116 -20.54 -0.60 -47.83
C PRO A 116 -21.52 0.57 -47.81
N THR A 117 -21.17 1.58 -47.01
CA THR A 117 -22.00 2.77 -46.92
C THR A 117 -21.88 3.65 -48.17
N ASP A 118 -20.76 3.56 -48.87
CA ASP A 118 -20.56 4.33 -50.10
C ASP A 118 -21.37 3.73 -51.25
N THR A 126 -16.07 9.83 -50.89
CA THR A 126 -15.17 10.76 -51.57
C THR A 126 -15.35 12.17 -51.03
N ASN A 127 -16.59 12.65 -51.05
CA ASN A 127 -16.91 13.95 -50.49
C ASN A 127 -17.35 13.88 -49.03
N TYR A 128 -17.63 12.69 -48.52
CA TYR A 128 -18.10 12.49 -47.16
C TYR A 128 -17.31 11.35 -46.52
N PRO A 129 -16.37 11.65 -45.63
CA PRO A 129 -15.76 10.59 -44.80
C PRO A 129 -16.51 10.34 -43.50
N GLU A 130 -17.69 10.91 -43.33
CA GLU A 130 -18.57 10.57 -42.21
C GLU A 130 -19.35 9.30 -42.46
N VAL A 131 -19.39 8.81 -43.70
CA VAL A 131 -20.01 7.53 -43.98
C VAL A 131 -19.08 6.36 -43.68
N ARG A 132 -17.80 6.63 -43.40
CA ARG A 132 -16.85 5.61 -42.98
C ARG A 132 -16.57 5.67 -41.49
N PHE A 133 -17.46 6.26 -40.71
CA PHE A 133 -17.29 6.33 -39.26
C PHE A 133 -17.57 5.03 -38.55
N ASN A 134 -18.04 4.00 -39.25
CA ASN A 134 -18.19 2.68 -38.67
C ASN A 134 -16.90 1.88 -38.67
N ARG A 135 -15.83 2.43 -39.22
CA ARG A 135 -14.51 1.82 -39.17
C ARG A 135 -13.86 2.00 -37.81
N LEU A 136 -14.40 2.85 -36.95
CA LEU A 136 -13.85 3.01 -35.62
C LEU A 136 -14.32 1.93 -34.66
N LEU A 137 -15.20 1.03 -35.10
CA LEU A 137 -15.79 0.04 -34.21
C LEU A 137 -14.83 -1.07 -33.83
N LYS A 138 -13.70 -1.20 -34.50
CA LYS A 138 -12.70 -2.21 -34.16
C LYS A 138 -11.70 -1.68 -33.15
N PHE A 139 -12.18 -1.12 -32.04
CA PHE A 139 -11.32 -0.64 -30.97
C PHE A 139 -10.73 -1.78 -30.15
N SER A 140 -11.34 -2.97 -30.24
CA SER A 140 -10.90 -4.11 -29.45
C SER A 140 -9.55 -4.61 -29.92
N ARG A 141 -9.24 -4.48 -31.20
CA ARG A 141 -7.91 -4.87 -31.69
C ARG A 141 -6.83 -3.93 -31.18
N LEU A 142 -7.15 -2.65 -31.05
CA LEU A 142 -6.18 -1.69 -30.53
C LEU A 142 -5.95 -1.88 -29.04
N PHE A 143 -7.03 -2.14 -28.28
CA PHE A 143 -6.84 -2.39 -26.85
C PHE A 143 -6.20 -3.75 -26.59
N GLU A 144 -6.43 -4.73 -27.46
CA GLU A 144 -5.75 -6.01 -27.35
C GLU A 144 -4.27 -5.89 -27.65
N PHE A 145 -3.90 -5.07 -28.63
CA PHE A 145 -2.49 -4.84 -28.92
C PHE A 145 -1.79 -4.13 -27.79
N PHE A 146 -2.44 -3.15 -27.17
CA PHE A 146 -1.81 -2.45 -26.05
C PHE A 146 -1.68 -3.35 -24.82
N ASP A 147 -2.66 -4.24 -24.60
CA ASP A 147 -2.56 -5.21 -23.52
C ASP A 147 -1.45 -6.23 -23.78
N ARG A 148 -1.34 -6.73 -25.02
CA ARG A 148 -0.31 -7.70 -25.34
C ARG A 148 1.08 -7.09 -25.31
N THR A 149 1.21 -5.81 -25.67
CA THR A 149 2.52 -5.17 -25.58
C THR A 149 2.89 -4.90 -24.12
N GLU A 150 1.92 -4.56 -23.27
CA GLU A 150 2.25 -4.34 -21.86
C GLU A 150 2.58 -5.64 -21.13
N THR A 151 2.00 -6.77 -21.55
CA THR A 151 2.43 -8.03 -20.96
C THR A 151 3.63 -8.66 -21.67
N ARG A 152 4.04 -8.16 -22.83
CA ARG A 152 5.19 -8.75 -23.50
C ARG A 152 6.47 -7.94 -23.39
N THR A 153 6.39 -6.62 -23.20
CA THR A 153 7.59 -5.83 -23.25
C THR A 153 8.36 -5.91 -21.94
N ASN A 154 9.61 -5.47 -21.97
CA ASN A 154 10.46 -5.47 -20.80
C ASN A 154 10.35 -4.19 -19.98
N TYR A 155 9.65 -3.17 -20.49
CA TYR A 155 9.52 -1.87 -19.85
C TYR A 155 8.04 -1.56 -19.64
N PRO A 156 7.45 -2.07 -18.55
CA PRO A 156 6.01 -1.85 -18.36
C PRO A 156 5.65 -0.43 -17.95
N ASN A 157 6.48 0.25 -17.15
CA ASN A 157 6.15 1.63 -16.80
C ASN A 157 6.40 2.59 -17.97
N MET A 158 7.37 2.28 -18.82
CA MET A 158 7.57 3.07 -20.03
C MET A 158 6.43 2.87 -21.01
N PHE A 159 5.90 1.64 -21.09
CA PHE A 159 4.75 1.47 -21.96
C PHE A 159 3.47 2.03 -21.35
N ARG A 160 3.36 2.11 -20.04
CA ARG A 160 2.20 2.75 -19.45
C ARG A 160 2.23 4.27 -19.64
N ILE A 161 3.42 4.88 -19.61
CA ILE A 161 3.55 6.29 -19.99
C ILE A 161 3.22 6.50 -21.46
N GLY A 162 3.67 5.61 -22.33
CA GLY A 162 3.35 5.74 -23.75
C GLY A 162 1.88 5.54 -24.05
N ASN A 163 1.22 4.63 -23.32
CA ASN A 163 -0.22 4.44 -23.44
C ASN A 163 -1.00 5.64 -22.95
N LEU A 164 -0.59 6.25 -21.82
CA LEU A 164 -1.29 7.43 -21.32
C LEU A 164 -1.10 8.63 -22.23
N VAL A 165 0.10 8.78 -22.79
CA VAL A 165 0.36 9.90 -23.70
C VAL A 165 -0.41 9.71 -25.00
N LEU A 166 -0.57 8.46 -25.44
CA LEU A 166 -1.35 8.23 -26.66
C LEU A 166 -2.85 8.44 -26.43
N TYR A 167 -3.36 8.13 -25.23
CA TYR A 167 -4.75 8.41 -24.95
C TYR A 167 -5.01 9.90 -24.77
N ILE A 168 -4.05 10.62 -24.17
CA ILE A 168 -4.11 12.07 -24.09
C ILE A 168 -4.11 12.69 -25.49
N LEU A 169 -3.28 12.20 -26.40
CA LEU A 169 -3.22 12.80 -27.72
C LEU A 169 -4.45 12.49 -28.57
N ILE A 170 -5.08 11.32 -28.38
CA ILE A 170 -6.35 11.07 -29.06
C ILE A 170 -7.45 11.98 -28.52
N ILE A 171 -7.49 12.21 -27.19
CA ILE A 171 -8.52 13.08 -26.63
C ILE A 171 -8.31 14.54 -27.04
N ILE A 172 -7.06 15.00 -27.07
CA ILE A 172 -6.72 16.37 -27.49
C ILE A 172 -7.05 16.57 -28.97
N HIS A 173 -6.80 15.55 -29.78
CA HIS A 173 -7.08 15.63 -31.21
C HIS A 173 -8.58 15.59 -31.50
N TRP A 174 -9.33 14.76 -30.79
CA TRP A 174 -10.77 14.69 -31.01
C TRP A 174 -11.46 15.96 -30.53
N ASN A 175 -10.97 16.56 -29.46
CA ASN A 175 -11.52 17.83 -29.01
C ASN A 175 -11.13 18.98 -29.92
N ALA A 176 -9.96 18.94 -30.55
CA ALA A 176 -9.60 19.94 -31.54
C ALA A 176 -10.49 19.86 -32.77
N CYS A 177 -10.78 18.64 -33.22
CA CYS A 177 -11.68 18.46 -34.35
C CYS A 177 -13.10 18.87 -34.00
N ILE A 178 -13.53 18.62 -32.76
CA ILE A 178 -14.88 19.00 -32.33
C ILE A 178 -15.01 20.52 -32.20
N TYR A 179 -13.96 21.20 -31.72
CA TYR A 179 -13.96 22.66 -31.67
C TYR A 179 -13.98 23.27 -33.06
N PHE A 180 -13.27 22.66 -34.02
CA PHE A 180 -13.34 23.21 -35.37
C PHE A 180 -14.67 22.92 -36.04
N ALA A 181 -15.29 21.78 -35.76
CA ALA A 181 -16.61 21.52 -36.33
C ALA A 181 -17.67 22.41 -35.73
N ILE A 182 -17.59 22.68 -34.42
CA ILE A 182 -18.53 23.57 -33.75
C ILE A 182 -18.36 24.99 -34.23
N SER A 183 -17.11 25.43 -34.44
CA SER A 183 -16.88 26.77 -34.96
C SER A 183 -17.32 26.91 -36.41
N LYS A 184 -17.19 25.84 -37.21
CA LYS A 184 -17.72 25.88 -38.57
C LYS A 184 -19.25 25.90 -38.59
N PHE A 185 -19.88 25.21 -37.64
CA PHE A 185 -21.34 25.21 -37.57
C PHE A 185 -21.89 26.55 -37.11
N ILE A 186 -21.25 27.17 -36.12
CA ILE A 186 -21.69 28.46 -35.60
C ILE A 186 -21.39 29.57 -36.60
N GLY A 187 -20.22 29.54 -37.23
CA GLY A 187 -19.82 30.55 -38.19
C GLY A 187 -18.41 30.99 -37.90
N PHE A 188 -17.57 31.06 -38.91
CA PHE A 188 -16.19 31.48 -38.72
C PHE A 188 -16.13 32.98 -38.50
N GLY A 189 -15.63 33.39 -37.34
CA GLY A 189 -15.39 34.80 -37.11
C GLY A 189 -16.60 35.63 -36.80
N THR A 190 -17.77 35.01 -36.61
CA THR A 190 -18.94 35.78 -36.18
C THR A 190 -18.82 36.15 -34.71
N ASP A 191 -18.20 35.31 -33.91
CA ASP A 191 -17.94 35.60 -32.51
C ASP A 191 -16.44 35.76 -32.31
N SER A 192 -16.08 36.11 -31.08
CA SER A 192 -14.68 36.17 -30.68
C SER A 192 -14.17 34.85 -30.14
N TRP A 193 -15.04 33.87 -29.94
CA TRP A 193 -14.64 32.57 -29.41
C TRP A 193 -14.32 31.56 -30.50
N VAL A 194 -15.06 31.57 -31.61
CA VAL A 194 -14.94 30.60 -32.69
C VAL A 194 -13.62 30.76 -33.43
N TYR A 195 -13.33 29.81 -34.32
CA TYR A 195 -12.17 29.92 -35.19
C TYR A 195 -12.33 31.14 -36.10
N PRO A 196 -11.27 31.91 -36.35
CA PRO A 196 -11.41 33.15 -37.10
C PRO A 196 -11.73 32.97 -38.58
N ASN A 197 -11.79 34.10 -39.29
CA ASN A 197 -12.42 34.16 -40.61
C ASN A 197 -11.61 33.41 -41.65
N ILE A 198 -12.26 32.47 -42.34
CA ILE A 198 -11.57 31.51 -43.20
C ILE A 198 -11.11 32.11 -44.51
N SER A 199 -11.62 33.28 -44.89
CA SER A 199 -11.18 33.91 -46.12
C SER A 199 -9.96 34.78 -45.93
N ILE A 200 -9.61 35.10 -44.70
CA ILE A 200 -8.28 35.68 -44.42
C ILE A 200 -7.25 34.59 -44.69
N PRO A 201 -6.23 34.85 -45.52
CA PRO A 201 -5.28 33.78 -45.86
C PRO A 201 -4.31 33.42 -44.74
N GLU A 202 -4.25 34.18 -43.66
CA GLU A 202 -3.44 33.76 -42.52
C GLU A 202 -4.10 32.61 -41.78
N HIS A 203 -5.41 32.72 -41.55
CA HIS A 203 -6.16 31.66 -40.88
C HIS A 203 -6.76 30.66 -41.85
N GLY A 204 -6.64 30.89 -43.15
CA GLY A 204 -7.30 30.05 -44.11
C GLY A 204 -6.49 28.89 -44.62
N ARG A 205 -5.35 28.61 -44.01
CA ARG A 205 -4.52 27.48 -44.41
C ARG A 205 -4.72 26.34 -43.43
N LEU A 206 -4.53 25.12 -43.94
CA LEU A 206 -4.90 23.92 -43.21
C LEU A 206 -3.98 23.67 -42.03
N SER A 207 -2.71 24.04 -42.15
CA SER A 207 -1.77 23.91 -41.05
C SER A 207 -2.14 24.85 -39.93
N ARG A 208 -2.58 26.07 -40.26
CA ARG A 208 -3.00 27.02 -39.23
C ARG A 208 -4.29 26.58 -38.58
N LYS A 209 -5.22 26.02 -39.37
CA LYS A 209 -6.48 25.49 -38.85
C LYS A 209 -6.26 24.39 -37.84
N TYR A 210 -5.44 23.39 -38.20
CA TYR A 210 -5.24 22.27 -37.29
C TYR A 210 -4.39 22.65 -36.09
N ILE A 211 -3.37 23.49 -36.25
CA ILE A 211 -2.53 23.79 -35.10
C ILE A 211 -3.20 24.78 -34.15
N TYR A 212 -4.03 25.72 -34.64
CA TYR A 212 -4.76 26.54 -33.68
C TYR A 212 -5.90 25.76 -33.02
N SER A 213 -6.53 24.82 -33.72
CA SER A 213 -7.55 24.03 -33.03
C SER A 213 -6.95 23.09 -32.01
N LEU A 214 -5.75 22.57 -32.28
CA LEU A 214 -5.04 21.76 -31.30
C LEU A 214 -4.55 22.59 -30.12
N TYR A 215 -4.17 23.84 -30.37
CA TYR A 215 -3.77 24.74 -29.28
C TYR A 215 -4.94 25.09 -28.39
N TRP A 216 -6.11 25.36 -28.99
CA TRP A 216 -7.32 25.61 -28.20
C TRP A 216 -7.75 24.38 -27.41
N SER A 217 -7.67 23.20 -28.01
CA SER A 217 -8.09 22.00 -27.30
C SER A 217 -7.13 21.62 -26.19
N THR A 218 -5.83 21.85 -26.37
CA THR A 218 -4.86 21.65 -25.30
C THR A 218 -5.11 22.60 -24.14
N LEU A 219 -5.33 23.88 -24.46
CA LEU A 219 -5.53 24.88 -23.41
C LEU A 219 -6.87 24.74 -22.72
N THR A 220 -7.85 24.11 -23.35
CA THR A 220 -9.10 23.85 -22.66
C THR A 220 -9.05 22.57 -21.85
N LEU A 221 -8.59 21.46 -22.43
CA LEU A 221 -8.62 20.18 -21.72
C LEU A 221 -7.58 20.07 -20.63
N THR A 222 -6.47 20.80 -20.68
CA THR A 222 -5.54 20.75 -19.57
C THR A 222 -5.89 21.76 -18.48
N THR A 223 -7.02 22.46 -18.63
CA THR A 223 -7.55 23.51 -17.73
C THR A 223 -6.51 24.60 -17.46
N ILE A 224 -6.19 25.32 -18.52
CA ILE A 224 -5.33 26.49 -18.45
C ILE A 224 -6.12 27.75 -18.76
N GLY A 225 -6.87 27.75 -19.85
CA GLY A 225 -7.84 28.78 -20.14
C GLY A 225 -7.29 30.15 -20.50
N GLU A 226 -6.29 30.21 -21.36
CA GLU A 226 -5.81 31.48 -21.90
C GLU A 226 -6.49 31.83 -23.20
N THR A 227 -7.44 31.03 -23.64
CA THR A 227 -8.15 31.21 -24.88
C THR A 227 -9.19 32.31 -24.73
N PRO A 228 -9.73 32.84 -25.83
CA PRO A 228 -10.82 33.82 -25.74
C PRO A 228 -12.09 33.23 -25.13
N PRO A 229 -12.79 33.99 -24.32
CA PRO A 229 -13.91 33.45 -23.54
C PRO A 229 -15.16 33.36 -24.39
N PRO A 230 -16.12 32.51 -24.04
CA PRO A 230 -17.28 32.31 -24.91
C PRO A 230 -18.22 33.49 -24.89
N VAL A 231 -18.97 33.63 -25.98
CA VAL A 231 -19.89 34.74 -26.16
C VAL A 231 -21.35 34.27 -26.13
N LYS A 232 -21.69 33.28 -26.94
CA LYS A 232 -23.05 32.77 -27.01
C LYS A 232 -23.26 31.61 -26.06
N ASP A 233 -24.51 31.17 -25.95
CA ASP A 233 -24.86 30.19 -24.93
C ASP A 233 -24.41 28.78 -25.28
N GLU A 234 -24.42 28.41 -26.56
CA GLU A 234 -23.91 27.09 -26.92
C GLU A 234 -22.40 27.03 -26.79
N GLU A 235 -21.72 28.16 -26.94
CA GLU A 235 -20.30 28.23 -26.67
C GLU A 235 -20.01 28.14 -25.19
N TYR A 236 -20.84 28.78 -24.35
CA TYR A 236 -20.73 28.64 -22.89
C TYR A 236 -20.93 27.21 -22.46
N LEU A 237 -21.90 26.52 -23.05
CA LEU A 237 -22.19 25.15 -22.68
C LEU A 237 -21.10 24.19 -23.15
N PHE A 238 -20.55 24.43 -24.34
CA PHE A 238 -19.47 23.59 -24.84
C PHE A 238 -18.19 23.78 -24.05
N VAL A 239 -17.90 25.00 -23.62
CA VAL A 239 -16.70 25.23 -22.82
C VAL A 239 -16.87 24.72 -21.39
N VAL A 240 -18.09 24.74 -20.84
CA VAL A 240 -18.33 24.14 -19.53
C VAL A 240 -18.16 22.63 -19.59
N VAL A 241 -18.71 21.98 -20.63
CA VAL A 241 -18.56 20.54 -20.81
C VAL A 241 -17.11 20.18 -21.13
N ASP A 242 -16.38 21.07 -21.81
CA ASP A 242 -14.99 20.81 -22.14
C ASP A 242 -14.07 20.92 -20.93
N PHE A 243 -14.29 21.92 -20.08
CA PHE A 243 -13.54 22.02 -18.83
C PHE A 243 -13.86 20.87 -17.89
N LEU A 244 -15.11 20.40 -17.89
CA LEU A 244 -15.47 19.29 -17.02
C LEU A 244 -15.01 17.94 -17.55
N VAL A 245 -14.86 17.79 -18.86
CA VAL A 245 -14.19 16.61 -19.39
C VAL A 245 -12.70 16.67 -19.10
N GLY A 246 -12.11 17.87 -19.21
CA GLY A 246 -10.69 18.01 -19.02
C GLY A 246 -10.23 17.85 -17.59
N VAL A 247 -11.03 18.29 -16.62
CA VAL A 247 -10.62 18.10 -15.23
C VAL A 247 -10.75 16.64 -14.82
N LEU A 248 -11.70 15.90 -15.39
CA LEU A 248 -11.80 14.47 -15.09
C LEU A 248 -10.70 13.67 -15.75
N ILE A 249 -10.37 14.02 -17.00
CA ILE A 249 -9.33 13.33 -17.74
C ILE A 249 -7.96 13.60 -17.13
N PHE A 250 -7.70 14.84 -16.74
CA PHE A 250 -6.40 15.08 -16.14
CA PHE A 250 -6.47 15.31 -16.11
C PHE A 250 -6.40 14.94 -14.63
N ALA A 251 -7.51 14.51 -14.04
CA ALA A 251 -7.39 13.90 -12.72
C ALA A 251 -7.02 12.43 -12.86
N THR A 252 -7.59 11.75 -13.86
CA THR A 252 -7.24 10.36 -14.15
C THR A 252 -5.79 10.22 -14.60
N ILE A 253 -5.28 11.18 -15.36
CA ILE A 253 -3.89 11.14 -15.82
C ILE A 253 -2.91 11.35 -14.67
N VAL A 254 -3.20 12.30 -13.78
CA VAL A 254 -2.35 12.55 -12.62
C VAL A 254 -2.41 11.37 -11.65
N GLY A 255 -3.58 10.74 -11.51
CA GLY A 255 -3.68 9.55 -10.67
C GLY A 255 -2.99 8.34 -11.26
N ASN A 256 -3.07 8.15 -12.59
CA ASN A 256 -2.45 7.03 -13.26
C ASN A 256 -0.95 7.20 -13.44
N VAL A 257 -0.43 8.43 -13.28
CA VAL A 257 1.02 8.60 -13.22
C VAL A 257 1.52 8.46 -11.78
N GLY A 258 0.76 8.96 -10.80
CA GLY A 258 1.14 8.81 -9.40
C GLY A 258 1.06 7.39 -8.89
N SER A 259 0.08 6.62 -9.36
CA SER A 259 0.02 5.20 -9.03
C SER A 259 1.15 4.41 -9.66
N MET A 260 1.56 4.78 -10.87
CA MET A 260 2.70 4.16 -11.52
C MET A 260 4.00 4.45 -10.77
N ILE A 261 4.18 5.70 -10.32
CA ILE A 261 5.38 6.07 -9.58
C ILE A 261 5.42 5.40 -8.22
N SER A 262 4.27 5.31 -7.53
CA SER A 262 4.22 4.68 -6.22
C SER A 262 4.43 3.17 -6.30
N ASN A 263 3.83 2.51 -7.29
CA ASN A 263 4.06 1.08 -7.46
C ASN A 263 5.30 0.78 -8.30
N MET A 264 6.05 1.81 -8.69
CA MET A 264 7.40 1.66 -9.23
C MET A 264 8.45 1.70 -8.13
N ASN A 265 8.26 2.54 -7.10
CA ASN A 265 9.22 2.57 -6.01
C ASN A 265 8.67 2.01 -4.69
N ALA A 266 7.62 1.17 -4.75
CA ALA A 266 7.17 0.45 -3.56
C ALA A 266 8.22 -0.52 -3.02
N SER A 267 9.00 -1.15 -3.89
CA SER A 267 10.04 -2.07 -3.42
C SER A 267 11.19 -1.33 -2.73
N ARG A 268 11.58 -0.18 -3.28
CA ARG A 268 12.58 0.65 -2.63
C ARG A 268 12.07 1.21 -1.32
N ALA A 269 10.79 1.56 -1.25
CA ALA A 269 10.22 2.07 0.00
C ALA A 269 10.12 0.98 1.06
N GLU A 270 9.82 -0.26 0.65
CA GLU A 270 9.80 -1.39 1.58
C GLU A 270 11.20 -1.71 2.11
N PHE A 271 12.21 -1.64 1.24
CA PHE A 271 13.58 -1.86 1.70
C PHE A 271 14.07 -0.75 2.62
N GLN A 272 13.67 0.51 2.35
CA GLN A 272 14.02 1.59 3.27
C GLN A 272 13.28 1.46 4.58
N ALA A 273 12.05 0.92 4.58
CA ALA A 273 11.33 0.71 5.83
C ALA A 273 11.98 -0.38 6.67
N LYS A 274 12.44 -1.46 6.03
CA LYS A 274 13.19 -2.51 6.72
C LYS A 274 14.51 -1.99 7.29
N ILE A 275 15.25 -1.21 6.51
CA ILE A 275 16.53 -0.67 6.93
C ILE A 275 16.37 0.31 8.09
N ASP A 276 15.39 1.21 8.01
CA ASP A 276 15.21 2.18 9.09
C ASP A 276 14.58 1.56 10.33
N SER A 277 13.78 0.49 10.20
CA SER A 277 13.27 -0.18 11.39
C SER A 277 14.37 -0.93 12.11
N ILE A 278 15.27 -1.59 11.38
CA ILE A 278 16.39 -2.28 12.02
C ILE A 278 17.39 -1.29 12.58
N LYS A 279 17.56 -0.12 11.93
CA LYS A 279 18.38 0.95 12.50
C LYS A 279 17.81 1.49 13.80
N GLN A 280 16.49 1.71 13.85
CA GLN A 280 15.88 2.20 15.08
C GLN A 280 15.89 1.15 16.18
N TYR A 281 15.77 -0.13 15.82
CA TYR A 281 15.89 -1.21 16.79
C TYR A 281 17.28 -1.30 17.38
N MET A 282 18.31 -1.11 16.56
CA MET A 282 19.68 -1.15 17.06
C MET A 282 20.02 0.06 17.93
N GLN A 283 19.58 1.26 17.52
CA GLN A 283 19.81 2.43 18.37
C GLN A 283 18.92 2.47 19.60
N PHE A 284 17.86 1.66 19.65
CA PHE A 284 17.14 1.49 20.91
C PHE A 284 17.84 0.49 21.81
N ARG A 285 18.27 -0.65 21.26
CA ARG A 285 18.82 -1.72 22.07
C ARG A 285 20.31 -1.56 22.36
N LYS A 286 20.93 -0.48 21.86
CA LYS A 286 22.32 -0.10 22.13
C LYS A 286 23.30 -1.16 21.62
N VAL A 287 23.08 -1.57 20.37
CA VAL A 287 24.02 -2.44 19.66
C VAL A 287 25.30 -1.66 19.42
N THR A 288 26.45 -2.30 19.65
CA THR A 288 27.75 -1.68 19.53
C THR A 288 28.03 -1.31 18.07
N LYS A 289 28.90 -0.30 17.88
CA LYS A 289 29.06 0.40 16.61
C LYS A 289 29.65 -0.50 15.53
N ASP A 290 30.46 -1.49 15.92
CA ASP A 290 31.04 -2.41 14.94
C ASP A 290 29.97 -3.33 14.35
N LEU A 291 29.09 -3.89 15.19
CA LEU A 291 27.98 -4.69 14.70
C LEU A 291 26.96 -3.84 13.94
N GLU A 292 26.80 -2.58 14.35
CA GLU A 292 25.93 -1.66 13.64
C GLU A 292 26.45 -1.38 12.22
N THR A 293 27.74 -1.11 12.09
CA THR A 293 28.34 -0.88 10.78
C THR A 293 28.35 -2.16 9.94
N ARG A 294 28.47 -3.33 10.59
CA ARG A 294 28.43 -4.59 9.87
C ARG A 294 27.04 -4.86 9.30
N VAL A 295 25.98 -4.59 10.08
CA VAL A 295 24.60 -4.73 9.60
C VAL A 295 24.32 -3.76 8.46
N ILE A 296 24.79 -2.51 8.59
CA ILE A 296 24.51 -1.50 7.58
C ILE A 296 25.30 -1.75 6.29
N ARG A 297 26.54 -2.23 6.40
CA ARG A 297 27.30 -2.58 5.21
C ARG A 297 26.76 -3.84 4.55
N TRP A 298 26.18 -4.76 5.33
CA TRP A 298 25.53 -5.92 4.74
C TRP A 298 24.26 -5.54 3.99
N PHE A 299 23.48 -4.60 4.54
CA PHE A 299 22.30 -4.13 3.83
C PHE A 299 22.65 -3.33 2.59
N ASP A 300 23.74 -2.55 2.64
CA ASP A 300 24.20 -1.83 1.46
C ASP A 300 24.70 -2.77 0.38
N TYR A 301 25.38 -3.86 0.78
CA TYR A 301 25.81 -4.88 -0.17
C TYR A 301 24.62 -5.57 -0.81
N LEU A 302 23.59 -5.88 -0.02
CA LEU A 302 22.40 -6.54 -0.54
C LEU A 302 21.64 -5.63 -1.50
N TRP A 303 21.56 -4.33 -1.19
CA TRP A 303 20.88 -3.41 -2.09
C TRP A 303 21.70 -3.13 -3.34
N ALA A 304 23.04 -3.14 -3.25
CA ALA A 304 23.84 -2.91 -4.44
C ALA A 304 23.88 -4.12 -5.36
N ASN A 305 23.78 -5.34 -4.83
CA ASN A 305 23.82 -6.51 -5.69
C ASN A 305 22.46 -7.14 -5.92
N LYS A 306 21.38 -6.49 -5.44
CA LYS A 306 19.99 -6.76 -5.83
C LYS A 306 19.53 -8.15 -5.43
N LYS A 307 20.10 -8.68 -4.34
CA LYS A 307 19.61 -9.90 -3.71
C LYS A 307 18.73 -9.60 -2.51
N THR A 308 17.96 -8.51 -2.59
CA THR A 308 17.18 -8.05 -1.45
C THR A 308 15.98 -8.93 -1.18
N VAL A 309 15.49 -9.62 -2.22
CA VAL A 309 14.32 -10.48 -2.11
C VAL A 309 14.74 -11.79 -1.46
N ASP A 310 13.76 -12.58 -1.05
CA ASP A 310 14.02 -13.92 -0.54
C ASP A 310 13.59 -14.92 -1.62
N GLU A 311 14.35 -16.03 -1.70
CA GLU A 311 14.19 -16.97 -2.80
C GLU A 311 12.86 -17.73 -2.72
N LYS A 312 12.54 -18.26 -1.54
CA LYS A 312 11.27 -18.96 -1.39
C LYS A 312 10.10 -17.98 -1.38
N GLU A 313 10.33 -16.73 -0.99
CA GLU A 313 9.27 -15.74 -1.00
C GLU A 313 8.92 -15.31 -2.43
N VAL A 314 9.89 -15.34 -3.34
CA VAL A 314 9.57 -15.02 -4.73
C VAL A 314 9.26 -16.23 -5.58
N LEU A 315 9.53 -17.45 -5.10
CA LEU A 315 9.13 -18.64 -5.82
C LEU A 315 8.07 -19.47 -5.09
N LYS A 316 7.37 -18.88 -4.11
CA LYS A 316 6.30 -19.61 -3.43
C LYS A 316 5.05 -19.79 -4.29
N SER A 317 4.91 -19.03 -5.37
CA SER A 317 3.71 -19.12 -6.19
C SER A 317 3.84 -20.10 -7.34
N LEU A 318 5.06 -20.39 -7.77
CA LEU A 318 5.28 -21.36 -8.84
C LEU A 318 5.04 -22.77 -8.33
N PRO A 319 4.67 -23.71 -9.20
CA PRO A 319 4.56 -25.10 -8.78
C PRO A 319 5.92 -25.73 -8.59
N ASP A 320 5.88 -26.96 -8.05
CA ASP A 320 7.10 -27.67 -7.70
C ASP A 320 7.91 -28.06 -8.91
N LYS A 321 7.25 -28.31 -10.06
CA LYS A 321 7.96 -28.67 -11.28
C LYS A 321 8.80 -27.52 -11.81
N LEU A 322 8.25 -26.30 -11.83
CA LEU A 322 9.04 -25.17 -12.31
C LEU A 322 10.05 -24.67 -11.29
N LYS A 323 9.74 -24.81 -9.99
CA LYS A 323 10.74 -24.53 -8.95
C LYS A 323 11.91 -25.50 -9.07
N ALA A 324 11.62 -26.77 -9.32
CA ALA A 324 12.66 -27.76 -9.52
C ALA A 324 13.41 -27.56 -10.81
N GLU A 325 12.75 -27.03 -11.85
CA GLU A 325 13.43 -26.75 -13.10
C GLU A 325 14.46 -25.63 -12.95
N ILE A 326 14.08 -24.55 -12.26
CA ILE A 326 15.04 -23.48 -11.94
C ILE A 326 16.14 -23.99 -11.00
N ALA A 327 15.77 -24.86 -10.06
CA ALA A 327 16.74 -25.31 -9.07
C ALA A 327 17.73 -26.32 -9.63
N ILE A 328 17.30 -27.24 -10.52
CA ILE A 328 18.27 -28.08 -11.21
C ILE A 328 19.00 -27.30 -12.29
N ASN A 329 18.45 -26.17 -12.73
CA ASN A 329 19.19 -25.37 -13.69
C ASN A 329 20.32 -24.60 -13.04
N VAL A 330 20.21 -24.28 -11.76
CA VAL A 330 21.24 -23.45 -11.13
C VAL A 330 22.04 -24.17 -10.03
N HIS A 331 21.60 -25.34 -9.55
CA HIS A 331 22.26 -26.01 -8.44
C HIS A 331 22.81 -27.38 -8.77
N LEU A 332 22.35 -28.03 -9.83
CA LEU A 332 22.81 -29.38 -10.14
C LEU A 332 24.25 -29.37 -10.66
N ASP A 333 24.71 -28.26 -11.24
CA ASP A 333 26.10 -28.14 -11.65
C ASP A 333 27.07 -28.16 -10.47
N THR A 334 26.70 -27.55 -9.34
CA THR A 334 27.52 -27.61 -8.15
C THR A 334 27.21 -28.81 -7.27
N LEU A 335 26.08 -29.47 -7.46
CA LEU A 335 25.73 -30.62 -6.66
C LEU A 335 26.02 -31.96 -7.34
N LYS A 336 26.43 -31.94 -8.61
CA LYS A 336 26.80 -33.20 -9.26
C LYS A 336 28.18 -33.67 -8.85
N LYS A 337 29.06 -32.74 -8.45
CA LYS A 337 30.41 -33.10 -8.04
C LYS A 337 30.53 -32.88 -6.54
N VAL A 338 30.11 -33.91 -5.80
CA VAL A 338 30.10 -33.93 -4.35
C VAL A 338 30.50 -35.35 -3.94
N ARG A 339 30.86 -35.53 -2.66
CA ARG A 339 31.35 -36.82 -2.20
C ARG A 339 30.21 -37.79 -1.93
N ILE A 340 29.03 -37.30 -1.55
CA ILE A 340 28.00 -38.12 -0.92
C ILE A 340 26.80 -38.37 -1.85
N PHE A 341 26.57 -37.51 -2.85
CA PHE A 341 25.41 -37.60 -3.73
C PHE A 341 25.86 -37.77 -5.18
N GLN A 342 26.74 -38.73 -5.45
CA GLN A 342 27.34 -38.81 -6.79
C GLN A 342 26.39 -39.45 -7.81
N ASP A 343 25.83 -40.63 -7.49
CA ASP A 343 24.92 -41.33 -8.40
C ASP A 343 23.77 -41.97 -7.64
N CYS A 344 23.30 -41.30 -6.58
CA CYS A 344 22.25 -41.84 -5.71
C CYS A 344 20.91 -41.99 -6.43
N GLU A 345 20.29 -40.87 -6.80
CA GLU A 345 19.02 -40.87 -7.53
C GLU A 345 18.79 -39.48 -8.10
N ALA A 346 18.31 -39.45 -9.35
CA ALA A 346 18.06 -38.18 -10.04
C ALA A 346 16.92 -37.41 -9.39
N GLY A 347 15.82 -38.10 -9.06
CA GLY A 347 14.72 -37.45 -8.36
C GLY A 347 15.07 -37.02 -6.95
N LEU A 348 15.99 -37.73 -6.31
CA LEU A 348 16.47 -37.28 -5.00
C LEU A 348 17.36 -36.05 -5.10
N LEU A 349 18.15 -35.93 -6.17
CA LEU A 349 18.85 -34.67 -6.40
C LEU A 349 17.88 -33.52 -6.73
N VAL A 350 16.78 -33.83 -7.41
CA VAL A 350 15.71 -32.85 -7.61
C VAL A 350 15.11 -32.38 -6.29
N GLU A 351 14.81 -33.33 -5.39
CA GLU A 351 14.27 -32.94 -4.07
C GLU A 351 15.31 -32.21 -3.22
N LEU A 352 16.59 -32.54 -3.38
CA LEU A 352 17.66 -31.84 -2.67
C LEU A 352 17.80 -30.39 -3.12
N VAL A 353 17.79 -30.15 -4.44
CA VAL A 353 17.88 -28.77 -4.89
C VAL A 353 16.57 -28.01 -4.70
N LEU A 354 15.45 -28.71 -4.49
CA LEU A 354 14.25 -28.01 -4.01
C LEU A 354 14.38 -27.61 -2.55
N LYS A 355 14.98 -28.47 -1.72
CA LYS A 355 15.05 -28.18 -0.29
C LYS A 355 16.31 -27.44 0.14
N LEU A 356 17.20 -27.09 -0.80
CA LEU A 356 18.32 -26.20 -0.48
C LEU A 356 17.82 -24.80 -0.15
N ARG A 357 18.63 -24.06 0.62
CA ARG A 357 18.18 -22.79 1.14
C ARG A 357 19.35 -21.82 1.29
N PRO A 358 19.24 -20.60 0.76
CA PRO A 358 20.38 -19.68 0.77
C PRO A 358 20.52 -18.85 2.04
N THR A 359 21.78 -18.62 2.41
CA THR A 359 22.19 -17.58 3.34
C THR A 359 23.43 -16.90 2.79
N VAL A 360 23.45 -15.57 2.84
CA VAL A 360 24.56 -14.76 2.36
C VAL A 360 25.37 -14.29 3.55
N PHE A 361 26.67 -14.52 3.53
CA PHE A 361 27.53 -14.21 4.65
C PHE A 361 28.42 -13.01 4.34
N SER A 362 28.90 -12.39 5.40
CA SER A 362 29.78 -11.23 5.40
C SER A 362 31.24 -11.69 5.41
N PRO A 363 32.17 -10.84 4.97
CA PRO A 363 33.58 -11.21 5.06
C PRO A 363 34.06 -11.23 6.50
N GLY A 364 34.84 -12.27 6.82
CA GLY A 364 35.33 -12.47 8.16
C GLY A 364 34.33 -13.09 9.10
N ASP A 365 33.11 -13.35 8.65
CA ASP A 365 32.06 -13.85 9.53
C ASP A 365 32.26 -15.34 9.69
N TYR A 366 32.37 -15.79 10.95
CA TYR A 366 32.54 -17.21 11.23
C TYR A 366 31.23 -17.93 10.97
N ILE A 367 31.28 -18.98 10.16
CA ILE A 367 30.09 -19.78 9.93
C ILE A 367 29.78 -20.61 11.17
N CYS A 368 30.80 -21.28 11.72
CA CYS A 368 30.66 -22.11 12.90
C CYS A 368 32.03 -22.28 13.57
N LYS A 369 32.09 -22.06 14.87
CA LYS A 369 33.34 -22.17 15.62
C LYS A 369 33.57 -23.62 16.04
N LYS A 370 34.57 -23.83 16.90
CA LYS A 370 34.74 -25.07 17.65
C LYS A 370 33.82 -25.02 18.86
N GLY A 371 32.87 -25.95 18.94
CA GLY A 371 32.03 -26.03 20.11
C GLY A 371 30.55 -26.01 19.78
N ASP A 372 30.19 -25.44 18.65
CA ASP A 372 28.79 -25.37 18.25
C ASP A 372 28.34 -26.71 17.70
N ILE A 373 27.16 -27.15 18.13
CA ILE A 373 26.57 -28.38 17.61
C ILE A 373 26.07 -28.15 16.19
N GLY A 374 26.31 -29.12 15.32
CA GLY A 374 25.97 -28.98 13.92
C GLY A 374 24.58 -29.48 13.60
N LYS A 375 23.88 -28.73 12.77
CA LYS A 375 22.60 -29.18 12.24
C LYS A 375 22.40 -28.82 10.77
N GLU A 376 23.35 -28.14 10.14
CA GLU A 376 23.19 -27.69 8.76
C GLU A 376 24.38 -28.13 7.93
N MET A 377 24.09 -28.60 6.72
CA MET A 377 25.10 -28.84 5.69
C MET A 377 25.07 -27.66 4.73
N TYR A 378 26.25 -27.16 4.37
CA TYR A 378 26.32 -26.02 3.48
C TYR A 378 26.97 -26.41 2.16
N ILE A 379 26.47 -25.84 1.07
CA ILE A 379 27.02 -26.01 -0.27
C ILE A 379 27.47 -24.64 -0.74
N ILE A 380 28.77 -24.50 -1.01
CA ILE A 380 29.34 -23.22 -1.36
C ILE A 380 29.02 -22.88 -2.81
N ASN A 381 28.53 -21.67 -3.05
CA ASN A 381 28.14 -21.22 -4.38
C ASN A 381 28.48 -19.75 -4.48
N GLU A 382 29.47 -19.42 -5.32
CA GLU A 382 30.03 -18.07 -5.49
C GLU A 382 30.52 -17.52 -4.16
N GLY A 383 31.55 -18.16 -3.63
CA GLY A 383 32.16 -17.72 -2.40
C GLY A 383 33.49 -18.42 -2.21
N LYS A 384 34.25 -17.91 -1.24
CA LYS A 384 35.55 -18.49 -0.93
C LYS A 384 35.70 -18.52 0.58
N LEU A 385 35.72 -19.71 1.16
CA LEU A 385 35.75 -19.88 2.60
C LEU A 385 37.16 -20.24 3.07
N ALA A 386 37.28 -20.54 4.36
CA ALA A 386 38.58 -20.77 4.97
C ALA A 386 38.40 -21.60 6.24
N VAL A 387 39.19 -22.66 6.36
CA VAL A 387 39.22 -23.46 7.59
C VAL A 387 40.26 -22.82 8.50
N VAL A 388 39.82 -21.87 9.29
CA VAL A 388 40.70 -21.11 10.16
C VAL A 388 40.95 -21.94 11.42
N ALA A 389 42.02 -21.60 12.14
CA ALA A 389 42.34 -22.26 13.40
C ALA A 389 41.59 -21.57 14.53
N ASP A 390 41.96 -21.89 15.78
CA ASP A 390 41.23 -21.34 16.92
C ASP A 390 41.78 -19.98 17.32
N ASP A 391 43.06 -19.92 17.68
CA ASP A 391 43.69 -18.67 18.10
C ASP A 391 44.22 -17.87 16.92
N GLY A 392 45.02 -18.50 16.07
CA GLY A 392 45.68 -17.81 14.98
C GLY A 392 44.91 -17.92 13.69
N VAL A 393 45.05 -16.89 12.85
CA VAL A 393 44.38 -16.83 11.56
C VAL A 393 45.35 -17.43 10.54
N THR A 394 45.27 -18.74 10.35
CA THR A 394 46.03 -19.42 9.31
C THR A 394 45.08 -20.20 8.42
N GLN A 395 45.19 -20.00 7.13
CA GLN A 395 44.32 -20.65 6.16
C GLN A 395 44.92 -22.00 5.78
N PHE A 396 44.27 -23.08 6.21
CA PHE A 396 44.76 -24.42 5.88
C PHE A 396 44.51 -24.73 4.40
N VAL A 397 43.25 -24.68 4.00
CA VAL A 397 42.88 -24.81 2.58
C VAL A 397 41.66 -23.92 2.33
N VAL A 398 41.74 -23.07 1.30
CA VAL A 398 40.60 -22.24 0.93
C VAL A 398 39.60 -23.11 0.17
N LEU A 399 38.37 -23.14 0.66
CA LEU A 399 37.30 -23.88 -0.02
C LEU A 399 36.64 -22.99 -1.03
N SER A 400 36.70 -23.36 -2.30
CA SER A 400 36.12 -22.55 -3.36
C SER A 400 34.68 -22.94 -3.56
N ASP A 401 34.04 -22.38 -4.59
CA ASP A 401 32.64 -22.68 -4.88
C ASP A 401 32.51 -24.06 -5.48
N GLY A 402 31.43 -24.75 -5.12
CA GLY A 402 31.25 -26.14 -5.45
C GLY A 402 31.68 -27.09 -4.36
N SER A 403 32.44 -26.63 -3.37
CA SER A 403 32.87 -27.46 -2.26
C SER A 403 31.75 -27.62 -1.25
N TYR A 404 32.01 -28.34 -0.17
CA TYR A 404 30.93 -28.84 0.66
C TYR A 404 31.43 -29.13 2.06
N PHE A 405 30.60 -28.80 3.06
CA PHE A 405 30.91 -29.08 4.46
C PHE A 405 29.61 -29.12 5.25
N GLY A 406 29.72 -29.65 6.47
CA GLY A 406 28.57 -29.92 7.32
C GLY A 406 28.13 -31.37 7.31
N GLU A 407 28.87 -32.24 6.61
CA GLU A 407 28.40 -33.57 6.25
C GLU A 407 28.35 -34.50 7.45
N ILE A 408 29.38 -34.47 8.30
CA ILE A 408 29.40 -35.41 9.43
C ILE A 408 28.39 -35.00 10.49
N SER A 409 28.17 -33.70 10.68
CA SER A 409 27.18 -33.24 11.64
C SER A 409 25.76 -33.25 11.10
N ILE A 410 25.56 -33.52 9.80
CA ILE A 410 24.20 -33.86 9.36
C ILE A 410 23.98 -35.35 9.18
N LEU A 411 25.03 -36.17 9.13
CA LEU A 411 24.79 -37.60 9.13
C LEU A 411 24.68 -38.21 10.53
N ASN A 412 25.51 -37.74 11.49
CA ASN A 412 25.47 -38.13 12.91
C ASN A 412 25.62 -39.63 13.12
N ILE A 413 26.75 -40.16 12.69
CA ILE A 413 26.95 -41.60 12.66
C ILE A 413 27.50 -42.07 14.01
N LYS A 414 27.10 -43.28 14.41
CA LYS A 414 27.61 -43.92 15.61
C LYS A 414 28.94 -44.59 15.28
N GLY A 415 29.82 -44.65 16.28
CA GLY A 415 31.15 -45.20 16.12
C GLY A 415 32.21 -44.19 15.78
N SER A 416 31.86 -42.90 15.76
CA SER A 416 32.79 -41.83 15.46
C SER A 416 33.51 -41.41 16.73
N LYS A 417 34.22 -40.27 16.69
CA LYS A 417 34.72 -39.66 17.91
C LYS A 417 33.57 -39.19 18.80
N SER A 418 32.50 -38.67 18.18
CA SER A 418 31.22 -38.29 18.78
C SER A 418 31.38 -37.33 19.96
N GLY A 419 32.02 -36.20 19.68
CA GLY A 419 32.22 -35.18 20.69
C GLY A 419 31.07 -34.23 20.86
N ASN A 420 30.02 -34.37 20.03
CA ASN A 420 28.83 -33.49 19.97
C ASN A 420 29.22 -32.04 19.70
N ARG A 421 30.31 -31.84 18.95
CA ARG A 421 30.75 -30.53 18.48
C ARG A 421 31.20 -30.68 17.03
N ARG A 422 31.22 -29.57 16.31
CA ARG A 422 31.81 -29.55 14.97
C ARG A 422 33.31 -29.50 15.18
N THR A 423 34.06 -30.28 14.41
CA THR A 423 35.50 -30.39 14.63
C THR A 423 36.41 -29.34 14.01
N ALA A 424 35.86 -28.37 13.27
CA ALA A 424 36.69 -27.39 12.60
C ALA A 424 35.94 -26.07 12.47
N ASN A 425 36.69 -24.97 12.47
CA ASN A 425 36.13 -23.65 12.26
C ASN A 425 36.03 -23.33 10.77
N ILE A 426 34.91 -22.70 10.39
CA ILE A 426 34.68 -22.24 9.03
C ILE A 426 34.47 -20.74 9.07
N ARG A 427 35.29 -20.00 8.33
CA ARG A 427 35.18 -18.55 8.30
C ARG A 427 35.22 -18.06 6.87
N SER A 428 34.38 -17.08 6.56
CA SER A 428 34.33 -16.51 5.22
C SER A 428 35.50 -15.56 5.00
N ILE A 429 36.04 -15.57 3.78
CA ILE A 429 37.01 -14.56 3.40
C ILE A 429 36.33 -13.37 2.75
N GLY A 430 35.41 -13.63 1.82
CA GLY A 430 34.63 -12.58 1.21
C GLY A 430 33.15 -12.81 1.38
N TYR A 431 32.32 -12.12 0.60
CA TYR A 431 30.87 -12.25 0.68
C TYR A 431 30.48 -13.57 0.03
N SER A 432 30.49 -14.65 0.80
CA SER A 432 30.09 -15.93 0.28
C SER A 432 28.58 -16.09 0.31
N ASP A 433 28.07 -16.92 -0.57
CA ASP A 433 26.64 -17.15 -0.72
C ASP A 433 26.44 -18.65 -0.52
N LEU A 434 26.38 -19.08 0.74
CA LEU A 434 26.28 -20.50 1.02
C LEU A 434 24.85 -20.95 0.83
N PHE A 435 24.68 -22.11 0.20
CA PHE A 435 23.36 -22.72 0.08
C PHE A 435 23.29 -23.84 1.10
N CYS A 436 22.45 -23.64 2.11
CA CYS A 436 22.39 -24.46 3.31
C CYS A 436 21.46 -25.65 3.11
N LEU A 437 21.61 -26.63 4.00
CA LEU A 437 20.80 -27.83 3.94
C LEU A 437 20.70 -28.39 5.35
N SER A 438 19.48 -28.53 5.87
CA SER A 438 19.30 -29.09 7.20
C SER A 438 19.23 -30.61 7.14
N LYS A 439 19.62 -31.24 8.24
CA LYS A 439 19.57 -32.71 8.34
C LYS A 439 18.14 -33.21 8.38
N ASP A 440 17.23 -32.44 8.98
CA ASP A 440 15.82 -32.83 9.01
C ASP A 440 15.19 -32.73 7.62
N ASP A 441 15.56 -31.69 6.86
CA ASP A 441 15.12 -31.60 5.47
C ASP A 441 15.74 -32.68 4.60
N LEU A 442 16.97 -33.11 4.93
CA LEU A 442 17.55 -34.29 4.29
C LEU A 442 16.75 -35.55 4.58
N MET A 443 16.30 -35.73 5.83
CA MET A 443 15.53 -36.94 6.16
C MET A 443 14.16 -36.94 5.51
N GLU A 444 13.51 -35.76 5.42
CA GLU A 444 12.24 -35.71 4.69
C GLU A 444 12.44 -35.83 3.17
N ALA A 445 13.63 -35.50 2.67
CA ALA A 445 13.93 -35.82 1.28
C ALA A 445 14.24 -37.30 1.09
N LEU A 446 14.74 -37.95 2.12
CA LEU A 446 15.26 -39.30 2.05
C LEU A 446 14.28 -40.38 2.54
N THR A 447 13.08 -39.99 2.97
CA THR A 447 12.09 -40.98 3.43
C THR A 447 11.67 -41.94 2.32
N GLU A 448 11.53 -41.45 1.09
CA GLU A 448 10.94 -42.26 0.03
C GLU A 448 11.94 -43.14 -0.70
N TYR A 449 13.20 -43.18 -0.24
CA TYR A 449 14.22 -44.01 -0.89
C TYR A 449 15.26 -44.39 0.16
N PRO A 450 15.05 -45.52 0.85
CA PRO A 450 15.90 -45.87 1.99
C PRO A 450 17.22 -46.55 1.63
N GLU A 451 17.43 -46.95 0.37
CA GLU A 451 18.70 -47.57 -0.01
C GLU A 451 19.78 -46.51 -0.12
N ALA A 452 19.44 -45.36 -0.69
CA ALA A 452 20.37 -44.23 -0.75
C ALA A 452 20.69 -43.69 0.64
N LYS A 453 19.76 -43.85 1.61
CA LYS A 453 20.02 -43.50 3.00
C LYS A 453 21.22 -44.26 3.56
N LYS A 454 21.19 -45.59 3.43
CA LYS A 454 22.29 -46.46 3.86
C LYS A 454 23.56 -46.16 3.08
N ALA A 455 23.41 -45.82 1.78
CA ALA A 455 24.55 -45.41 0.96
C ALA A 455 25.24 -44.17 1.51
N LEU A 456 24.47 -43.13 1.87
CA LEU A 456 25.06 -41.92 2.44
C LEU A 456 25.69 -42.16 3.81
N GLU A 457 25.07 -43.03 4.64
CA GLU A 457 25.67 -43.39 5.92
C GLU A 457 27.05 -44.05 5.74
N GLU A 458 27.16 -45.00 4.80
CA GLU A 458 28.48 -45.62 4.56
C GLU A 458 29.48 -44.66 3.93
N LYS A 459 29.03 -43.76 3.05
CA LYS A 459 29.93 -42.74 2.47
C LYS A 459 30.44 -41.76 3.54
N GLY A 460 29.54 -41.35 4.44
CA GLY A 460 29.95 -40.52 5.57
C GLY A 460 30.91 -41.23 6.50
N ARG A 461 30.71 -42.54 6.71
CA ARG A 461 31.63 -43.33 7.53
C ARG A 461 33.02 -43.38 6.90
N GLN A 462 33.08 -43.60 5.58
CA GLN A 462 34.35 -43.55 4.84
C GLN A 462 35.05 -42.19 4.95
N ILE A 463 34.32 -41.09 4.73
CA ILE A 463 34.96 -39.78 4.76
C ILE A 463 35.36 -39.37 6.19
N LEU A 464 34.62 -39.84 7.21
CA LEU A 464 35.01 -39.58 8.58
C LEU A 464 36.24 -40.38 8.98
N MET A 465 36.34 -41.62 8.51
CA MET A 465 37.54 -42.40 8.82
C MET A 465 38.74 -41.92 8.02
N LYS A 466 38.54 -41.37 6.82
CA LYS A 466 39.64 -40.86 6.01
C LYS A 466 39.71 -39.33 6.02
N ASP A 467 39.24 -38.69 7.10
CA ASP A 467 39.45 -37.26 7.35
C ASP A 467 40.90 -36.77 7.26
N ILE B 17 46.96 0.87 -5.88
CA ILE B 17 45.85 1.52 -5.18
C ILE B 17 44.55 1.30 -5.95
N VAL B 18 43.58 0.71 -5.28
CA VAL B 18 42.28 0.41 -5.86
C VAL B 18 41.22 1.14 -5.06
N VAL B 19 40.44 1.98 -5.71
CA VAL B 19 39.34 2.68 -5.08
C VAL B 19 38.21 1.69 -4.84
N ASP B 20 37.91 1.43 -3.58
CA ASP B 20 36.85 0.50 -3.24
C ASP B 20 35.49 1.17 -3.45
N PRO B 21 34.58 0.58 -4.23
CA PRO B 21 33.37 1.28 -4.63
C PRO B 21 32.33 1.46 -3.54
N SER B 22 32.52 0.90 -2.35
CA SER B 22 31.60 1.12 -1.24
C SER B 22 32.26 1.87 -0.10
N SER B 23 33.41 2.49 -0.34
CA SER B 23 34.14 3.17 0.71
C SER B 23 33.65 4.61 0.85
N ASN B 24 34.37 5.41 1.62
CA ASN B 24 34.04 6.82 1.78
C ASN B 24 34.82 7.71 0.84
N LEU B 25 36.02 7.28 0.43
CA LEU B 25 36.79 8.02 -0.56
C LEU B 25 36.10 8.02 -1.93
N TYR B 26 35.45 6.92 -2.27
CA TYR B 26 34.70 6.85 -3.51
C TYR B 26 33.46 7.73 -3.47
N TYR B 27 32.83 7.89 -2.31
CA TYR B 27 31.72 8.84 -2.25
C TYR B 27 32.20 10.28 -2.24
N ARG B 28 33.39 10.55 -1.69
CA ARG B 28 33.94 11.89 -1.84
C ARG B 28 34.29 12.19 -3.29
N TRP B 29 34.70 11.18 -4.05
CA TRP B 29 34.91 11.39 -5.48
C TRP B 29 33.58 11.49 -6.24
N LEU B 30 32.53 10.83 -5.77
CA LEU B 30 31.22 11.00 -6.40
C LEU B 30 30.68 12.41 -6.19
N THR B 31 30.96 13.03 -5.04
CA THR B 31 30.63 14.45 -4.88
C THR B 31 31.46 15.33 -5.79
N ALA B 32 32.77 15.08 -5.84
CA ALA B 32 33.64 15.93 -6.64
C ALA B 32 33.50 15.73 -8.15
N ILE B 33 32.85 14.67 -8.61
CA ILE B 33 32.53 14.53 -10.02
C ILE B 33 31.06 14.83 -10.30
N ALA B 34 30.20 14.82 -9.29
CA ALA B 34 28.85 15.29 -9.54
C ALA B 34 28.75 16.79 -9.48
N LEU B 35 29.80 17.49 -9.05
CA LEU B 35 29.78 18.94 -9.23
C LEU B 35 29.97 19.39 -10.69
N PRO B 36 31.01 18.96 -11.45
CA PRO B 36 31.11 19.49 -12.83
C PRO B 36 30.13 18.88 -13.81
N VAL B 37 29.49 17.75 -13.53
CA VAL B 37 28.43 17.25 -14.38
C VAL B 37 27.21 18.16 -14.30
N PHE B 38 26.87 18.59 -13.08
CA PHE B 38 25.76 19.50 -12.87
C PHE B 38 26.06 20.88 -13.45
N TYR B 39 27.32 21.33 -13.33
CA TYR B 39 27.76 22.55 -13.99
C TYR B 39 27.61 22.44 -15.50
N ASN B 40 28.00 21.32 -16.07
CA ASN B 40 28.02 21.20 -17.53
C ASN B 40 26.63 21.16 -18.10
N TRP B 41 25.68 20.51 -17.41
CA TRP B 41 24.28 20.53 -17.83
C TRP B 41 23.70 21.95 -17.82
N TYR B 42 23.71 22.57 -16.62
CA TYR B 42 23.14 23.89 -16.39
C TYR B 42 23.78 24.96 -17.28
N LEU B 43 25.06 25.21 -17.07
CA LEU B 43 25.68 26.31 -17.78
C LEU B 43 26.08 25.98 -19.21
N LEU B 44 26.05 24.72 -19.66
CA LEU B 44 26.33 24.53 -21.07
C LEU B 44 25.12 24.85 -21.92
N ILE B 45 23.91 24.49 -21.46
CA ILE B 45 22.77 24.92 -22.26
C ILE B 45 22.53 26.43 -22.14
N CYS B 46 22.88 27.05 -20.99
CA CYS B 46 22.67 28.49 -20.87
C CYS B 46 23.67 29.28 -21.70
N ARG B 47 24.94 28.88 -21.69
CA ARG B 47 25.94 29.55 -22.51
C ARG B 47 25.74 29.27 -23.99
N ALA B 48 25.11 28.15 -24.35
CA ALA B 48 24.86 27.90 -25.76
C ALA B 48 23.72 28.77 -26.27
N CYS B 49 22.67 28.97 -25.46
CA CYS B 49 21.50 29.66 -25.97
C CYS B 49 21.53 31.17 -25.77
N PHE B 50 22.34 31.70 -24.86
CA PHE B 50 22.15 33.10 -24.52
C PHE B 50 23.11 34.07 -25.19
N ASP B 51 24.34 33.64 -25.53
CA ASP B 51 25.30 34.32 -26.39
C ASP B 51 25.82 35.66 -25.85
N GLU B 52 25.43 36.04 -24.63
CA GLU B 52 26.07 37.12 -23.90
C GLU B 52 26.75 36.62 -22.65
N LEU B 53 26.23 35.55 -22.05
CA LEU B 53 26.96 34.86 -20.98
C LEU B 53 28.23 34.23 -21.52
N GLN B 54 28.16 33.66 -22.72
CA GLN B 54 29.32 33.00 -23.31
C GLN B 54 30.33 34.03 -23.78
N SER B 55 29.86 35.18 -24.24
CA SER B 55 30.75 36.17 -24.82
C SER B 55 31.27 37.20 -23.82
N GLU B 56 30.64 37.33 -22.66
CA GLU B 56 31.12 38.29 -21.67
C GLU B 56 32.13 37.66 -20.71
N TYR B 57 31.73 36.58 -20.05
CA TYR B 57 32.53 35.97 -18.98
C TYR B 57 33.44 34.87 -19.52
N LEU B 58 34.19 35.16 -20.58
CA LEU B 58 34.90 34.13 -21.32
C LEU B 58 36.10 33.58 -20.54
N MET B 59 36.70 34.40 -19.68
CA MET B 59 37.77 33.90 -18.80
C MET B 59 37.22 32.95 -17.75
N LEU B 60 36.04 33.25 -17.20
CA LEU B 60 35.44 32.38 -16.19
C LEU B 60 34.98 31.07 -16.81
N TRP B 61 34.44 31.11 -18.03
CA TRP B 61 34.05 29.84 -18.62
C TRP B 61 35.24 29.05 -19.14
N LEU B 62 36.36 29.70 -19.45
CA LEU B 62 37.56 28.93 -19.79
C LEU B 62 38.17 28.27 -18.55
N VAL B 63 38.14 28.97 -17.41
CA VAL B 63 38.64 28.39 -16.16
C VAL B 63 37.79 27.22 -15.70
N LEU B 64 36.46 27.38 -15.73
CA LEU B 64 35.59 26.29 -15.32
C LEU B 64 35.54 25.16 -16.34
N ASP B 65 35.81 25.46 -17.62
CA ASP B 65 35.93 24.40 -18.60
C ASP B 65 37.20 23.59 -18.40
N TYR B 66 38.31 24.25 -18.03
CA TYR B 66 39.55 23.54 -17.71
C TYR B 66 39.37 22.65 -16.48
N SER B 67 38.69 23.16 -15.45
CA SER B 67 38.47 22.35 -14.24
C SER B 67 37.50 21.20 -14.50
N ALA B 68 36.51 21.38 -15.37
CA ALA B 68 35.58 20.29 -15.67
C ALA B 68 36.24 19.22 -16.53
N ASP B 69 37.13 19.60 -17.45
CA ASP B 69 37.83 18.55 -18.20
C ASP B 69 38.89 17.84 -17.36
N VAL B 70 39.48 18.53 -16.38
CA VAL B 70 40.43 17.90 -15.47
C VAL B 70 39.72 16.87 -14.58
N LEU B 71 38.55 17.22 -14.04
CA LEU B 71 37.79 16.26 -13.27
C LEU B 71 37.23 15.14 -14.14
N TYR B 72 37.01 15.39 -15.42
CA TYR B 72 36.53 14.33 -16.30
C TYR B 72 37.62 13.31 -16.64
N VAL B 73 38.86 13.77 -16.89
CA VAL B 73 39.93 12.80 -17.13
C VAL B 73 40.32 12.09 -15.83
N LEU B 74 40.20 12.75 -14.68
CA LEU B 74 40.44 12.07 -13.41
C LEU B 74 39.36 11.06 -13.10
N ASP B 75 38.13 11.30 -13.55
CA ASP B 75 37.09 10.29 -13.43
C ASP B 75 37.33 9.12 -14.36
N VAL B 76 37.94 9.34 -15.52
CA VAL B 76 38.33 8.23 -16.38
C VAL B 76 39.38 7.35 -15.71
N LEU B 77 40.37 7.99 -15.05
CA LEU B 77 41.38 7.20 -14.33
C LEU B 77 40.80 6.50 -13.11
N VAL B 78 39.88 7.13 -12.38
CA VAL B 78 39.31 6.53 -11.17
C VAL B 78 38.37 5.38 -11.53
N ARG B 79 37.59 5.53 -12.60
CA ARG B 79 36.81 4.39 -13.07
C ARG B 79 37.68 3.31 -13.68
N ALA B 80 38.89 3.64 -14.15
CA ALA B 80 39.80 2.60 -14.58
C ALA B 80 40.37 1.82 -13.40
N ARG B 81 40.60 2.48 -12.26
CA ARG B 81 41.17 1.79 -11.11
C ARG B 81 40.15 1.61 -9.97
N THR B 82 38.87 1.50 -10.31
CA THR B 82 37.90 1.09 -9.30
C THR B 82 37.78 -0.42 -9.31
N GLY B 83 37.25 -0.96 -8.22
CA GLY B 83 37.21 -2.40 -8.09
C GLY B 83 35.82 -2.98 -8.27
N PHE B 84 35.73 -4.27 -8.50
CA PHE B 84 34.46 -4.96 -8.59
C PHE B 84 34.59 -6.28 -7.84
N LEU B 85 33.51 -7.03 -7.75
CA LEU B 85 33.46 -8.22 -6.90
C LEU B 85 33.23 -9.44 -7.77
N GLU B 86 34.23 -10.32 -7.83
CA GLU B 86 34.03 -11.69 -8.29
C GLU B 86 34.32 -12.61 -7.11
N GLN B 87 33.39 -13.55 -6.88
CA GLN B 87 33.41 -14.53 -5.77
C GLN B 87 33.51 -13.86 -4.41
N GLY B 88 32.93 -12.67 -4.26
CA GLY B 88 32.95 -11.96 -3.00
C GLY B 88 34.25 -11.25 -2.68
N LEU B 89 35.27 -11.35 -3.51
CA LEU B 89 36.58 -10.78 -3.21
C LEU B 89 36.83 -9.51 -4.01
N MET B 90 37.58 -8.61 -3.41
CA MET B 90 37.96 -7.36 -4.06
C MET B 90 39.04 -7.65 -5.09
N VAL B 91 38.78 -7.32 -6.34
CA VAL B 91 39.81 -7.46 -7.38
C VAL B 91 40.76 -6.28 -7.27
N SER B 92 42.06 -6.58 -7.30
CA SER B 92 43.08 -5.55 -7.26
C SER B 92 44.04 -5.64 -8.43
N ASP B 93 43.82 -6.56 -9.37
CA ASP B 93 44.65 -6.65 -10.56
C ASP B 93 44.21 -5.59 -11.56
N THR B 94 45.10 -4.63 -11.84
CA THR B 94 44.72 -3.44 -12.59
C THR B 94 44.43 -3.74 -14.05
N ASN B 95 45.04 -4.79 -14.61
CA ASN B 95 44.71 -5.17 -15.99
C ASN B 95 43.33 -5.79 -16.07
N ARG B 96 42.92 -6.54 -15.03
CA ARG B 96 41.57 -7.07 -14.96
C ARG B 96 40.55 -5.95 -14.74
N LEU B 97 40.91 -4.94 -13.94
CA LEU B 97 40.02 -3.81 -13.73
C LEU B 97 39.88 -2.97 -14.98
N TRP B 98 40.97 -2.79 -15.72
CA TRP B 98 40.93 -2.05 -16.98
C TRP B 98 40.17 -2.81 -18.06
N GLN B 99 40.24 -4.15 -18.07
CA GLN B 99 39.48 -4.93 -19.04
C GLN B 99 37.99 -4.93 -18.70
N HIS B 100 37.65 -5.03 -17.41
CA HIS B 100 36.26 -4.95 -16.99
C HIS B 100 35.69 -3.56 -17.23
N TYR B 101 36.52 -2.52 -17.16
CA TYR B 101 36.06 -1.18 -17.49
C TYR B 101 35.87 -1.00 -18.99
N LYS B 102 36.80 -1.51 -19.79
CA LYS B 102 36.72 -1.33 -21.24
C LYS B 102 35.59 -2.15 -21.85
N THR B 103 35.21 -3.27 -21.23
CA THR B 103 34.09 -4.05 -21.73
C THR B 103 32.75 -3.34 -21.51
N THR B 104 32.65 -2.48 -20.51
CA THR B 104 31.40 -1.79 -20.20
C THR B 104 31.13 -0.67 -21.21
N THR B 105 29.91 -0.13 -21.13
CA THR B 105 29.54 1.00 -21.97
C THR B 105 29.88 2.34 -21.35
N GLN B 106 30.22 2.38 -20.07
CA GLN B 106 30.54 3.66 -19.44
C GLN B 106 31.92 4.14 -19.84
N PHE B 107 32.82 3.24 -20.26
CA PHE B 107 34.07 3.70 -20.84
C PHE B 107 33.84 4.32 -22.22
N LYS B 108 32.87 3.77 -22.98
CA LYS B 108 32.50 4.38 -24.25
C LYS B 108 31.86 5.74 -24.04
N LEU B 109 31.07 5.87 -22.97
CA LEU B 109 30.48 7.17 -22.64
C LEU B 109 31.52 8.16 -22.13
N ASP B 110 32.55 7.69 -21.41
CA ASP B 110 33.57 8.61 -20.91
C ASP B 110 34.54 9.03 -22.02
N VAL B 111 34.87 8.12 -22.94
CA VAL B 111 35.71 8.53 -24.05
C VAL B 111 34.92 9.32 -25.09
N LEU B 112 33.58 9.20 -25.11
CA LEU B 112 32.79 10.12 -25.91
C LEU B 112 32.64 11.46 -25.23
N SER B 113 32.59 11.47 -23.91
CA SER B 113 32.51 12.69 -23.14
C SER B 113 33.84 13.40 -22.99
N LEU B 114 34.93 12.83 -23.51
CA LEU B 114 36.19 13.52 -23.55
C LEU B 114 36.78 13.50 -24.96
N VAL B 115 35.98 13.86 -25.96
CA VAL B 115 36.47 14.21 -27.28
C VAL B 115 36.67 15.72 -27.31
N PRO B 116 37.90 16.23 -27.37
CA PRO B 116 38.10 17.68 -27.50
C PRO B 116 37.75 18.15 -28.90
N THR B 117 36.47 18.42 -29.14
CA THR B 117 35.95 18.85 -30.42
C THR B 117 36.02 20.37 -30.61
N ASP B 118 36.86 21.05 -29.84
CA ASP B 118 36.89 22.51 -29.83
C ASP B 118 37.89 23.07 -30.83
N TYR B 128 31.25 29.59 -28.90
CA TYR B 128 30.50 28.43 -29.33
C TYR B 128 30.72 27.22 -28.44
N PRO B 129 29.94 27.10 -27.35
CA PRO B 129 30.00 25.89 -26.52
C PRO B 129 29.07 24.80 -27.01
N GLU B 130 28.56 24.93 -28.23
CA GLU B 130 27.78 23.86 -28.83
C GLU B 130 28.64 22.67 -29.24
N VAL B 131 29.95 22.88 -29.42
CA VAL B 131 30.85 21.75 -29.64
C VAL B 131 31.22 21.05 -28.35
N ARG B 132 30.95 21.68 -27.20
CA ARG B 132 31.21 21.08 -25.90
C ARG B 132 29.99 20.39 -25.33
N PHE B 133 29.01 20.07 -26.16
CA PHE B 133 27.80 19.44 -25.66
C PHE B 133 27.94 17.94 -25.47
N ASN B 134 29.10 17.36 -25.74
CA ASN B 134 29.31 15.96 -25.37
C ASN B 134 29.74 15.82 -23.91
N ARG B 135 30.00 16.93 -23.22
CA ARG B 135 30.36 16.89 -21.81
C ARG B 135 29.19 16.55 -20.91
N LEU B 136 27.96 16.54 -21.43
CA LEU B 136 26.80 16.13 -20.66
C LEU B 136 26.66 14.62 -20.57
N LEU B 137 27.51 13.86 -21.27
CA LEU B 137 27.39 12.42 -21.36
C LEU B 137 27.86 11.69 -20.12
N LYS B 138 28.45 12.37 -19.15
CA LYS B 138 28.76 11.74 -17.87
C LYS B 138 27.63 11.96 -16.87
N PHE B 139 26.39 11.71 -17.29
CA PHE B 139 25.22 11.87 -16.44
C PHE B 139 25.10 10.74 -15.43
N SER B 140 25.77 9.61 -15.67
CA SER B 140 25.67 8.48 -14.78
C SER B 140 26.36 8.73 -13.46
N ARG B 141 27.37 9.60 -13.43
CA ARG B 141 28.01 9.93 -12.16
C ARG B 141 27.11 10.80 -11.30
N LEU B 142 26.33 11.67 -11.92
CA LEU B 142 25.34 12.46 -11.17
C LEU B 142 24.21 11.58 -10.66
N PHE B 143 23.75 10.63 -11.48
CA PHE B 143 22.72 9.70 -11.01
C PHE B 143 23.24 8.76 -9.93
N GLU B 144 24.52 8.38 -10.02
CA GLU B 144 25.15 7.55 -9.02
C GLU B 144 25.32 8.29 -7.70
N PHE B 145 25.66 9.58 -7.77
CA PHE B 145 25.78 10.39 -6.56
C PHE B 145 24.43 10.58 -5.89
N PHE B 146 23.37 10.77 -6.68
CA PHE B 146 22.03 10.91 -6.10
C PHE B 146 21.57 9.62 -5.46
N ASP B 147 21.86 8.47 -6.09
CA ASP B 147 21.47 7.19 -5.49
C ASP B 147 22.29 6.86 -4.24
N ARG B 148 23.59 7.19 -4.25
CA ARG B 148 24.42 6.93 -3.08
C ARG B 148 24.07 7.85 -1.93
N THR B 149 23.69 9.09 -2.20
CA THR B 149 23.23 9.96 -1.11
C THR B 149 21.87 9.50 -0.60
N GLU B 150 21.01 8.98 -1.47
CA GLU B 150 19.70 8.51 -1.03
C GLU B 150 19.80 7.25 -0.17
N THR B 151 20.80 6.41 -0.40
CA THR B 151 21.00 5.27 0.49
C THR B 151 22.06 5.50 1.56
N ARG B 152 22.67 6.68 1.63
CA ARG B 152 23.61 6.97 2.71
C ARG B 152 23.13 8.00 3.73
N THR B 153 22.21 8.89 3.37
CA THR B 153 21.92 9.96 4.30
C THR B 153 20.92 9.49 5.35
N ASN B 154 20.72 10.33 6.36
CA ASN B 154 19.76 10.05 7.41
C ASN B 154 18.45 10.84 7.25
N TYR B 155 18.37 11.74 6.27
CA TYR B 155 17.13 12.41 5.90
C TYR B 155 16.81 12.07 4.44
N PRO B 156 16.30 10.87 4.16
CA PRO B 156 16.12 10.47 2.77
C PRO B 156 14.96 11.15 2.08
N ASN B 157 13.88 11.48 2.80
CA ASN B 157 12.78 12.21 2.17
C ASN B 157 13.13 13.68 1.93
N MET B 158 13.96 14.28 2.80
CA MET B 158 14.44 15.63 2.54
C MET B 158 15.41 15.67 1.36
N PHE B 159 16.26 14.64 1.24
CA PHE B 159 17.10 14.57 0.05
C PHE B 159 16.29 14.28 -1.20
N ARG B 160 15.22 13.50 -1.11
CA ARG B 160 14.43 13.25 -2.30
C ARG B 160 13.61 14.47 -2.71
N ILE B 161 13.21 15.32 -1.75
CA ILE B 161 12.61 16.60 -2.11
C ILE B 161 13.63 17.51 -2.77
N GLY B 162 14.86 17.56 -2.25
CA GLY B 162 15.91 18.34 -2.89
C GLY B 162 16.29 17.83 -4.27
N ASN B 163 16.24 16.52 -4.46
CA ASN B 163 16.53 15.90 -5.74
C ASN B 163 15.43 16.20 -6.76
N LEU B 164 14.17 16.19 -6.32
CA LEU B 164 13.06 16.52 -7.23
C LEU B 164 13.05 18.01 -7.57
N VAL B 165 13.41 18.86 -6.61
CA VAL B 165 13.48 20.31 -6.86
C VAL B 165 14.61 20.63 -7.82
N LEU B 166 15.74 19.92 -7.69
CA LEU B 166 16.85 20.06 -8.63
C LEU B 166 16.47 19.59 -10.03
N TYR B 167 15.69 18.50 -10.13
CA TYR B 167 15.26 18.02 -11.44
C TYR B 167 14.30 18.97 -12.12
N ILE B 168 13.33 19.51 -11.39
CA ILE B 168 12.42 20.45 -12.02
C ILE B 168 13.05 21.81 -12.26
N LEU B 169 14.07 22.21 -11.51
CA LEU B 169 14.77 23.43 -11.84
C LEU B 169 15.63 23.27 -13.09
N ILE B 170 16.19 22.07 -13.31
CA ILE B 170 16.90 21.81 -14.57
C ILE B 170 15.95 21.84 -15.75
N ILE B 171 14.72 21.32 -15.59
CA ILE B 171 13.79 21.35 -16.73
C ILE B 171 13.27 22.76 -16.99
N ILE B 172 13.03 23.56 -15.93
CA ILE B 172 12.63 24.96 -16.08
C ILE B 172 13.73 25.77 -16.75
N HIS B 173 14.99 25.47 -16.41
CA HIS B 173 16.13 26.16 -17.01
C HIS B 173 16.33 25.78 -18.47
N TRP B 174 16.21 24.49 -18.81
CA TRP B 174 16.38 24.08 -20.19
C TRP B 174 15.24 24.56 -21.06
N ASN B 175 14.04 24.69 -20.49
CA ASN B 175 12.93 25.27 -21.24
C ASN B 175 13.06 26.77 -21.43
N ALA B 176 13.66 27.48 -20.46
CA ALA B 176 13.96 28.89 -20.65
C ALA B 176 14.98 29.10 -21.75
N CYS B 177 16.02 28.26 -21.78
CA CYS B 177 17.01 28.37 -22.85
C CYS B 177 16.45 27.97 -24.21
N ILE B 178 15.54 27.00 -24.25
CA ILE B 178 14.90 26.61 -25.51
C ILE B 178 13.95 27.71 -26.00
N TYR B 179 13.27 28.40 -25.08
CA TYR B 179 12.42 29.53 -25.46
C TYR B 179 13.24 30.70 -25.98
N PHE B 180 14.38 31.00 -25.35
CA PHE B 180 15.21 32.08 -25.87
C PHE B 180 15.89 31.71 -27.18
N ALA B 181 16.18 30.43 -27.39
CA ALA B 181 16.75 30.03 -28.68
C ALA B 181 15.71 30.11 -29.79
N ILE B 182 14.47 29.70 -29.51
CA ILE B 182 13.39 29.79 -30.51
C ILE B 182 13.05 31.25 -30.78
N SER B 183 13.11 32.10 -29.74
CA SER B 183 12.90 33.52 -29.92
C SER B 183 14.01 34.18 -30.71
N LYS B 184 15.26 33.76 -30.53
CA LYS B 184 16.36 34.31 -31.31
C LYS B 184 16.32 33.82 -32.75
N PHE B 185 15.86 32.59 -32.96
CA PHE B 185 15.74 32.06 -34.31
C PHE B 185 14.60 32.71 -35.07
N ILE B 186 13.51 33.06 -34.38
CA ILE B 186 12.38 33.69 -35.05
C ILE B 186 12.64 35.18 -35.27
N GLY B 187 13.05 35.90 -34.23
CA GLY B 187 13.31 37.31 -34.34
C GLY B 187 12.95 37.99 -33.05
N PHE B 188 13.79 38.87 -32.55
CA PHE B 188 13.55 39.50 -31.27
C PHE B 188 12.54 40.62 -31.45
N GLY B 189 11.34 40.41 -30.93
CA GLY B 189 10.35 41.47 -30.96
C GLY B 189 9.67 41.66 -32.29
N THR B 190 9.67 40.65 -33.16
CA THR B 190 8.84 40.74 -34.35
C THR B 190 7.41 40.33 -34.07
N ASP B 191 7.20 39.41 -33.13
CA ASP B 191 5.88 39.01 -32.69
C ASP B 191 5.66 39.47 -31.26
N SER B 192 4.47 39.19 -30.76
CA SER B 192 4.18 39.40 -29.35
C SER B 192 4.58 38.21 -28.50
N TRP B 193 4.69 37.02 -29.09
CA TRP B 193 5.00 35.84 -28.30
C TRP B 193 6.46 35.80 -27.89
N VAL B 194 7.37 36.14 -28.81
CA VAL B 194 8.81 36.01 -28.65
C VAL B 194 9.35 36.96 -27.59
N TYR B 195 10.61 36.78 -27.23
CA TYR B 195 11.27 37.73 -26.36
C TYR B 195 11.33 39.09 -27.05
N PRO B 196 11.14 40.20 -26.32
CA PRO B 196 11.07 41.51 -26.97
C PRO B 196 12.36 41.99 -27.61
N ASN B 197 12.28 43.18 -28.21
CA ASN B 197 13.38 43.70 -29.02
C ASN B 197 14.55 44.07 -28.13
N ILE B 198 15.68 43.35 -28.29
CA ILE B 198 16.80 43.47 -27.37
C ILE B 198 17.64 44.70 -27.57
N SER B 199 17.35 45.52 -28.58
CA SER B 199 18.05 46.79 -28.71
C SER B 199 17.54 47.82 -27.72
N ILE B 200 16.31 47.67 -27.21
CA ILE B 200 15.84 48.49 -26.09
C ILE B 200 16.62 48.10 -24.84
N PRO B 201 17.17 49.06 -24.09
CA PRO B 201 18.03 48.70 -22.94
C PRO B 201 17.29 48.12 -21.75
N GLU B 202 15.96 48.17 -21.71
CA GLU B 202 15.25 47.48 -20.64
C GLU B 202 15.21 45.98 -20.90
N HIS B 203 14.95 45.57 -22.13
CA HIS B 203 14.92 44.16 -22.48
C HIS B 203 16.26 43.65 -22.98
N GLY B 204 17.30 44.49 -22.97
CA GLY B 204 18.57 44.06 -23.53
C GLY B 204 19.58 43.51 -22.57
N ARG B 205 19.38 43.69 -21.26
CA ARG B 205 20.35 43.24 -20.28
C ARG B 205 20.26 41.73 -20.10
N LEU B 206 21.37 41.14 -19.66
CA LEU B 206 21.43 39.69 -19.56
C LEU B 206 20.64 39.18 -18.37
N SER B 207 20.57 39.95 -17.30
CA SER B 207 19.74 39.57 -16.17
C SER B 207 18.28 39.59 -16.55
N ARG B 208 17.86 40.58 -17.35
CA ARG B 208 16.48 40.64 -17.81
C ARG B 208 16.17 39.50 -18.79
N LYS B 209 17.11 39.17 -19.68
CA LYS B 209 16.94 38.06 -20.62
C LYS B 209 16.75 36.74 -19.90
N TYR B 210 17.60 36.45 -18.91
CA TYR B 210 17.49 35.17 -18.22
C TYR B 210 16.29 35.11 -17.29
N ILE B 211 15.99 36.19 -16.56
CA ILE B 211 14.89 36.06 -15.63
C ILE B 211 13.54 36.16 -16.35
N TYR B 212 13.44 36.85 -17.49
CA TYR B 212 12.18 36.78 -18.22
C TYR B 212 12.00 35.44 -18.94
N SER B 213 13.07 34.82 -19.44
CA SER B 213 12.91 33.48 -20.00
C SER B 213 12.62 32.45 -18.93
N LEU B 214 13.15 32.63 -17.71
CA LEU B 214 12.82 31.72 -16.62
C LEU B 214 11.40 31.91 -16.14
N TYR B 215 10.91 33.15 -16.10
CA TYR B 215 9.53 33.43 -15.75
C TYR B 215 8.56 32.88 -16.78
N TRP B 216 8.90 32.99 -18.07
CA TRP B 216 8.08 32.40 -19.13
C TRP B 216 8.04 30.88 -19.03
N SER B 217 9.19 30.24 -18.82
CA SER B 217 9.21 28.79 -18.77
C SER B 217 8.53 28.25 -17.53
N THR B 218 8.57 29.00 -16.41
CA THR B 218 7.83 28.60 -15.22
C THR B 218 6.33 28.70 -15.42
N LEU B 219 5.86 29.81 -16.01
CA LEU B 219 4.44 29.99 -16.32
C LEU B 219 3.94 28.97 -17.33
N THR B 220 4.78 28.54 -18.25
CA THR B 220 4.32 27.51 -19.18
C THR B 220 4.36 26.13 -18.56
N LEU B 221 5.51 25.71 -18.02
CA LEU B 221 5.67 24.34 -17.57
C LEU B 221 4.99 24.04 -16.24
N THR B 222 4.47 25.02 -15.51
CA THR B 222 3.60 24.68 -14.41
C THR B 222 2.12 24.79 -14.79
N THR B 223 1.84 25.03 -16.08
CA THR B 223 0.50 25.24 -16.67
C THR B 223 -0.26 26.33 -15.94
N ILE B 224 0.25 27.55 -16.03
CA ILE B 224 -0.40 28.73 -15.49
C ILE B 224 -0.87 29.65 -16.60
N GLY B 225 0.04 30.08 -17.47
CA GLY B 225 -0.36 30.88 -18.60
C GLY B 225 -0.71 32.32 -18.30
N GLU B 226 0.26 33.16 -17.97
CA GLU B 226 0.12 34.60 -18.14
C GLU B 226 0.90 35.08 -19.35
N THR B 227 1.40 34.16 -20.16
CA THR B 227 2.28 34.45 -21.26
C THR B 227 1.48 35.07 -22.40
N PRO B 228 2.14 35.83 -23.29
CA PRO B 228 1.45 36.28 -24.49
C PRO B 228 1.15 35.12 -25.42
N PRO B 229 0.02 35.15 -26.11
CA PRO B 229 -0.38 34.00 -26.91
C PRO B 229 0.40 33.96 -28.21
N PRO B 230 0.61 32.77 -28.77
CA PRO B 230 1.49 32.65 -29.93
C PRO B 230 0.87 33.22 -31.19
N VAL B 231 1.69 33.41 -32.21
CA VAL B 231 1.22 34.00 -33.46
C VAL B 231 1.40 33.04 -34.62
N LYS B 232 2.63 32.55 -34.83
CA LYS B 232 2.89 31.70 -35.98
C LYS B 232 2.62 30.24 -35.65
N ASP B 233 2.73 29.38 -36.66
CA ASP B 233 2.42 27.97 -36.45
C ASP B 233 3.49 27.28 -35.62
N GLU B 234 4.75 27.70 -35.75
CA GLU B 234 5.81 27.11 -34.95
C GLU B 234 5.70 27.54 -33.50
N GLU B 235 5.22 28.75 -33.24
CA GLU B 235 5.02 29.19 -31.87
C GLU B 235 3.82 28.50 -31.24
N TYR B 236 2.75 28.29 -32.02
CA TYR B 236 1.59 27.52 -31.55
C TYR B 236 1.98 26.08 -31.24
N LEU B 237 2.79 25.48 -32.10
CA LEU B 237 3.20 24.08 -31.91
C LEU B 237 4.17 23.93 -30.75
N PHE B 238 5.06 24.90 -30.55
CA PHE B 238 5.97 24.82 -29.42
C PHE B 238 5.25 25.02 -28.11
N VAL B 239 4.24 25.90 -28.08
CA VAL B 239 3.50 26.11 -26.84
C VAL B 239 2.58 24.92 -26.55
N VAL B 240 2.09 24.22 -27.58
CA VAL B 240 1.34 22.97 -27.39
C VAL B 240 2.23 21.88 -26.78
N VAL B 241 3.43 21.68 -27.36
CA VAL B 241 4.35 20.66 -26.86
C VAL B 241 4.84 21.01 -25.46
N ASP B 242 4.99 22.31 -25.19
CA ASP B 242 5.46 22.76 -23.89
C ASP B 242 4.39 22.60 -22.82
N PHE B 243 3.12 22.80 -23.17
CA PHE B 243 2.06 22.62 -22.20
C PHE B 243 1.81 21.15 -21.92
N LEU B 244 1.96 20.27 -22.91
CA LEU B 244 1.83 18.83 -22.63
C LEU B 244 3.01 18.31 -21.80
N VAL B 245 4.22 18.83 -22.05
CA VAL B 245 5.38 18.49 -21.23
C VAL B 245 5.23 19.04 -19.82
N GLY B 246 4.62 20.22 -19.67
CA GLY B 246 4.38 20.76 -18.34
C GLY B 246 3.30 20.03 -17.58
N VAL B 247 2.33 19.46 -18.29
CA VAL B 247 1.32 18.61 -17.66
C VAL B 247 1.96 17.34 -17.13
N LEU B 248 2.85 16.72 -17.92
CA LEU B 248 3.55 15.51 -17.44
C LEU B 248 4.55 15.82 -16.34
N ILE B 249 5.15 17.02 -16.34
CA ILE B 249 6.04 17.43 -15.26
C ILE B 249 5.27 17.64 -13.97
N PHE B 250 4.11 18.28 -14.07
CA PHE B 250 3.25 18.51 -12.91
C PHE B 250 2.78 17.17 -12.35
N ALA B 251 2.38 16.27 -13.24
CA ALA B 251 1.93 14.95 -12.81
C ALA B 251 3.03 14.15 -12.14
N THR B 252 4.28 14.29 -12.60
CA THR B 252 5.40 13.60 -11.97
C THR B 252 5.77 14.23 -10.62
N ILE B 253 5.66 15.56 -10.51
CA ILE B 253 5.88 16.26 -9.23
C ILE B 253 4.86 15.83 -8.19
N VAL B 254 3.58 15.79 -8.60
CA VAL B 254 2.51 15.39 -7.70
C VAL B 254 2.62 13.92 -7.33
N GLY B 255 3.01 13.06 -8.28
CA GLY B 255 3.18 11.65 -7.97
C GLY B 255 4.36 11.34 -7.07
N ASN B 256 5.46 12.08 -7.25
CA ASN B 256 6.62 11.93 -6.37
C ASN B 256 6.33 12.43 -4.96
N VAL B 257 5.69 13.60 -4.83
CA VAL B 257 5.40 14.11 -3.50
C VAL B 257 4.26 13.31 -2.84
N GLY B 258 3.38 12.71 -3.63
CA GLY B 258 2.35 11.86 -3.05
C GLY B 258 2.88 10.53 -2.55
N SER B 259 3.79 9.90 -3.31
CA SER B 259 4.44 8.69 -2.82
C SER B 259 5.35 9.00 -1.64
N MET B 260 5.97 10.18 -1.61
CA MET B 260 6.79 10.55 -0.47
C MET B 260 5.97 10.83 0.78
N ILE B 261 4.79 11.42 0.65
CA ILE B 261 3.94 11.66 1.81
C ILE B 261 3.31 10.35 2.29
N SER B 262 3.00 9.45 1.36
CA SER B 262 2.52 8.13 1.76
C SER B 262 3.61 7.27 2.39
N ASN B 263 4.87 7.51 2.07
CA ASN B 263 5.96 6.78 2.72
C ASN B 263 6.50 7.47 3.95
N MET B 264 6.26 8.77 4.12
CA MET B 264 6.79 9.47 5.28
C MET B 264 6.04 9.12 6.55
N ASN B 265 4.79 8.67 6.43
CA ASN B 265 4.00 8.27 7.59
C ASN B 265 3.35 6.93 7.36
N ALA B 266 4.04 6.02 6.65
CA ALA B 266 3.50 4.68 6.46
C ALA B 266 3.51 3.87 7.75
N SER B 267 4.57 4.02 8.55
CA SER B 267 4.63 3.36 9.85
C SER B 267 3.60 3.92 10.83
N ARG B 268 3.40 5.25 10.78
CA ARG B 268 2.40 5.91 11.62
C ARG B 268 0.99 5.50 11.21
N ALA B 269 0.73 5.37 9.92
CA ALA B 269 -0.59 4.95 9.46
C ALA B 269 -0.85 3.48 9.75
N GLU B 270 0.19 2.64 9.71
CA GLU B 270 0.03 1.22 10.09
C GLU B 270 -0.24 1.07 11.59
N PHE B 271 0.45 1.86 12.41
CA PHE B 271 0.20 1.83 13.86
C PHE B 271 -1.18 2.38 14.20
N GLN B 272 -1.64 3.40 13.47
CA GLN B 272 -2.98 3.92 13.71
C GLN B 272 -4.05 2.95 13.21
N ALA B 273 -3.75 2.17 12.17
CA ALA B 273 -4.68 1.11 11.76
C ALA B 273 -4.76 0.00 12.78
N LYS B 274 -3.64 -0.34 13.43
CA LYS B 274 -3.64 -1.30 14.53
C LYS B 274 -4.43 -0.79 15.73
N ILE B 275 -4.23 0.49 16.10
CA ILE B 275 -4.97 1.12 17.20
C ILE B 275 -6.47 1.15 16.91
N ASP B 276 -6.85 1.48 15.67
CA ASP B 276 -8.25 1.57 15.32
C ASP B 276 -8.90 0.21 15.22
N SER B 277 -8.17 -0.83 14.80
CA SER B 277 -8.74 -2.16 14.79
C SER B 277 -8.93 -2.69 16.21
N ILE B 278 -8.00 -2.35 17.11
CA ILE B 278 -8.14 -2.73 18.53
C ILE B 278 -9.34 -2.03 19.17
N LYS B 279 -9.53 -0.75 18.86
CA LYS B 279 -10.67 -0.03 19.42
C LYS B 279 -11.99 -0.46 18.80
N GLN B 280 -11.97 -0.90 17.54
CA GLN B 280 -13.16 -1.48 16.94
C GLN B 280 -13.51 -2.82 17.55
N TYR B 281 -12.50 -3.63 17.89
CA TYR B 281 -12.73 -4.89 18.60
C TYR B 281 -13.29 -4.65 19.99
N MET B 282 -12.78 -3.64 20.68
CA MET B 282 -13.26 -3.36 22.02
C MET B 282 -14.62 -2.68 22.02
N GLN B 283 -15.03 -2.07 20.91
CA GLN B 283 -16.42 -1.64 20.76
C GLN B 283 -17.34 -2.80 20.45
N PHE B 284 -16.89 -3.74 19.60
CA PHE B 284 -17.74 -4.84 19.16
C PHE B 284 -17.94 -5.89 20.24
N ARG B 285 -16.89 -6.28 20.96
CA ARG B 285 -17.02 -7.32 21.97
C ARG B 285 -17.41 -6.77 23.33
N LYS B 286 -17.72 -5.47 23.41
CA LYS B 286 -18.23 -4.78 24.61
C LYS B 286 -17.27 -4.88 25.80
N VAL B 287 -16.02 -4.52 25.55
CA VAL B 287 -14.98 -4.52 26.59
C VAL B 287 -15.24 -3.33 27.51
N THR B 288 -15.17 -3.58 28.82
CA THR B 288 -15.47 -2.60 29.85
C THR B 288 -14.47 -1.45 29.84
N LYS B 289 -14.84 -0.38 30.55
CA LYS B 289 -14.17 0.90 30.38
C LYS B 289 -12.79 0.93 31.03
N ASP B 290 -12.60 0.17 32.12
CA ASP B 290 -11.29 0.11 32.77
C ASP B 290 -10.28 -0.57 31.86
N LEU B 291 -10.67 -1.68 31.23
CA LEU B 291 -9.74 -2.34 30.32
C LEU B 291 -9.57 -1.58 29.02
N GLU B 292 -10.61 -0.84 28.59
CA GLU B 292 -10.47 0.00 27.40
C GLU B 292 -9.49 1.15 27.65
N THR B 293 -9.58 1.80 28.81
CA THR B 293 -8.61 2.85 29.08
C THR B 293 -7.24 2.29 29.44
N ARG B 294 -7.13 1.03 29.89
CA ARG B 294 -5.81 0.45 30.09
C ARG B 294 -5.12 0.14 28.77
N VAL B 295 -5.86 -0.38 27.79
CA VAL B 295 -5.30 -0.60 26.46
C VAL B 295 -5.00 0.72 25.76
N ILE B 296 -5.82 1.75 26.02
CA ILE B 296 -5.57 3.07 25.45
C ILE B 296 -4.33 3.71 26.07
N ARG B 297 -4.11 3.52 27.38
CA ARG B 297 -2.89 3.99 28.04
C ARG B 297 -1.66 3.23 27.54
N TRP B 298 -1.82 1.94 27.24
CA TRP B 298 -0.72 1.16 26.69
C TRP B 298 -0.34 1.62 25.30
N PHE B 299 -1.33 1.93 24.47
CA PHE B 299 -1.02 2.39 23.11
C PHE B 299 -0.48 3.82 23.12
N ASP B 300 -0.92 4.64 24.08
CA ASP B 300 -0.32 5.96 24.26
C ASP B 300 1.13 5.87 24.70
N TYR B 301 1.46 4.91 25.58
CA TYR B 301 2.85 4.70 25.98
C TYR B 301 3.69 4.18 24.82
N LEU B 302 3.11 3.27 24.03
CA LEU B 302 3.86 2.71 22.92
C LEU B 302 4.06 3.71 21.80
N TRP B 303 3.27 4.77 21.82
CA TRP B 303 3.41 5.81 20.84
C TRP B 303 4.47 6.79 21.33
N ALA B 304 4.32 7.17 22.60
CA ALA B 304 5.16 8.22 23.16
C ALA B 304 6.58 7.76 23.44
N ASN B 305 6.83 6.44 23.54
CA ASN B 305 8.18 5.94 23.71
C ASN B 305 8.66 5.12 22.52
N LYS B 306 8.02 5.30 21.35
CA LYS B 306 8.54 4.96 20.03
C LYS B 306 8.76 3.46 19.83
N LYS B 307 8.01 2.62 20.54
CA LYS B 307 8.10 1.18 20.36
C LYS B 307 6.98 0.65 19.49
N THR B 308 6.61 1.40 18.44
CA THR B 308 5.40 1.11 17.68
C THR B 308 5.53 -0.13 16.80
N VAL B 309 6.73 -0.59 16.53
CA VAL B 309 6.96 -1.81 15.76
C VAL B 309 7.53 -2.86 16.72
N ASP B 310 7.07 -4.11 16.55
CA ASP B 310 7.46 -5.19 17.44
C ASP B 310 8.74 -5.89 16.97
N GLU B 311 9.50 -6.39 17.93
CA GLU B 311 10.81 -6.97 17.64
C GLU B 311 10.71 -8.30 16.91
N LYS B 312 9.59 -9.01 17.05
CA LYS B 312 9.41 -10.28 16.36
C LYS B 312 9.29 -10.10 14.85
N GLU B 313 8.72 -8.99 14.41
CA GLU B 313 8.67 -8.65 12.99
C GLU B 313 9.82 -7.77 12.55
N VAL B 314 10.52 -7.12 13.48
CA VAL B 314 11.77 -6.44 13.14
C VAL B 314 12.85 -7.46 12.78
N LEU B 315 12.94 -8.55 13.56
CA LEU B 315 14.01 -9.52 13.39
C LEU B 315 13.58 -10.73 12.57
N LYS B 316 12.76 -10.52 11.54
CA LYS B 316 12.45 -11.59 10.60
C LYS B 316 13.25 -11.48 9.30
N SER B 317 13.58 -10.26 8.87
CA SER B 317 14.20 -10.05 7.57
C SER B 317 15.70 -10.26 7.60
N LEU B 318 16.32 -10.28 8.76
CA LEU B 318 17.75 -10.41 8.89
C LEU B 318 18.17 -11.86 8.64
N PRO B 319 19.43 -12.10 8.25
CA PRO B 319 19.94 -13.47 8.24
C PRO B 319 20.13 -13.98 9.65
N ASP B 320 20.24 -15.31 9.76
CA ASP B 320 20.31 -15.95 11.07
C ASP B 320 21.64 -15.66 11.76
N LYS B 321 22.70 -15.42 10.98
CA LYS B 321 23.99 -15.09 11.56
C LYS B 321 24.00 -13.69 12.18
N LEU B 322 23.43 -12.71 11.47
CA LEU B 322 23.32 -11.37 12.06
C LEU B 322 22.29 -11.33 13.17
N LYS B 323 21.26 -12.20 13.11
CA LYS B 323 20.30 -12.30 14.21
C LYS B 323 20.95 -12.84 15.47
N ALA B 324 21.80 -13.87 15.33
CA ALA B 324 22.52 -14.42 16.47
C ALA B 324 23.55 -13.43 17.02
N GLU B 325 24.20 -12.67 16.14
CA GLU B 325 25.19 -11.70 16.63
C GLU B 325 24.54 -10.51 17.32
N ILE B 326 23.37 -10.06 16.83
CA ILE B 326 22.60 -9.02 17.51
C ILE B 326 22.07 -9.53 18.84
N ALA B 327 21.68 -10.82 18.90
CA ALA B 327 21.24 -11.42 20.16
C ALA B 327 22.36 -11.49 21.19
N ILE B 328 23.58 -11.81 20.74
CA ILE B 328 24.77 -11.75 21.62
C ILE B 328 24.98 -10.33 22.15
N ASN B 329 25.13 -9.37 21.23
CA ASN B 329 25.52 -8.01 21.61
C ASN B 329 24.42 -7.24 22.34
N VAL B 330 23.18 -7.71 22.28
CA VAL B 330 22.13 -7.11 23.09
C VAL B 330 22.03 -7.80 24.45
N HIS B 331 21.92 -9.13 24.48
CA HIS B 331 21.45 -9.79 25.67
C HIS B 331 22.56 -10.34 26.57
N LEU B 332 23.80 -10.51 26.09
CA LEU B 332 24.80 -11.18 26.92
C LEU B 332 25.33 -10.27 28.03
N ASP B 333 25.47 -8.97 27.77
CA ASP B 333 25.92 -8.04 28.80
C ASP B 333 24.88 -7.83 29.89
N THR B 334 23.60 -8.04 29.58
CA THR B 334 22.55 -8.01 30.60
C THR B 334 22.47 -9.36 31.32
N LEU B 335 22.69 -10.46 30.60
CA LEU B 335 22.58 -11.78 31.20
C LEU B 335 23.75 -12.10 32.13
N LYS B 336 24.93 -11.54 31.88
CA LYS B 336 26.06 -11.78 32.79
C LYS B 336 26.12 -10.77 33.93
N LYS B 337 25.05 -10.00 34.16
CA LYS B 337 24.97 -9.14 35.33
C LYS B 337 24.58 -9.89 36.59
N VAL B 338 23.93 -11.03 36.45
CA VAL B 338 23.57 -11.89 37.58
C VAL B 338 24.66 -12.96 37.73
N ARG B 339 25.12 -13.16 38.97
CA ARG B 339 26.28 -14.01 39.22
C ARG B 339 25.95 -15.49 39.28
N ILE B 340 24.71 -15.86 39.60
CA ILE B 340 24.39 -17.28 39.77
C ILE B 340 24.04 -17.91 38.42
N PHE B 341 23.60 -17.11 37.45
CA PHE B 341 23.42 -17.56 36.08
C PHE B 341 24.70 -17.46 35.26
N GLN B 342 25.84 -17.15 35.89
CA GLN B 342 27.10 -17.04 35.17
C GLN B 342 27.72 -18.40 34.87
N ASP B 343 27.30 -19.45 35.56
CA ASP B 343 27.87 -20.78 35.37
C ASP B 343 27.07 -21.51 34.28
N CYS B 344 27.34 -21.12 33.04
CA CYS B 344 26.67 -21.71 31.89
C CYS B 344 27.65 -21.79 30.72
N GLU B 345 27.40 -22.73 29.82
CA GLU B 345 28.28 -23.00 28.70
C GLU B 345 28.09 -21.97 27.60
N ALA B 346 29.12 -21.83 26.76
CA ALA B 346 29.24 -20.68 25.86
C ALA B 346 28.24 -20.74 24.71
N GLY B 347 28.29 -21.80 23.90
CA GLY B 347 27.35 -21.94 22.80
C GLY B 347 25.93 -22.16 23.25
N LEU B 348 25.75 -22.72 24.44
CA LEU B 348 24.43 -22.84 25.02
C LEU B 348 23.87 -21.49 25.45
N LEU B 349 24.72 -20.59 25.94
CA LEU B 349 24.29 -19.21 26.21
C LEU B 349 24.00 -18.47 24.92
N VAL B 350 24.73 -18.78 23.83
CA VAL B 350 24.43 -18.22 22.51
C VAL B 350 23.03 -18.64 22.05
N GLU B 351 22.71 -19.92 22.20
CA GLU B 351 21.36 -20.40 21.87
C GLU B 351 20.29 -19.84 22.81
N LEU B 352 20.64 -19.64 24.08
CA LEU B 352 19.70 -19.10 25.06
C LEU B 352 19.36 -17.63 24.78
N VAL B 353 20.36 -16.82 24.43
CA VAL B 353 20.04 -15.44 24.07
C VAL B 353 19.49 -15.35 22.66
N LEU B 354 19.64 -16.40 21.84
CA LEU B 354 18.89 -16.45 20.59
C LEU B 354 17.41 -16.69 20.85
N LYS B 355 17.08 -17.50 21.86
CA LYS B 355 15.67 -17.84 22.09
C LYS B 355 15.00 -16.98 23.15
N LEU B 356 15.73 -16.07 23.80
CA LEU B 356 15.11 -15.11 24.72
C LEU B 356 14.20 -14.15 23.97
N ARG B 357 12.94 -14.10 24.37
CA ARG B 357 11.93 -13.27 23.70
C ARG B 357 11.42 -12.22 24.68
N PRO B 358 11.63 -10.93 24.44
CA PRO B 358 11.25 -9.92 25.43
C PRO B 358 9.83 -9.42 25.33
N THR B 359 9.25 -9.10 26.50
CA THR B 359 7.95 -8.45 26.60
C THR B 359 8.02 -7.31 27.60
N VAL B 360 7.07 -6.39 27.49
CA VAL B 360 6.97 -5.20 28.33
C VAL B 360 5.67 -5.27 29.11
N PHE B 361 5.73 -4.97 30.40
CA PHE B 361 4.58 -5.07 31.29
C PHE B 361 4.16 -3.70 31.78
N SER B 362 2.85 -3.50 31.90
CA SER B 362 2.30 -2.24 32.38
C SER B 362 2.51 -2.11 33.89
N PRO B 363 2.40 -0.90 34.45
CA PRO B 363 2.46 -0.78 35.90
C PRO B 363 1.23 -1.35 36.57
N GLY B 364 1.44 -2.09 37.64
CA GLY B 364 0.39 -2.79 38.31
C GLY B 364 0.06 -4.15 37.72
N ASP B 365 0.69 -4.52 36.61
CA ASP B 365 0.43 -5.81 35.99
C ASP B 365 1.13 -6.89 36.79
N TYR B 366 0.38 -7.89 37.21
CA TYR B 366 0.96 -9.03 37.90
C TYR B 366 1.74 -9.88 36.91
N ILE B 367 3.01 -10.13 37.22
CA ILE B 367 3.77 -11.08 36.40
C ILE B 367 3.29 -12.50 36.68
N CYS B 368 3.10 -12.82 37.95
CA CYS B 368 2.64 -14.14 38.35
C CYS B 368 1.89 -14.04 39.68
N LYS B 369 0.66 -14.56 39.70
CA LYS B 369 -0.07 -14.71 40.94
C LYS B 369 0.28 -16.06 41.57
N LYS B 370 -0.37 -16.38 42.69
CA LYS B 370 -0.02 -17.57 43.45
C LYS B 370 -0.53 -18.84 42.77
N GLY B 371 -1.84 -18.90 42.52
CA GLY B 371 -2.44 -20.09 41.97
C GLY B 371 -2.40 -20.18 40.46
N ASP B 372 -1.21 -20.06 39.88
CA ASP B 372 -1.00 -20.27 38.45
C ASP B 372 0.30 -21.03 38.29
N ILE B 373 0.26 -22.12 37.53
CA ILE B 373 1.47 -22.89 37.26
C ILE B 373 2.32 -22.14 36.25
N GLY B 374 3.51 -21.74 36.66
CA GLY B 374 4.37 -20.93 35.83
C GLY B 374 5.13 -21.71 34.78
N LYS B 375 5.00 -21.31 33.53
CA LYS B 375 5.72 -21.94 32.42
C LYS B 375 6.66 -20.97 31.74
N GLU B 376 7.24 -20.04 32.51
CA GLU B 376 8.11 -19.02 31.93
C GLU B 376 9.16 -18.62 32.96
N MET B 377 10.36 -18.33 32.48
CA MET B 377 11.42 -17.74 33.30
C MET B 377 11.74 -16.34 32.77
N TYR B 378 11.94 -15.40 33.68
CA TYR B 378 12.11 -14.01 33.31
C TYR B 378 13.44 -13.47 33.79
N ILE B 379 14.08 -12.65 32.96
CA ILE B 379 15.28 -11.93 33.33
C ILE B 379 15.00 -10.45 33.16
N ILE B 380 15.04 -9.70 34.25
CA ILE B 380 14.56 -8.32 34.25
C ILE B 380 15.61 -7.42 33.60
N ASN B 381 15.23 -6.78 32.51
CA ASN B 381 16.10 -5.86 31.78
C ASN B 381 15.40 -4.53 31.65
N GLU B 382 15.90 -3.51 32.36
CA GLU B 382 15.33 -2.16 32.45
C GLU B 382 13.89 -2.23 32.96
N GLY B 383 13.80 -2.61 34.23
CA GLY B 383 12.51 -2.63 34.89
C GLY B 383 12.73 -2.57 36.39
N LYS B 384 11.63 -2.65 37.11
CA LYS B 384 11.71 -2.66 38.58
C LYS B 384 10.49 -3.41 39.10
N LEU B 385 10.68 -4.66 39.51
CA LEU B 385 9.59 -5.48 39.98
C LEU B 385 9.67 -5.64 41.49
N ALA B 386 8.53 -5.98 42.10
CA ALA B 386 8.48 -6.12 43.53
C ALA B 386 7.61 -7.31 43.88
N VAL B 387 7.96 -7.98 44.98
CA VAL B 387 7.18 -9.11 45.46
C VAL B 387 6.19 -8.64 46.53
N VAL B 388 4.94 -9.05 46.38
CA VAL B 388 3.87 -8.64 47.28
C VAL B 388 3.16 -9.89 47.80
N ALA B 389 2.27 -9.67 48.78
CA ALA B 389 1.51 -10.75 49.39
C ALA B 389 0.22 -10.97 48.59
N ASP B 390 -0.67 -11.78 49.14
CA ASP B 390 -1.95 -12.07 48.49
C ASP B 390 -2.88 -10.88 48.71
N ASP B 391 -3.12 -10.11 47.64
CA ASP B 391 -3.97 -8.90 47.61
C ASP B 391 -3.51 -7.84 48.59
N GLY B 392 -2.22 -7.80 48.89
CA GLY B 392 -1.69 -6.83 49.82
C GLY B 392 -0.38 -6.26 49.35
N VAL B 393 -0.30 -4.94 49.21
CA VAL B 393 0.90 -4.30 48.68
C VAL B 393 1.83 -4.10 49.87
N THR B 394 2.63 -5.12 50.14
CA THR B 394 3.78 -5.03 51.03
C THR B 394 5.01 -5.47 50.26
N GLN B 395 6.12 -4.81 50.52
CA GLN B 395 7.32 -5.02 49.71
C GLN B 395 8.32 -5.80 50.54
N PHE B 396 8.42 -7.11 50.28
CA PHE B 396 9.46 -7.91 50.92
C PHE B 396 10.81 -7.57 50.34
N VAL B 397 10.98 -7.77 49.04
CA VAL B 397 12.18 -7.34 48.33
C VAL B 397 11.73 -6.73 47.00
N VAL B 398 12.58 -5.89 46.44
CA VAL B 398 12.31 -5.23 45.17
C VAL B 398 13.36 -5.69 44.19
N LEU B 399 12.95 -6.46 43.20
CA LEU B 399 13.87 -6.90 42.16
C LEU B 399 14.17 -5.73 41.24
N SER B 400 15.36 -5.76 40.64
CA SER B 400 15.81 -4.61 39.87
C SER B 400 16.24 -5.01 38.47
N ASP B 401 16.93 -4.11 37.79
CA ASP B 401 17.53 -4.41 36.50
C ASP B 401 18.63 -5.46 36.66
N GLY B 402 18.65 -6.43 35.75
CA GLY B 402 19.67 -7.45 35.73
C GLY B 402 19.35 -8.69 36.54
N SER B 403 18.58 -8.56 37.62
CA SER B 403 18.20 -9.70 38.41
C SER B 403 17.14 -10.52 37.68
N TYR B 404 16.90 -11.73 38.16
CA TYR B 404 16.02 -12.64 37.43
C TYR B 404 15.20 -13.46 38.42
N PHE B 405 14.16 -14.09 37.89
CA PHE B 405 13.27 -14.92 38.68
C PHE B 405 12.58 -15.90 37.76
N GLY B 406 11.84 -16.83 38.35
CA GLY B 406 11.25 -17.91 37.60
C GLY B 406 12.09 -19.16 37.53
N GLU B 407 12.99 -19.37 38.48
CA GLU B 407 13.97 -20.45 38.36
C GLU B 407 13.66 -21.65 39.25
N ILE B 408 12.73 -21.54 40.19
CA ILE B 408 12.48 -22.66 41.09
C ILE B 408 11.26 -23.47 40.66
N SER B 409 10.44 -22.94 39.75
CA SER B 409 9.24 -23.62 39.29
C SER B 409 9.35 -24.07 37.84
N ILE B 410 10.57 -24.27 37.36
CA ILE B 410 10.76 -24.55 35.95
C ILE B 410 11.59 -25.83 35.76
N LEU B 411 12.34 -26.22 36.79
CA LEU B 411 13.22 -27.39 36.68
C LEU B 411 12.73 -28.60 37.47
N ASN B 412 11.49 -28.56 37.97
CA ASN B 412 10.76 -29.69 38.59
C ASN B 412 11.49 -30.24 39.80
N ILE B 413 11.62 -29.38 40.80
CA ILE B 413 12.32 -29.70 42.03
C ILE B 413 11.24 -29.95 43.08
N LYS B 414 11.63 -30.49 44.24
CA LYS B 414 10.73 -30.66 45.38
C LYS B 414 10.31 -29.28 45.88
N GLY B 415 9.04 -28.95 45.72
CA GLY B 415 8.46 -27.77 46.34
C GLY B 415 7.80 -28.13 47.66
N SER B 416 7.19 -27.11 48.27
CA SER B 416 6.43 -27.30 49.51
C SER B 416 5.04 -27.83 49.15
N LYS B 417 5.01 -29.12 48.82
CA LYS B 417 3.82 -29.90 48.41
C LYS B 417 3.09 -29.27 47.22
N SER B 418 3.84 -28.64 46.30
CA SER B 418 3.24 -27.94 45.17
C SER B 418 3.89 -28.25 43.84
N GLY B 419 5.15 -28.65 43.81
CA GLY B 419 5.83 -28.88 42.55
C GLY B 419 6.13 -27.60 41.81
N ASN B 420 5.40 -27.34 40.73
CA ASN B 420 5.59 -26.14 39.91
C ASN B 420 4.46 -25.15 40.19
N ARG B 421 4.65 -24.35 41.23
CA ARG B 421 3.66 -23.34 41.62
C ARG B 421 4.33 -22.07 42.11
N ARG B 422 3.68 -20.93 41.86
CA ARG B 422 4.20 -19.64 42.28
C ARG B 422 3.99 -19.44 43.78
N THR B 423 5.07 -19.25 44.52
CA THR B 423 5.00 -19.05 45.96
C THR B 423 5.11 -17.56 46.33
N ALA B 424 4.96 -16.70 45.33
CA ALA B 424 5.06 -15.26 45.55
C ALA B 424 4.37 -14.47 44.45
N ASN B 425 3.83 -13.30 44.81
CA ASN B 425 3.15 -12.45 43.86
C ASN B 425 4.08 -11.34 43.43
N ILE B 426 4.42 -11.29 42.14
CA ILE B 426 5.33 -10.29 41.60
C ILE B 426 4.53 -9.33 40.72
N ARG B 427 4.37 -8.10 41.20
CA ARG B 427 3.74 -7.07 40.41
C ARG B 427 4.81 -6.32 39.63
N SER B 428 4.41 -5.24 38.96
CA SER B 428 5.32 -4.32 38.31
C SER B 428 5.16 -2.96 38.97
N ILE B 429 6.27 -2.35 39.36
CA ILE B 429 6.18 -1.02 39.92
C ILE B 429 6.06 0.02 38.82
N GLY B 430 6.87 -0.11 37.77
CA GLY B 430 6.75 0.79 36.65
C GLY B 430 6.55 0.05 35.35
N TYR B 431 6.76 0.71 34.23
CA TYR B 431 6.69 0.06 32.93
C TYR B 431 7.92 -0.82 32.75
N SER B 432 7.86 -2.04 33.26
CA SER B 432 9.03 -2.90 33.28
C SER B 432 9.11 -3.75 32.03
N ASP B 433 10.31 -4.25 31.75
CA ASP B 433 10.57 -5.03 30.55
C ASP B 433 11.31 -6.30 30.95
N LEU B 434 10.79 -7.45 30.56
CA LEU B 434 11.36 -8.71 30.98
C LEU B 434 11.80 -9.52 29.78
N PHE B 435 12.55 -10.59 30.04
CA PHE B 435 13.00 -11.53 29.02
C PHE B 435 12.28 -12.84 29.24
N CYS B 436 11.18 -13.04 28.51
CA CYS B 436 10.32 -14.20 28.71
C CYS B 436 10.97 -15.43 28.11
N LEU B 437 11.32 -16.39 28.96
CA LEU B 437 11.89 -17.66 28.52
C LEU B 437 10.95 -18.78 28.94
N SER B 438 10.23 -19.34 27.98
CA SER B 438 9.15 -20.26 28.26
C SER B 438 9.69 -21.66 28.58
N LYS B 439 8.87 -22.47 29.26
CA LYS B 439 9.33 -23.76 29.78
C LYS B 439 9.59 -24.76 28.68
N ASP B 440 8.59 -25.04 27.85
CA ASP B 440 8.75 -26.02 26.78
C ASP B 440 9.66 -25.49 25.67
N ASP B 441 9.63 -24.17 25.44
CA ASP B 441 10.54 -23.51 24.52
C ASP B 441 11.98 -23.66 24.99
N LEU B 442 12.20 -23.60 26.30
CA LEU B 442 13.51 -23.87 26.88
C LEU B 442 13.87 -25.35 26.69
N MET B 443 12.98 -26.25 27.09
CA MET B 443 13.28 -27.68 27.18
C MET B 443 13.51 -28.35 25.84
N GLU B 444 12.88 -27.86 24.75
CA GLU B 444 13.05 -28.49 23.44
C GLU B 444 14.46 -28.31 22.88
N ALA B 445 15.21 -27.32 23.34
CA ALA B 445 16.64 -27.24 23.09
C ALA B 445 17.48 -27.59 24.32
N LEU B 446 16.86 -27.75 25.50
CA LEU B 446 17.63 -28.32 26.62
C LEU B 446 17.91 -29.80 26.42
N THR B 447 17.05 -30.51 25.68
CA THR B 447 17.25 -31.95 25.49
C THR B 447 18.46 -32.31 24.63
N GLU B 448 19.00 -31.38 23.85
CA GLU B 448 20.08 -31.75 22.93
C GLU B 448 21.47 -31.70 23.56
N TYR B 449 21.66 -31.01 24.68
CA TYR B 449 22.97 -30.92 25.32
C TYR B 449 22.93 -31.59 26.69
N PRO B 450 23.21 -32.90 26.77
CA PRO B 450 22.86 -33.69 27.97
C PRO B 450 23.70 -33.43 29.21
N GLU B 451 25.04 -33.46 29.11
CA GLU B 451 25.87 -33.31 30.30
C GLU B 451 25.88 -31.86 30.78
N ALA B 452 25.84 -30.91 29.84
CA ALA B 452 25.69 -29.50 30.19
C ALA B 452 24.33 -29.24 30.82
N LYS B 453 23.31 -30.00 30.45
CA LYS B 453 22.02 -29.82 31.09
C LYS B 453 21.91 -30.56 32.43
N LYS B 454 22.69 -31.62 32.63
CA LYS B 454 22.85 -32.16 33.99
C LYS B 454 23.53 -31.14 34.90
N ALA B 455 24.52 -30.41 34.37
CA ALA B 455 25.15 -29.32 35.12
C ALA B 455 24.16 -28.19 35.43
N LEU B 456 23.29 -27.85 34.48
CA LEU B 456 22.31 -26.80 34.72
C LEU B 456 21.22 -27.24 35.71
N GLU B 457 20.79 -28.50 35.64
CA GLU B 457 19.77 -28.95 36.59
C GLU B 457 20.35 -29.12 38.00
N GLU B 458 21.63 -29.49 38.12
CA GLU B 458 22.24 -29.53 39.45
C GLU B 458 22.48 -28.12 39.98
N LYS B 459 22.72 -27.15 39.08
CA LYS B 459 22.78 -25.75 39.52
C LYS B 459 21.42 -25.25 39.98
N GLY B 460 20.34 -25.70 39.31
CA GLY B 460 19.00 -25.37 39.78
C GLY B 460 18.65 -26.00 41.12
N ARG B 461 19.17 -27.20 41.36
CA ARG B 461 19.04 -27.81 42.70
C ARG B 461 19.80 -27.00 43.74
N GLN B 462 20.97 -26.45 43.37
CA GLN B 462 21.68 -25.54 44.28
C GLN B 462 20.92 -24.23 44.51
N ILE B 463 20.22 -23.72 43.50
CA ILE B 463 19.40 -22.51 43.69
C ILE B 463 18.22 -22.79 44.62
N LEU B 464 17.59 -23.96 44.48
CA LEU B 464 16.48 -24.33 45.37
C LEU B 464 16.97 -24.55 46.80
N MET B 465 18.17 -25.13 46.95
CA MET B 465 18.83 -25.24 48.25
C MET B 465 19.16 -23.86 48.83
N LYS B 466 19.51 -22.91 47.96
CA LYS B 466 19.80 -21.55 48.40
C LYS B 466 18.56 -20.85 48.93
N ASP B 467 17.42 -20.99 48.22
CA ASP B 467 16.24 -20.28 48.71
C ASP B 467 15.56 -21.02 49.87
N ASN B 468 15.10 -22.26 49.67
CA ASN B 468 14.26 -22.92 50.68
C ASN B 468 14.20 -24.40 50.36
N LEU B 469 14.55 -25.23 51.33
CA LEU B 469 14.37 -26.68 51.18
C LEU B 469 12.94 -27.08 51.51
N ALA C 16 7.01 21.17 44.73
CA ALA C 16 7.18 19.72 44.81
C ALA C 16 6.08 19.01 44.02
N ILE C 17 5.55 19.70 43.01
CA ILE C 17 4.60 19.12 42.07
C ILE C 17 5.37 18.68 40.84
N VAL C 18 5.10 17.46 40.37
CA VAL C 18 5.71 16.95 39.15
C VAL C 18 4.59 16.59 38.19
N VAL C 19 4.58 17.25 37.04
CA VAL C 19 3.54 16.98 36.05
C VAL C 19 3.89 15.69 35.31
N ASP C 20 2.86 15.10 34.70
CA ASP C 20 2.99 13.82 34.02
C ASP C 20 2.80 14.02 32.53
N PRO C 21 3.79 13.74 31.69
CA PRO C 21 3.66 14.03 30.25
C PRO C 21 2.73 13.10 29.50
N SER C 22 2.17 12.07 30.13
CA SER C 22 1.17 11.24 29.49
C SER C 22 -0.23 11.53 30.01
N SER C 23 -0.38 12.51 30.88
CA SER C 23 -1.64 12.77 31.56
C SER C 23 -2.54 13.66 30.71
N ASN C 24 -3.56 14.22 31.33
CA ASN C 24 -4.42 15.18 30.67
C ASN C 24 -4.15 16.61 31.12
N LEU C 25 -3.51 16.80 32.27
CA LEU C 25 -3.07 18.14 32.64
C LEU C 25 -1.97 18.63 31.71
N TYR C 26 -1.12 17.73 31.25
CA TYR C 26 -0.11 18.08 30.26
C TYR C 26 -0.73 18.37 28.90
N TYR C 27 -1.84 17.72 28.56
CA TYR C 27 -2.46 18.07 27.30
C TYR C 27 -3.23 19.37 27.37
N ARG C 28 -3.81 19.70 28.54
CA ARG C 28 -4.39 21.03 28.70
C ARG C 28 -3.31 22.11 28.67
N TRP C 29 -2.11 21.80 29.17
CA TRP C 29 -1.03 22.76 29.00
C TRP C 29 -0.52 22.83 27.56
N LEU C 30 -0.57 21.73 26.81
CA LEU C 30 -0.18 21.80 25.42
C LEU C 30 -1.17 22.60 24.59
N THR C 31 -2.45 22.59 24.95
CA THR C 31 -3.39 23.51 24.30
C THR C 31 -3.13 24.96 24.74
N ALA C 32 -2.87 25.18 26.02
CA ALA C 32 -2.65 26.55 26.48
C ALA C 32 -1.32 27.14 26.07
N ILE C 33 -0.38 26.35 25.55
CA ILE C 33 0.84 26.89 24.97
C ILE C 33 0.85 26.77 23.44
N ALA C 34 -0.05 26.00 22.84
CA ALA C 34 -0.21 26.13 21.41
C ALA C 34 -1.17 27.22 21.02
N LEU C 35 -1.78 27.92 21.98
CA LEU C 35 -2.44 29.18 21.63
C LEU C 35 -1.44 30.32 21.37
N PRO C 36 -0.56 30.74 22.31
CA PRO C 36 0.24 31.93 22.02
C PRO C 36 1.41 31.69 21.09
N VAL C 37 1.83 30.44 20.85
CA VAL C 37 2.81 30.16 19.81
C VAL C 37 2.22 30.46 18.43
N PHE C 38 0.98 30.02 18.21
CA PHE C 38 0.31 30.26 16.94
C PHE C 38 -0.03 31.73 16.76
N TYR C 39 -0.41 32.41 17.85
CA TYR C 39 -0.58 33.85 17.80
C TYR C 39 0.73 34.54 17.42
N ASN C 40 1.85 34.10 18.00
CA ASN C 40 3.12 34.78 17.78
C ASN C 40 3.60 34.64 16.36
N TRP C 41 3.40 33.45 15.75
CA TRP C 41 3.71 33.23 14.34
C TRP C 41 2.89 34.15 13.44
N TYR C 42 1.55 34.02 13.52
CA TYR C 42 0.62 34.76 12.66
C TYR C 42 0.74 36.27 12.84
N LEU C 43 0.44 36.75 14.02
CA LEU C 43 0.39 38.19 14.15
C LEU C 43 1.76 38.83 14.30
N LEU C 44 2.85 38.07 14.47
CA LEU C 44 4.12 38.77 14.45
C LEU C 44 4.57 39.04 13.03
N ILE C 45 4.33 38.12 12.09
CA ILE C 45 4.68 38.50 10.72
C ILE C 45 3.73 39.57 10.17
N CYS C 46 2.46 39.56 10.60
CA CYS C 46 1.52 40.53 10.07
C CYS C 46 1.77 41.93 10.65
N ARG C 47 2.05 42.02 11.95
CA ARG C 47 2.37 43.31 12.55
C ARG C 47 3.74 43.82 12.10
N ALA C 48 4.64 42.93 11.70
CA ALA C 48 5.92 43.42 11.18
C ALA C 48 5.76 44.01 9.80
N CYS C 49 4.95 43.39 8.93
CA CYS C 49 4.92 43.84 7.55
C CYS C 49 3.90 44.92 7.27
N PHE C 50 2.79 44.99 8.01
CA PHE C 50 1.67 45.83 7.56
C PHE C 50 1.63 47.23 8.14
N ASP C 51 2.18 47.45 9.33
CA ASP C 51 2.51 48.76 9.92
C ASP C 51 1.31 49.66 10.24
N GLU C 52 0.09 49.28 9.87
CA GLU C 52 -1.10 49.89 10.46
C GLU C 52 -1.65 49.03 11.58
N LEU C 53 -1.35 47.74 11.56
CA LEU C 53 -1.74 46.85 12.65
C LEU C 53 -0.98 47.17 13.91
N GLN C 54 0.31 47.51 13.78
CA GLN C 54 1.11 47.81 14.97
C GLN C 54 0.76 49.19 15.52
N SER C 55 0.45 50.13 14.65
CA SER C 55 0.20 51.49 15.09
C SER C 55 -1.25 51.76 15.47
N GLU C 56 -2.19 50.92 15.06
CA GLU C 56 -3.59 51.16 15.36
C GLU C 56 -4.10 50.41 16.56
N TYR C 57 -3.65 49.17 16.78
CA TYR C 57 -4.19 48.34 17.83
C TYR C 57 -3.13 48.08 18.89
N LEU C 58 -2.43 49.16 19.28
CA LEU C 58 -1.23 49.05 20.09
C LEU C 58 -1.51 48.56 21.49
N MET C 59 -2.65 48.95 22.06
CA MET C 59 -3.01 48.49 23.40
C MET C 59 -3.39 47.02 23.39
N LEU C 60 -4.08 46.57 22.33
CA LEU C 60 -4.41 45.16 22.18
C LEU C 60 -3.16 44.32 21.99
N TRP C 61 -2.16 44.84 21.26
CA TRP C 61 -0.95 44.05 21.11
C TRP C 61 -0.08 44.09 22.35
N LEU C 62 -0.16 45.14 23.16
CA LEU C 62 0.54 45.14 24.45
C LEU C 62 -0.06 44.11 25.40
N VAL C 63 -1.39 44.01 25.43
CA VAL C 63 -2.07 43.03 26.27
C VAL C 63 -1.79 41.61 25.79
N LEU C 64 -1.87 41.36 24.48
CA LEU C 64 -1.64 40.02 23.96
C LEU C 64 -0.17 39.62 24.03
N ASP C 65 0.76 40.56 23.94
CA ASP C 65 2.16 40.18 24.08
C ASP C 65 2.53 39.97 25.53
N TYR C 66 1.86 40.67 26.47
CA TYR C 66 2.02 40.34 27.89
C TYR C 66 1.50 38.95 28.20
N SER C 67 0.36 38.57 27.59
CA SER C 67 -0.17 37.23 27.80
C SER C 67 0.72 36.15 27.19
N ALA C 68 1.26 36.39 26.00
CA ALA C 68 2.12 35.39 25.36
C ALA C 68 3.46 35.25 26.07
N ASP C 69 3.99 36.35 26.61
CA ASP C 69 5.24 36.24 27.36
C ASP C 69 5.04 35.59 28.73
N VAL C 70 3.89 35.82 29.36
CA VAL C 70 3.59 35.15 30.63
C VAL C 70 3.42 33.65 30.43
N LEU C 71 2.75 33.25 29.35
CA LEU C 71 2.63 31.82 29.06
C LEU C 71 3.95 31.21 28.61
N TYR C 72 4.87 32.00 28.06
CA TYR C 72 6.17 31.45 27.69
C TYR C 72 7.03 31.21 28.92
N VAL C 73 6.96 32.11 29.92
CA VAL C 73 7.66 31.90 31.18
C VAL C 73 7.08 30.70 31.93
N LEU C 74 5.76 30.55 31.90
CA LEU C 74 5.15 29.37 32.51
C LEU C 74 5.44 28.09 31.76
N ASP C 75 5.71 28.15 30.45
CA ASP C 75 6.13 26.94 29.76
C ASP C 75 7.55 26.55 30.12
N VAL C 76 8.41 27.52 30.42
CA VAL C 76 9.73 27.16 30.96
C VAL C 76 9.59 26.53 32.34
N LEU C 77 8.68 27.06 33.17
CA LEU C 77 8.45 26.46 34.48
C LEU C 77 7.76 25.11 34.43
N VAL C 78 7.02 24.80 33.36
CA VAL C 78 6.38 23.49 33.25
C VAL C 78 7.33 22.47 32.63
N ARG C 79 8.12 22.87 31.63
CA ARG C 79 9.15 21.98 31.10
C ARG C 79 10.28 21.71 32.08
N ALA C 80 10.45 22.55 33.10
CA ALA C 80 11.32 22.22 34.22
C ALA C 80 10.67 21.32 35.25
N ARG C 81 9.44 20.83 35.00
CA ARG C 81 8.76 19.91 35.90
C ARG C 81 8.06 18.79 35.14
N THR C 82 8.41 18.55 33.89
CA THR C 82 7.89 17.41 33.16
C THR C 82 8.72 16.19 33.53
N GLY C 83 8.07 15.19 34.11
CA GLY C 83 8.77 13.98 34.46
C GLY C 83 9.16 13.17 33.24
N PHE C 84 10.16 12.33 33.41
CA PHE C 84 10.62 11.47 32.34
C PHE C 84 10.79 10.07 32.90
N LEU C 85 11.03 9.12 32.01
CA LEU C 85 11.08 7.71 32.38
C LEU C 85 12.50 7.22 32.37
N GLU C 86 12.97 6.73 33.51
CA GLU C 86 14.12 5.84 33.51
C GLU C 86 13.83 4.72 34.50
N GLN C 87 14.17 3.49 34.07
CA GLN C 87 13.82 2.24 34.75
C GLN C 87 12.31 2.12 34.99
N GLY C 88 11.52 2.54 34.01
CA GLY C 88 10.09 2.35 34.08
C GLY C 88 9.30 3.37 34.90
N LEU C 89 9.89 3.89 35.97
CA LEU C 89 9.19 4.78 36.87
C LEU C 89 9.32 6.23 36.43
N MET C 90 8.36 7.04 36.84
CA MET C 90 8.40 8.47 36.58
C MET C 90 9.34 9.15 37.56
N VAL C 91 10.30 9.91 37.03
CA VAL C 91 11.25 10.63 37.87
C VAL C 91 10.54 11.80 38.54
N SER C 92 10.69 11.91 39.86
CA SER C 92 9.92 12.89 40.60
C SER C 92 10.79 13.80 41.47
N ASP C 93 12.10 13.89 41.19
CA ASP C 93 12.94 14.78 41.99
C ASP C 93 13.36 15.97 41.14
N THR C 94 13.28 17.15 41.77
CA THR C 94 13.29 18.41 41.04
C THR C 94 14.67 18.74 40.49
N ASN C 95 15.73 18.32 41.18
CA ASN C 95 17.08 18.60 40.72
C ASN C 95 17.40 17.76 39.48
N ARG C 96 16.97 16.51 39.46
CA ARG C 96 17.19 15.70 38.27
C ARG C 96 16.29 16.10 37.12
N LEU C 97 15.07 16.58 37.40
CA LEU C 97 14.24 17.15 36.34
C LEU C 97 14.83 18.42 35.74
N TRP C 98 15.37 19.30 36.58
CA TRP C 98 16.03 20.51 36.09
C TRP C 98 17.30 20.20 35.33
N GLN C 99 18.03 19.14 35.71
CA GLN C 99 19.25 18.79 34.99
C GLN C 99 18.94 18.17 33.63
N HIS C 100 17.93 17.31 33.57
CA HIS C 100 17.50 16.74 32.28
C HIS C 100 16.89 17.79 31.37
N TYR C 101 16.31 18.84 31.94
CA TYR C 101 15.88 19.95 31.11
C TYR C 101 17.08 20.77 30.62
N LYS C 102 18.06 21.01 31.50
CA LYS C 102 19.16 21.90 31.16
C LYS C 102 20.10 21.30 30.13
N THR C 103 20.20 19.96 30.06
CA THR C 103 21.04 19.34 29.04
C THR C 103 20.26 19.00 27.78
N THR C 104 19.24 19.78 27.44
CA THR C 104 18.49 19.62 26.21
C THR C 104 18.72 20.87 25.36
N THR C 105 18.47 20.75 24.05
CA THR C 105 18.47 21.95 23.21
C THR C 105 17.20 22.76 23.37
N GLN C 106 16.15 22.16 23.94
CA GLN C 106 14.89 22.86 24.11
C GLN C 106 14.99 23.92 25.19
N PHE C 107 15.90 23.75 26.16
CA PHE C 107 16.12 24.82 27.13
C PHE C 107 16.80 26.01 26.47
N LYS C 108 17.69 25.75 25.51
CA LYS C 108 18.33 26.84 24.79
C LYS C 108 17.34 27.57 23.90
N LEU C 109 16.44 26.82 23.24
CA LEU C 109 15.40 27.46 22.45
C LEU C 109 14.40 28.22 23.30
N ASP C 110 14.11 27.76 24.52
CA ASP C 110 13.17 28.48 25.37
C ASP C 110 13.80 29.74 25.98
N VAL C 111 15.07 29.67 26.39
CA VAL C 111 15.69 30.86 26.94
C VAL C 111 16.09 31.84 25.83
N LEU C 112 16.19 31.39 24.57
CA LEU C 112 16.29 32.33 23.47
C LEU C 112 14.93 32.91 23.13
N SER C 113 13.86 32.13 23.30
CA SER C 113 12.50 32.59 23.08
C SER C 113 12.00 33.52 24.18
N LEU C 114 12.73 33.68 25.27
CA LEU C 114 12.37 34.67 26.27
C LEU C 114 13.44 35.73 26.45
N VAL C 115 14.18 36.05 25.40
CA VAL C 115 15.18 37.12 25.48
C VAL C 115 14.47 38.46 25.54
N PRO C 116 14.73 39.30 26.54
CA PRO C 116 13.99 40.56 26.69
C PRO C 116 14.39 41.60 25.65
N THR C 117 13.81 41.50 24.46
CA THR C 117 13.97 42.50 23.41
C THR C 117 12.97 43.64 23.53
N ASP C 118 12.22 43.70 24.63
CA ASP C 118 11.31 44.80 24.87
C ASP C 118 12.05 46.11 25.19
N LEU C 119 13.32 46.01 25.61
CA LEU C 119 14.14 47.21 25.79
C LEU C 119 14.42 47.89 24.46
N ALA C 120 14.81 47.10 23.44
CA ALA C 120 14.97 47.66 22.09
C ALA C 120 13.63 48.02 21.47
N TYR C 121 12.57 47.30 21.83
CA TYR C 121 11.23 47.59 21.32
C TYR C 121 10.69 48.90 21.89
N LEU C 122 11.09 49.27 23.10
CA LEU C 122 10.77 50.59 23.65
C LEU C 122 11.78 51.64 23.22
N LYS C 123 12.98 51.22 22.80
CA LYS C 123 13.95 52.16 22.23
C LYS C 123 13.49 52.65 20.86
N VAL C 124 12.93 51.76 20.04
CA VAL C 124 12.52 52.17 18.68
C VAL C 124 11.20 52.92 18.67
N GLY C 125 10.48 52.99 19.79
CA GLY C 125 9.26 53.75 19.87
C GLY C 125 7.97 52.97 19.80
N THR C 126 8.00 51.73 20.29
CA THR C 126 6.85 50.82 20.27
C THR C 126 6.20 50.73 18.88
N ASN C 127 7.04 50.62 17.85
CA ASN C 127 6.55 50.53 16.48
C ASN C 127 7.14 49.38 15.70
N TYR C 128 8.26 48.81 16.14
CA TYR C 128 8.90 47.70 15.45
C TYR C 128 8.69 46.41 16.23
N PRO C 129 7.82 45.50 15.76
CA PRO C 129 7.78 44.16 16.34
C PRO C 129 8.68 43.21 15.59
N GLU C 130 9.62 43.75 14.81
CA GLU C 130 10.63 42.92 14.18
C GLU C 130 11.61 42.35 15.19
N VAL C 131 11.74 42.98 16.37
CA VAL C 131 12.63 42.50 17.41
C VAL C 131 12.03 41.37 18.23
N ARG C 132 10.76 41.05 18.03
CA ARG C 132 10.11 39.97 18.75
C ARG C 132 9.99 38.71 17.92
N PHE C 133 10.81 38.56 16.90
CA PHE C 133 10.74 37.37 16.06
C PHE C 133 11.43 36.17 16.67
N ASN C 134 12.05 36.29 17.84
CA ASN C 134 12.53 35.11 18.53
C ASN C 134 11.44 34.46 19.38
N ARG C 135 10.25 35.06 19.44
CA ARG C 135 9.10 34.44 20.07
C ARG C 135 8.48 33.34 19.23
N LEU C 136 8.92 33.17 17.99
CA LEU C 136 8.47 32.06 17.16
C LEU C 136 9.28 30.81 17.40
N LEU C 137 10.24 30.83 18.34
CA LEU C 137 11.16 29.72 18.59
C LEU C 137 10.57 28.64 19.47
N LYS C 138 9.29 28.69 19.79
CA LYS C 138 8.62 27.61 20.50
C LYS C 138 7.68 26.87 19.55
N PHE C 139 8.13 26.65 18.33
CA PHE C 139 7.41 25.86 17.34
C PHE C 139 7.31 24.39 17.72
N SER C 140 8.20 23.91 18.59
CA SER C 140 8.15 22.52 19.03
C SER C 140 6.95 22.25 19.92
N ARG C 141 6.46 23.27 20.64
CA ARG C 141 5.23 23.10 21.42
C ARG C 141 4.02 22.98 20.52
N LEU C 142 4.04 23.68 19.39
CA LEU C 142 2.95 23.60 18.42
C LEU C 142 2.95 22.26 17.70
N PHE C 143 4.13 21.77 17.34
CA PHE C 143 4.22 20.45 16.70
C PHE C 143 3.90 19.33 17.69
N GLU C 144 4.26 19.51 18.96
CA GLU C 144 3.93 18.53 19.99
C GLU C 144 2.44 18.51 20.28
N PHE C 145 1.78 19.67 20.26
CA PHE C 145 0.33 19.71 20.44
C PHE C 145 -0.40 19.06 19.28
N PHE C 146 0.06 19.30 18.05
CA PHE C 146 -0.61 18.68 16.91
C PHE C 146 -0.36 17.18 16.86
N ASP C 147 0.81 16.72 17.34
CA ASP C 147 1.08 15.29 17.41
C ASP C 147 0.24 14.61 18.49
N ARG C 148 0.15 15.22 19.67
CA ARG C 148 -0.65 14.65 20.76
C ARG C 148 -2.13 14.66 20.43
N THR C 149 -2.61 15.67 19.70
CA THR C 149 -4.01 15.67 19.30
C THR C 149 -4.27 14.64 18.21
N GLU C 150 -3.34 14.45 17.29
CA GLU C 150 -3.59 13.48 16.22
C GLU C 150 -3.48 12.04 16.70
N THR C 151 -2.84 11.79 17.85
CA THR C 151 -2.99 10.46 18.44
C THR C 151 -4.10 10.37 19.48
N ARG C 152 -4.58 11.49 20.01
CA ARG C 152 -5.56 11.50 21.08
C ARG C 152 -7.00 11.57 20.60
N THR C 153 -7.26 12.25 19.48
CA THR C 153 -8.61 12.58 19.05
C THR C 153 -9.30 11.36 18.44
N ASN C 154 -10.61 11.48 18.25
CA ASN C 154 -11.42 10.42 17.66
C ASN C 154 -11.59 10.58 16.15
N TYR C 155 -11.23 11.73 15.58
CA TYR C 155 -11.34 12.00 14.15
C TYR C 155 -9.94 12.33 13.62
N PRO C 156 -9.14 11.32 13.31
CA PRO C 156 -7.76 11.60 12.88
C PRO C 156 -7.64 12.14 11.48
N ASN C 157 -8.54 11.77 10.56
CA ASN C 157 -8.48 12.32 9.21
C ASN C 157 -9.00 13.76 9.17
N MET C 158 -10.03 14.06 9.97
CA MET C 158 -10.51 15.43 10.10
C MET C 158 -9.47 16.30 10.78
N PHE C 159 -8.72 15.75 11.74
CA PHE C 159 -7.63 16.53 12.31
C PHE C 159 -6.44 16.64 11.36
N ARG C 160 -6.24 15.66 10.48
CA ARG C 160 -5.18 15.79 9.49
C ARG C 160 -5.47 16.89 8.49
N ILE C 161 -6.74 17.04 8.10
CA ILE C 161 -7.08 18.12 7.17
C ILE C 161 -7.09 19.47 7.88
N GLY C 162 -7.49 19.51 9.16
CA GLY C 162 -7.37 20.74 9.91
C GLY C 162 -5.94 21.17 10.13
N ASN C 163 -5.05 20.20 10.32
CA ASN C 163 -3.63 20.50 10.49
C ASN C 163 -2.99 20.94 9.17
N LEU C 164 -3.40 20.33 8.07
CA LEU C 164 -2.86 20.71 6.76
C LEU C 164 -3.36 22.08 6.33
N VAL C 165 -4.62 22.40 6.62
CA VAL C 165 -5.17 23.71 6.30
C VAL C 165 -4.53 24.78 7.17
N LEU C 166 -4.20 24.46 8.42
CA LEU C 166 -3.46 25.42 9.25
C LEU C 166 -2.04 25.63 8.76
N TYR C 167 -1.38 24.58 8.25
CA TYR C 167 -0.01 24.74 7.77
C TYR C 167 0.05 25.56 6.49
N ILE C 168 -0.81 25.24 5.52
CA ILE C 168 -0.80 26.02 4.29
C ILE C 168 -1.40 27.41 4.48
N LEU C 169 -2.20 27.64 5.52
CA LEU C 169 -2.63 28.99 5.80
C LEU C 169 -1.57 29.82 6.49
N ILE C 170 -0.70 29.19 7.29
CA ILE C 170 0.51 29.86 7.76
C ILE C 170 1.37 30.30 6.58
N ILE C 171 1.54 29.42 5.58
CA ILE C 171 2.42 29.76 4.46
C ILE C 171 1.81 30.83 3.56
N ILE C 172 0.49 30.76 3.33
CA ILE C 172 -0.19 31.74 2.49
C ILE C 172 -0.27 33.11 3.18
N HIS C 173 -0.42 33.12 4.51
CA HIS C 173 -0.40 34.37 5.24
C HIS C 173 1.00 34.98 5.29
N TRP C 174 2.03 34.15 5.47
CA TRP C 174 3.41 34.66 5.52
C TRP C 174 3.85 35.18 4.18
N ASN C 175 3.40 34.55 3.10
CA ASN C 175 3.72 35.01 1.76
C ASN C 175 2.92 36.25 1.37
N ALA C 176 1.72 36.43 1.91
CA ALA C 176 1.01 37.70 1.74
C ALA C 176 1.71 38.85 2.44
N CYS C 177 2.20 38.61 3.66
CA CYS C 177 2.96 39.65 4.35
C CYS C 177 4.29 39.93 3.67
N ILE C 178 4.92 38.91 3.08
CA ILE C 178 6.17 39.09 2.35
C ILE C 178 5.95 39.89 1.07
N TYR C 179 4.84 39.64 0.36
CA TYR C 179 4.50 40.42 -0.84
C TYR C 179 4.18 41.87 -0.49
N PHE C 180 3.48 42.11 0.61
CA PHE C 180 3.23 43.50 0.98
C PHE C 180 4.49 44.19 1.48
N ALA C 181 5.43 43.47 2.08
CA ALA C 181 6.69 44.09 2.46
C ALA C 181 7.56 44.39 1.26
N ILE C 182 7.52 43.51 0.25
CA ILE C 182 8.25 43.72 -1.00
C ILE C 182 7.67 44.92 -1.75
N SER C 183 6.34 45.04 -1.78
CA SER C 183 5.70 46.19 -2.40
C SER C 183 5.97 47.49 -1.65
N LYS C 184 6.07 47.43 -0.32
CA LYS C 184 6.45 48.63 0.42
C LYS C 184 7.91 48.99 0.18
N PHE C 185 8.76 48.00 -0.08
CA PHE C 185 10.17 48.27 -0.32
C PHE C 185 10.39 48.87 -1.70
N ILE C 186 9.70 48.32 -2.71
CA ILE C 186 9.82 48.84 -4.07
C ILE C 186 9.14 50.19 -4.19
N GLY C 187 7.92 50.30 -3.67
CA GLY C 187 7.17 51.54 -3.70
C GLY C 187 5.73 51.21 -3.99
N PHE C 188 4.79 51.89 -3.33
CA PHE C 188 3.38 51.59 -3.53
C PHE C 188 2.91 52.24 -4.81
N GLY C 189 2.59 51.43 -5.81
CA GLY C 189 2.02 51.96 -7.03
C GLY C 189 3.01 52.62 -7.96
N THR C 190 4.26 52.18 -7.95
CA THR C 190 5.20 52.60 -8.98
C THR C 190 5.18 51.66 -10.17
N ASP C 191 5.02 50.37 -9.93
CA ASP C 191 4.87 49.38 -10.98
C ASP C 191 3.40 49.03 -11.15
N SER C 192 3.13 48.05 -12.00
CA SER C 192 1.82 47.47 -12.09
C SER C 192 1.68 46.20 -11.26
N TRP C 193 2.80 45.65 -10.78
CA TRP C 193 2.77 44.41 -10.03
C TRP C 193 2.59 44.63 -8.54
N VAL C 194 3.18 45.69 -8.00
CA VAL C 194 3.16 45.97 -6.56
C VAL C 194 1.76 46.38 -6.12
N TYR C 195 1.57 46.46 -4.80
CA TYR C 195 0.30 46.88 -4.24
C TYR C 195 0.02 48.33 -4.65
N PRO C 196 -1.24 48.68 -4.97
CA PRO C 196 -1.54 50.02 -5.47
C PRO C 196 -1.35 51.15 -4.48
N ASN C 197 -1.56 52.37 -4.95
CA ASN C 197 -1.17 53.58 -4.22
C ASN C 197 -2.06 53.76 -3.00
N ILE C 198 -1.45 53.74 -1.80
CA ILE C 198 -2.23 53.71 -0.57
C ILE C 198 -2.76 55.08 -0.16
N SER C 199 -2.39 56.14 -0.87
CA SER C 199 -3.03 57.42 -0.64
C SER C 199 -4.40 57.50 -1.30
N ILE C 200 -4.66 56.66 -2.29
CA ILE C 200 -6.03 56.44 -2.77
C ILE C 200 -6.84 55.79 -1.67
N PRO C 201 -8.01 56.33 -1.28
CA PRO C 201 -8.70 55.82 -0.09
C PRO C 201 -9.35 54.46 -0.26
N GLU C 202 -9.41 53.92 -1.48
CA GLU C 202 -9.95 52.57 -1.63
C GLU C 202 -8.92 51.51 -1.26
N HIS C 203 -7.68 51.69 -1.69
CA HIS C 203 -6.62 50.74 -1.38
C HIS C 203 -5.88 51.08 -0.10
N GLY C 204 -6.21 52.18 0.54
CA GLY C 204 -5.53 52.59 1.75
C GLY C 204 -6.12 52.07 3.03
N ARG C 205 -7.21 51.31 2.95
CA ARG C 205 -7.81 50.70 4.12
C ARG C 205 -7.05 49.42 4.47
N LEU C 206 -6.96 49.14 5.77
CA LEU C 206 -6.15 48.01 6.23
C LEU C 206 -6.80 46.68 5.91
N SER C 207 -8.13 46.62 5.90
CA SER C 207 -8.80 45.39 5.51
C SER C 207 -8.61 45.11 4.03
N ARG C 208 -8.60 46.17 3.22
CA ARG C 208 -8.35 46.03 1.79
C ARG C 208 -6.90 45.61 1.52
N LYS C 209 -5.95 46.19 2.29
CA LYS C 209 -4.53 45.83 2.20
C LYS C 209 -4.31 44.36 2.51
N TYR C 210 -4.82 43.90 3.65
CA TYR C 210 -4.56 42.52 4.05
C TYR C 210 -5.33 41.53 3.19
N ILE C 211 -6.57 41.83 2.83
CA ILE C 211 -7.35 40.85 2.06
C ILE C 211 -6.89 40.81 0.60
N TYR C 212 -6.47 41.93 0.01
CA TYR C 212 -5.88 41.85 -1.32
C TYR C 212 -4.50 41.22 -1.31
N SER C 213 -3.69 41.42 -0.25
CA SER C 213 -2.41 40.74 -0.19
C SER C 213 -2.58 39.24 -0.01
N LEU C 214 -3.57 38.83 0.78
CA LEU C 214 -3.89 37.41 0.92
C LEU C 214 -4.47 36.82 -0.34
N TYR C 215 -5.18 37.62 -1.12
CA TYR C 215 -5.71 37.16 -2.40
C TYR C 215 -4.60 36.97 -3.41
N TRP C 216 -3.65 37.92 -3.47
CA TRP C 216 -2.47 37.78 -4.31
C TRP C 216 -1.66 36.56 -3.93
N SER C 217 -1.50 36.32 -2.64
CA SER C 217 -0.70 35.21 -2.18
C SER C 217 -1.35 33.86 -2.40
N THR C 218 -2.67 33.78 -2.28
CA THR C 218 -3.37 32.54 -2.61
C THR C 218 -3.27 32.24 -4.10
N LEU C 219 -3.46 33.26 -4.95
CA LEU C 219 -3.36 33.09 -6.39
C LEU C 219 -1.96 32.71 -6.84
N THR C 220 -0.92 33.22 -6.18
CA THR C 220 0.43 32.84 -6.57
C THR C 220 0.83 31.50 -5.99
N LEU C 221 0.57 31.24 -4.71
CA LEU C 221 1.03 30.03 -4.05
C LEU C 221 0.14 28.83 -4.30
N THR C 222 -0.93 28.93 -5.06
CA THR C 222 -1.61 27.71 -5.49
C THR C 222 -1.52 27.52 -6.99
N THR C 223 -0.63 28.26 -7.66
CA THR C 223 -0.40 28.26 -9.11
C THR C 223 -1.68 28.49 -9.91
N ILE C 224 -2.45 29.48 -9.50
CA ILE C 224 -3.61 29.92 -10.26
C ILE C 224 -3.25 31.07 -11.17
N GLY C 225 -2.57 32.07 -10.63
CA GLY C 225 -2.09 33.23 -11.36
C GLY C 225 -3.14 34.04 -12.09
N GLU C 226 -3.89 34.90 -11.41
CA GLU C 226 -4.62 35.95 -12.09
C GLU C 226 -4.03 37.31 -11.78
N THR C 227 -2.85 37.33 -11.20
CA THR C 227 -2.22 38.52 -10.72
C THR C 227 -1.69 39.35 -11.89
N PRO C 228 -1.46 40.65 -11.69
CA PRO C 228 -0.77 41.43 -12.70
C PRO C 228 0.67 40.96 -12.87
N PRO C 229 1.18 40.93 -14.10
CA PRO C 229 2.49 40.36 -14.35
C PRO C 229 3.59 41.33 -13.91
N PRO C 230 4.77 40.82 -13.56
CA PRO C 230 5.82 41.68 -13.01
C PRO C 230 6.43 42.59 -14.06
N VAL C 231 7.15 43.59 -13.57
CA VAL C 231 7.81 44.58 -14.42
C VAL C 231 9.32 44.58 -14.23
N LYS C 232 9.79 44.63 -12.99
CA LYS C 232 11.20 44.67 -12.72
C LYS C 232 11.74 43.26 -12.45
N ASP C 233 13.06 43.14 -12.40
CA ASP C 233 13.70 41.84 -12.27
C ASP C 233 13.55 41.23 -10.87
N GLU C 234 13.52 42.09 -9.84
CA GLU C 234 13.26 41.61 -8.49
C GLU C 234 11.84 41.07 -8.36
N GLU C 235 10.90 41.65 -9.09
CA GLU C 235 9.54 41.15 -9.10
C GLU C 235 9.41 39.86 -9.91
N TYR C 236 10.15 39.76 -11.02
CA TYR C 236 10.22 38.51 -11.80
C TYR C 236 10.80 37.38 -10.98
N LEU C 237 11.83 37.69 -10.18
CA LEU C 237 12.52 36.67 -9.39
C LEU C 237 11.68 36.22 -8.21
N PHE C 238 11.01 37.17 -7.53
CA PHE C 238 10.14 36.80 -6.42
C PHE C 238 8.93 36.02 -6.91
N VAL C 239 8.42 36.35 -8.10
CA VAL C 239 7.26 35.65 -8.62
C VAL C 239 7.63 34.24 -9.07
N VAL C 240 8.83 34.04 -9.64
CA VAL C 240 9.19 32.68 -10.05
C VAL C 240 9.56 31.82 -8.84
N VAL C 241 10.10 32.42 -7.77
CA VAL C 241 10.35 31.67 -6.54
C VAL C 241 9.04 31.30 -5.86
N ASP C 242 8.06 32.21 -5.87
CA ASP C 242 6.74 31.93 -5.33
C ASP C 242 5.97 30.92 -6.14
N PHE C 243 6.17 30.86 -7.45
CA PHE C 243 5.48 29.87 -8.26
C PHE C 243 6.05 28.48 -8.06
N LEU C 244 7.38 28.36 -7.85
CA LEU C 244 7.92 27.03 -7.58
C LEU C 244 7.58 26.56 -6.17
N VAL C 245 7.56 27.48 -5.19
CA VAL C 245 7.05 27.16 -3.86
C VAL C 245 5.57 26.79 -3.91
N GLY C 246 4.81 27.42 -4.81
CA GLY C 246 3.41 27.09 -4.95
C GLY C 246 3.14 25.76 -5.61
N VAL C 247 4.01 25.34 -6.53
CA VAL C 247 3.80 24.01 -7.09
C VAL C 247 4.24 22.95 -6.08
N LEU C 248 5.16 23.26 -5.16
CA LEU C 248 5.44 22.31 -4.08
C LEU C 248 4.29 22.26 -3.07
N ILE C 249 3.65 23.40 -2.80
CA ILE C 249 2.54 23.44 -1.86
C ILE C 249 1.31 22.74 -2.42
N PHE C 250 1.03 22.93 -3.71
CA PHE C 250 -0.04 22.17 -4.37
C PHE C 250 0.27 20.68 -4.43
N ALA C 251 1.53 20.30 -4.58
CA ALA C 251 1.89 18.89 -4.56
C ALA C 251 1.67 18.27 -3.18
N THR C 252 1.99 19.00 -2.11
CA THR C 252 1.72 18.47 -0.76
C THR C 252 0.24 18.45 -0.44
N ILE C 253 -0.55 19.39 -0.97
CA ILE C 253 -2.00 19.38 -0.77
C ILE C 253 -2.62 18.16 -1.44
N VAL C 254 -2.26 17.91 -2.71
CA VAL C 254 -2.79 16.75 -3.43
C VAL C 254 -2.30 15.45 -2.81
N GLY C 255 -1.07 15.42 -2.30
CA GLY C 255 -0.57 14.23 -1.64
C GLY C 255 -1.24 13.94 -0.31
N ASN C 256 -1.50 14.98 0.49
CA ASN C 256 -2.14 14.76 1.79
C ASN C 256 -3.61 14.44 1.65
N VAL C 257 -4.32 15.08 0.71
CA VAL C 257 -5.73 14.76 0.54
C VAL C 257 -5.90 13.41 -0.16
N GLY C 258 -4.97 13.03 -1.05
CA GLY C 258 -4.99 11.69 -1.59
C GLY C 258 -4.64 10.61 -0.59
N SER C 259 -3.75 10.92 0.36
CA SER C 259 -3.46 9.98 1.44
C SER C 259 -4.62 9.88 2.42
N MET C 260 -5.34 10.99 2.68
CA MET C 260 -6.52 10.93 3.53
C MET C 260 -7.65 10.15 2.87
N ILE C 261 -7.79 10.26 1.55
CA ILE C 261 -8.81 9.48 0.85
C ILE C 261 -8.41 8.00 0.82
N SER C 262 -7.11 7.72 0.66
CA SER C 262 -6.67 6.33 0.62
C SER C 262 -6.67 5.67 2.00
N ASN C 263 -6.61 6.45 3.08
CA ASN C 263 -6.68 5.90 4.42
C ASN C 263 -8.04 6.07 5.09
N MET C 264 -8.99 6.74 4.44
CA MET C 264 -10.33 6.84 4.97
C MET C 264 -11.18 5.64 4.63
N ASN C 265 -10.81 4.87 3.61
CA ASN C 265 -11.52 3.64 3.27
C ASN C 265 -10.53 2.53 2.94
N ALA C 266 -9.47 2.40 3.74
CA ALA C 266 -8.51 1.32 3.53
C ALA C 266 -9.10 -0.02 3.91
N SER C 267 -9.81 -0.09 5.03
CA SER C 267 -10.44 -1.34 5.47
C SER C 267 -11.57 -1.74 4.52
N ARG C 268 -12.32 -0.76 4.02
CA ARG C 268 -13.35 -1.02 3.03
C ARG C 268 -12.75 -1.54 1.72
N ALA C 269 -11.60 -1.00 1.34
CA ALA C 269 -10.96 -1.47 0.11
C ALA C 269 -10.38 -2.87 0.27
N GLU C 270 -9.86 -3.21 1.46
CA GLU C 270 -9.34 -4.57 1.65
C GLU C 270 -10.46 -5.59 1.76
N PHE C 271 -11.59 -5.22 2.37
CA PHE C 271 -12.75 -6.10 2.39
C PHE C 271 -13.33 -6.30 1.00
N GLN C 272 -13.36 -5.24 0.19
CA GLN C 272 -13.83 -5.36 -1.18
C GLN C 272 -12.87 -6.17 -2.03
N ALA C 273 -11.57 -6.11 -1.76
CA ALA C 273 -10.61 -6.93 -2.49
C ALA C 273 -10.77 -8.41 -2.13
N LYS C 274 -11.10 -8.69 -0.86
CA LYS C 274 -11.41 -10.06 -0.46
C LYS C 274 -12.70 -10.55 -1.11
N ILE C 275 -13.71 -9.69 -1.21
CA ILE C 275 -14.98 -10.04 -1.85
C ILE C 275 -14.79 -10.33 -3.34
N ASP C 276 -14.01 -9.50 -4.04
CA ASP C 276 -13.80 -9.75 -5.47
C ASP C 276 -12.89 -10.94 -5.70
N SER C 277 -11.99 -11.25 -4.78
CA SER C 277 -11.18 -12.45 -4.95
C SER C 277 -11.99 -13.72 -4.72
N ILE C 278 -12.92 -13.69 -3.76
CA ILE C 278 -13.83 -14.82 -3.53
C ILE C 278 -14.76 -15.01 -4.72
N LYS C 279 -15.29 -13.90 -5.28
CA LYS C 279 -16.14 -13.95 -6.46
C LYS C 279 -15.37 -14.45 -7.68
N GLN C 280 -14.09 -14.10 -7.79
CA GLN C 280 -13.28 -14.59 -8.90
C GLN C 280 -13.00 -16.08 -8.77
N TYR C 281 -12.77 -16.57 -7.54
CA TYR C 281 -12.59 -18.00 -7.32
C TYR C 281 -13.86 -18.78 -7.58
N MET C 282 -15.01 -18.24 -7.18
CA MET C 282 -16.26 -18.95 -7.34
C MET C 282 -16.81 -18.86 -8.76
N GLN C 283 -16.39 -17.88 -9.55
CA GLN C 283 -16.68 -17.92 -10.97
C GLN C 283 -15.66 -18.71 -11.76
N PHE C 284 -14.47 -18.95 -11.20
CA PHE C 284 -13.53 -19.86 -11.85
C PHE C 284 -13.92 -21.32 -11.67
N ARG C 285 -14.06 -21.76 -10.42
CA ARG C 285 -14.37 -23.17 -10.20
C ARG C 285 -15.84 -23.50 -10.44
N LYS C 286 -16.68 -22.48 -10.58
CA LYS C 286 -18.11 -22.57 -10.94
C LYS C 286 -18.90 -23.39 -9.90
N VAL C 287 -19.02 -22.78 -8.72
CA VAL C 287 -19.84 -23.33 -7.66
C VAL C 287 -21.31 -23.06 -7.98
N THR C 288 -22.21 -23.73 -7.26
CA THR C 288 -23.62 -23.47 -7.44
C THR C 288 -24.00 -22.13 -6.84
N LYS C 289 -25.09 -21.55 -7.37
CA LYS C 289 -25.45 -20.18 -7.03
C LYS C 289 -26.00 -20.05 -5.62
N ASP C 290 -26.56 -21.13 -5.05
CA ASP C 290 -27.04 -21.06 -3.67
C ASP C 290 -25.86 -20.96 -2.70
N LEU C 291 -24.80 -21.73 -2.95
CA LEU C 291 -23.59 -21.60 -2.14
C LEU C 291 -22.88 -20.28 -2.40
N GLU C 292 -22.93 -19.77 -3.63
CA GLU C 292 -22.30 -18.50 -3.94
C GLU C 292 -22.97 -17.34 -3.20
N THR C 293 -24.31 -17.28 -3.24
CA THR C 293 -25.01 -16.25 -2.48
C THR C 293 -24.97 -16.49 -0.96
N ARG C 294 -24.79 -17.76 -0.53
CA ARG C 294 -24.61 -18.02 0.90
C ARG C 294 -23.30 -17.45 1.41
N VAL C 295 -22.21 -17.66 0.66
CA VAL C 295 -20.90 -17.14 1.05
C VAL C 295 -20.86 -15.62 0.93
N ILE C 296 -21.56 -15.07 -0.07
CA ILE C 296 -21.55 -13.63 -0.26
C ILE C 296 -22.38 -12.92 0.81
N ARG C 297 -23.56 -13.45 1.15
CA ARG C 297 -24.35 -12.86 2.23
C ARG C 297 -23.71 -13.10 3.60
N TRP C 298 -22.86 -14.13 3.67
CA TRP C 298 -22.13 -14.43 4.88
C TRP C 298 -21.04 -13.38 5.07
N PHE C 299 -20.41 -12.95 3.99
CA PHE C 299 -19.36 -11.93 4.09
C PHE C 299 -19.92 -10.53 4.27
N ASP C 300 -21.09 -10.24 3.69
CA ASP C 300 -21.73 -8.96 3.95
C ASP C 300 -22.28 -8.88 5.37
N TYR C 301 -22.70 -10.01 5.96
CA TYR C 301 -23.08 -10.01 7.37
C TYR C 301 -21.87 -9.78 8.26
N LEU C 302 -20.72 -10.38 7.90
CA LEU C 302 -19.51 -10.17 8.69
C LEU C 302 -18.99 -8.74 8.58
N TRP C 303 -19.23 -8.08 7.44
CA TRP C 303 -18.82 -6.68 7.36
C TRP C 303 -19.80 -5.76 8.09
N ALA C 304 -21.11 -5.99 7.94
CA ALA C 304 -22.09 -5.14 8.59
C ALA C 304 -22.11 -5.30 10.10
N ASN C 305 -21.67 -6.45 10.61
CA ASN C 305 -21.59 -6.62 12.05
C ASN C 305 -20.16 -6.42 12.59
N LYS C 306 -19.36 -5.68 11.83
CA LYS C 306 -17.99 -5.31 12.15
C LYS C 306 -17.15 -6.40 12.82
N LYS C 307 -17.16 -7.59 12.24
CA LYS C 307 -16.37 -8.70 12.76
C LYS C 307 -15.58 -9.41 11.68
N THR C 308 -15.27 -8.70 10.59
CA THR C 308 -14.71 -9.35 9.40
C THR C 308 -13.25 -9.73 9.59
N VAL C 309 -12.52 -9.02 10.43
CA VAL C 309 -11.11 -9.26 10.67
C VAL C 309 -10.96 -10.17 11.89
N ASP C 310 -10.09 -11.16 11.78
CA ASP C 310 -10.02 -12.24 12.77
C ASP C 310 -9.35 -11.74 14.05
N GLU C 311 -9.80 -12.30 15.18
CA GLU C 311 -9.41 -11.89 16.52
C GLU C 311 -7.91 -12.05 16.77
N LYS C 312 -7.30 -13.10 16.19
CA LYS C 312 -5.86 -13.28 16.32
C LYS C 312 -5.09 -12.21 15.56
N GLU C 313 -5.63 -11.74 14.44
CA GLU C 313 -4.93 -10.70 13.69
C GLU C 313 -5.15 -9.32 14.28
N VAL C 314 -6.28 -9.10 14.97
CA VAL C 314 -6.46 -7.82 15.64
C VAL C 314 -5.59 -7.74 16.89
N LEU C 315 -5.59 -8.80 17.69
CA LEU C 315 -4.88 -8.80 18.96
C LEU C 315 -3.41 -9.22 18.83
N LYS C 316 -2.86 -9.23 17.61
CA LYS C 316 -1.49 -9.71 17.41
C LYS C 316 -0.46 -8.73 17.95
N SER C 317 -0.73 -7.43 17.89
CA SER C 317 0.22 -6.44 18.34
C SER C 317 0.32 -6.34 19.85
N LEU C 318 -0.68 -6.83 20.56
CA LEU C 318 -0.77 -6.66 21.99
C LEU C 318 0.18 -7.60 22.72
N PRO C 319 0.59 -7.25 23.95
CA PRO C 319 1.34 -8.21 24.77
C PRO C 319 0.44 -9.36 25.23
N ASP C 320 1.08 -10.36 25.82
CA ASP C 320 0.32 -11.53 26.27
C ASP C 320 -0.52 -11.21 27.50
N LYS C 321 -0.09 -10.24 28.31
CA LYS C 321 -0.87 -9.86 29.48
C LYS C 321 -2.14 -9.12 29.11
N LEU C 322 -2.06 -8.18 28.16
CA LEU C 322 -3.27 -7.48 27.74
C LEU C 322 -4.14 -8.35 26.84
N LYS C 323 -3.54 -9.28 26.09
CA LYS C 323 -4.33 -10.28 25.37
C LYS C 323 -5.10 -11.16 26.34
N ALA C 324 -4.47 -11.53 27.47
CA ALA C 324 -5.15 -12.37 28.45
C ALA C 324 -6.23 -11.60 29.18
N GLU C 325 -6.01 -10.32 29.48
CA GLU C 325 -7.04 -9.54 30.15
C GLU C 325 -8.21 -9.24 29.23
N ILE C 326 -7.95 -9.02 27.93
CA ILE C 326 -9.04 -8.82 26.97
C ILE C 326 -9.81 -10.11 26.75
N ALA C 327 -9.12 -11.25 26.69
CA ALA C 327 -9.81 -12.53 26.54
C ALA C 327 -10.63 -12.89 27.77
N ILE C 328 -10.17 -12.50 28.98
CA ILE C 328 -10.96 -12.71 30.19
C ILE C 328 -12.20 -11.82 30.17
N ASN C 329 -12.02 -10.52 29.92
CA ASN C 329 -13.13 -9.57 29.98
C ASN C 329 -14.12 -9.72 28.84
N VAL C 330 -13.77 -10.43 27.78
CA VAL C 330 -14.76 -10.78 26.77
C VAL C 330 -15.41 -12.12 27.12
N HIS C 331 -14.60 -13.17 27.25
CA HIS C 331 -15.12 -14.53 27.20
C HIS C 331 -15.55 -15.08 28.56
N LEU C 332 -15.21 -14.43 29.68
CA LEU C 332 -15.48 -15.05 30.97
C LEU C 332 -16.93 -14.93 31.38
N ASP C 333 -17.64 -13.88 30.95
CA ASP C 333 -19.07 -13.80 31.22
C ASP C 333 -19.87 -14.81 30.41
N THR C 334 -19.34 -15.28 29.29
CA THR C 334 -19.90 -16.44 28.62
C THR C 334 -19.52 -17.73 29.34
N LEU C 335 -18.24 -17.86 29.69
CA LEU C 335 -17.70 -19.10 30.23
C LEU C 335 -17.97 -19.28 31.72
N LYS C 336 -18.73 -18.40 32.37
CA LYS C 336 -19.32 -18.72 33.66
C LYS C 336 -20.81 -18.97 33.57
N LYS C 337 -21.38 -18.97 32.37
CA LYS C 337 -22.76 -19.39 32.17
C LYS C 337 -22.88 -20.85 31.77
N VAL C 338 -21.77 -21.51 31.49
CA VAL C 338 -21.75 -22.96 31.34
C VAL C 338 -21.93 -23.59 32.71
N ARG C 339 -22.81 -24.58 32.81
CA ARG C 339 -23.10 -25.21 34.08
C ARG C 339 -22.13 -26.33 34.41
N ILE C 340 -21.13 -26.54 33.56
CA ILE C 340 -20.14 -27.59 33.74
C ILE C 340 -18.87 -27.09 34.41
N PHE C 341 -18.32 -25.96 33.94
CA PHE C 341 -17.02 -25.48 34.39
C PHE C 341 -17.09 -24.64 35.67
N GLN C 342 -18.12 -24.82 36.49
CA GLN C 342 -18.29 -23.96 37.66
C GLN C 342 -17.35 -24.32 38.80
N ASP C 343 -16.85 -25.55 38.84
CA ASP C 343 -15.85 -25.97 39.82
C ASP C 343 -14.51 -26.15 39.12
N CYS C 344 -13.81 -25.03 38.97
CA CYS C 344 -12.51 -24.99 38.29
C CYS C 344 -11.78 -23.75 38.75
N GLU C 345 -10.50 -23.67 38.41
CA GLU C 345 -9.62 -22.66 38.97
C GLU C 345 -9.21 -21.61 37.94
N ALA C 346 -8.46 -20.63 38.45
CA ALA C 346 -8.17 -19.41 37.70
C ALA C 346 -7.21 -19.66 36.56
N GLY C 347 -6.19 -20.51 36.77
CA GLY C 347 -5.23 -20.79 35.70
C GLY C 347 -5.83 -21.61 34.58
N LEU C 348 -6.74 -22.54 34.91
CA LEU C 348 -7.42 -23.30 33.87
C LEU C 348 -8.41 -22.43 33.12
N LEU C 349 -9.07 -21.48 33.81
CA LEU C 349 -9.98 -20.58 33.11
C LEU C 349 -9.23 -19.59 32.23
N VAL C 350 -8.04 -19.14 32.67
CA VAL C 350 -7.21 -18.25 31.85
C VAL C 350 -6.71 -18.97 30.61
N GLU C 351 -6.24 -20.21 30.75
CA GLU C 351 -5.76 -20.95 29.59
C GLU C 351 -6.90 -21.36 28.67
N LEU C 352 -8.10 -21.60 29.23
CA LEU C 352 -9.25 -21.94 28.40
C LEU C 352 -9.71 -20.74 27.58
N VAL C 353 -9.83 -19.56 28.20
CA VAL C 353 -10.21 -18.39 27.42
C VAL C 353 -9.07 -17.84 26.57
N LEU C 354 -7.85 -18.33 26.76
CA LEU C 354 -6.81 -18.02 25.78
C LEU C 354 -6.92 -18.90 24.55
N LYS C 355 -7.27 -20.18 24.71
CA LYS C 355 -7.26 -21.08 23.56
C LYS C 355 -8.60 -21.19 22.85
N LEU C 356 -9.44 -20.16 22.93
CA LEU C 356 -10.70 -20.09 22.19
C LEU C 356 -10.50 -19.32 20.90
N ARG C 357 -11.18 -19.75 19.83
CA ARG C 357 -11.16 -19.03 18.56
C ARG C 357 -12.57 -18.96 18.02
N PRO C 358 -13.15 -17.77 17.88
CA PRO C 358 -14.54 -17.68 17.41
C PRO C 358 -14.67 -17.85 15.91
N THR C 359 -15.65 -18.65 15.50
CA THR C 359 -16.03 -18.81 14.11
C THR C 359 -17.53 -18.61 13.97
N VAL C 360 -17.94 -17.76 13.04
CA VAL C 360 -19.34 -17.39 12.86
C VAL C 360 -19.93 -18.30 11.80
N PHE C 361 -21.11 -18.86 12.07
CA PHE C 361 -21.82 -19.72 11.12
C PHE C 361 -23.01 -18.97 10.55
N SER C 362 -23.44 -19.38 9.38
CA SER C 362 -24.61 -18.85 8.72
C SER C 362 -25.81 -19.75 8.99
N PRO C 363 -27.05 -19.29 8.73
CA PRO C 363 -28.20 -20.18 8.88
C PRO C 363 -28.19 -21.36 7.93
N GLY C 364 -28.63 -22.50 8.45
CA GLY C 364 -28.62 -23.73 7.71
C GLY C 364 -27.31 -24.50 7.76
N ASP C 365 -26.26 -23.90 8.30
CA ASP C 365 -24.95 -24.51 8.24
C ASP C 365 -24.82 -25.57 9.32
N TYR C 366 -24.14 -26.66 8.99
CA TYR C 366 -23.96 -27.78 9.90
C TYR C 366 -22.72 -27.56 10.76
N ILE C 367 -22.88 -27.71 12.07
CA ILE C 367 -21.74 -27.66 12.96
C ILE C 367 -21.03 -29.01 13.00
N CYS C 368 -21.77 -30.05 13.37
CA CYS C 368 -21.22 -31.40 13.43
C CYS C 368 -22.32 -32.38 13.08
N LYS C 369 -22.03 -33.32 12.18
CA LYS C 369 -23.00 -34.29 11.75
C LYS C 369 -22.89 -35.57 12.57
N LYS C 370 -23.99 -36.32 12.64
CA LYS C 370 -24.07 -37.53 13.45
C LYS C 370 -23.20 -38.64 12.84
N GLY C 371 -22.46 -39.33 13.69
CA GLY C 371 -21.61 -40.42 13.26
C GLY C 371 -20.19 -40.04 12.93
N ASP C 372 -19.74 -38.86 13.36
CA ASP C 372 -18.42 -38.36 13.04
C ASP C 372 -17.49 -38.42 14.25
N ILE C 373 -16.19 -38.35 13.97
CA ILE C 373 -15.18 -38.35 15.02
C ILE C 373 -15.08 -36.95 15.58
N GLY C 374 -15.27 -36.82 16.90
CA GLY C 374 -15.26 -35.52 17.54
C GLY C 374 -13.88 -34.95 17.82
N LYS C 375 -13.61 -33.77 17.29
CA LYS C 375 -12.32 -33.13 17.44
C LYS C 375 -12.41 -31.69 17.93
N GLU C 376 -13.61 -31.18 18.20
CA GLU C 376 -13.79 -29.80 18.64
C GLU C 376 -14.87 -29.76 19.71
N MET C 377 -14.78 -28.76 20.57
CA MET C 377 -15.84 -28.42 21.53
C MET C 377 -16.29 -27.00 21.24
N TYR C 378 -17.59 -26.74 21.37
CA TYR C 378 -18.14 -25.45 21.02
C TYR C 378 -18.90 -24.85 22.21
N ILE C 379 -18.74 -23.54 22.40
CA ILE C 379 -19.48 -22.77 23.38
C ILE C 379 -20.20 -21.66 22.64
N ILE C 380 -21.50 -21.58 22.80
CA ILE C 380 -22.31 -20.65 22.04
C ILE C 380 -22.27 -19.28 22.69
N ASN C 381 -22.18 -18.24 21.87
CA ASN C 381 -22.16 -16.86 22.35
C ASN C 381 -22.73 -15.98 21.24
N GLU C 382 -23.87 -15.34 21.51
CA GLU C 382 -24.66 -14.58 20.53
C GLU C 382 -25.03 -15.48 19.34
N GLY C 383 -25.83 -16.48 19.65
CA GLY C 383 -26.28 -17.40 18.61
C GLY C 383 -27.49 -18.16 19.10
N LYS C 384 -28.02 -18.99 18.23
CA LYS C 384 -29.15 -19.86 18.57
C LYS C 384 -29.14 -21.05 17.64
N LEU C 385 -28.98 -22.24 18.19
CA LEU C 385 -28.73 -23.43 17.39
C LEU C 385 -29.85 -24.42 17.58
N ALA C 386 -29.71 -25.58 16.94
CA ALA C 386 -30.72 -26.63 17.03
C ALA C 386 -30.08 -27.96 16.68
N VAL C 387 -30.22 -28.94 17.57
CA VAL C 387 -29.85 -30.30 17.23
C VAL C 387 -31.00 -30.95 16.48
N VAL C 388 -30.72 -31.42 15.27
CA VAL C 388 -31.74 -31.98 14.41
C VAL C 388 -31.47 -33.46 14.20
N ALA C 389 -32.42 -34.13 13.54
CA ALA C 389 -32.27 -35.53 13.18
C ALA C 389 -31.62 -35.63 11.81
N ASP C 390 -31.61 -36.83 11.24
CA ASP C 390 -30.99 -37.04 9.93
C ASP C 390 -31.92 -36.69 8.78
N ASP C 391 -33.20 -36.39 9.06
CA ASP C 391 -34.16 -36.17 7.98
C ASP C 391 -34.13 -34.74 7.47
N GLY C 392 -33.99 -33.77 8.36
CA GLY C 392 -34.11 -32.39 7.96
C GLY C 392 -34.14 -31.44 9.15
N VAL C 393 -35.15 -30.59 9.20
CA VAL C 393 -35.28 -29.60 10.27
C VAL C 393 -36.34 -30.15 11.23
N THR C 394 -35.88 -30.88 12.24
CA THR C 394 -36.70 -31.30 13.38
C THR C 394 -35.99 -30.85 14.66
N GLN C 395 -36.53 -29.84 15.31
CA GLN C 395 -35.91 -29.26 16.49
C GLN C 395 -36.17 -30.16 17.70
N PHE C 396 -35.12 -30.80 18.22
CA PHE C 396 -35.25 -31.53 19.47
C PHE C 396 -34.94 -30.62 20.66
N VAL C 397 -33.72 -30.10 20.72
CA VAL C 397 -33.33 -29.10 21.71
C VAL C 397 -32.85 -27.88 20.93
N VAL C 398 -33.26 -26.69 21.36
CA VAL C 398 -32.76 -25.45 20.81
C VAL C 398 -31.65 -24.99 21.75
N LEU C 399 -30.41 -25.25 21.35
CA LEU C 399 -29.26 -24.75 22.10
C LEU C 399 -29.14 -23.25 21.91
N SER C 400 -28.93 -22.53 22.99
CA SER C 400 -29.09 -21.09 22.99
C SER C 400 -27.80 -20.42 23.45
N ASP C 401 -27.91 -19.14 23.79
CA ASP C 401 -26.78 -18.35 24.26
C ASP C 401 -26.23 -18.88 25.58
N GLY C 402 -24.93 -19.11 25.62
CA GLY C 402 -24.27 -19.56 26.82
C GLY C 402 -24.29 -21.06 27.05
N SER C 403 -25.04 -21.81 26.25
CA SER C 403 -25.09 -23.25 26.40
C SER C 403 -23.88 -23.88 25.71
N TYR C 404 -23.85 -25.20 25.63
CA TYR C 404 -22.59 -25.88 25.39
C TYR C 404 -22.85 -27.21 24.70
N PHE C 405 -21.97 -27.58 23.79
CA PHE C 405 -22.02 -28.89 23.17
C PHE C 405 -20.62 -29.26 22.70
N GLY C 406 -20.49 -30.50 22.27
CA GLY C 406 -19.22 -31.00 21.80
C GLY C 406 -18.31 -31.55 22.87
N GLU C 407 -18.77 -31.68 24.10
CA GLU C 407 -17.93 -32.02 25.22
C GLU C 407 -17.92 -33.51 25.55
N ILE C 408 -18.56 -34.34 24.72
CA ILE C 408 -18.64 -35.77 24.99
C ILE C 408 -17.89 -36.61 23.97
N SER C 409 -17.52 -36.06 22.83
CA SER C 409 -16.85 -36.83 21.80
C SER C 409 -15.42 -36.38 21.55
N ILE C 410 -14.86 -35.53 22.42
CA ILE C 410 -13.44 -35.19 22.37
C ILE C 410 -12.65 -35.79 23.51
N LEU C 411 -13.31 -36.29 24.56
CA LEU C 411 -12.59 -36.86 25.68
C LEU C 411 -12.21 -38.32 25.45
N ASN C 412 -12.89 -39.00 24.51
CA ASN C 412 -12.61 -40.36 24.07
C ASN C 412 -12.68 -41.38 25.21
N ILE C 413 -13.81 -41.35 25.93
CA ILE C 413 -14.01 -42.26 27.05
C ILE C 413 -14.50 -43.58 26.50
N LYS C 414 -13.60 -44.56 26.42
CA LYS C 414 -13.93 -45.87 25.88
C LYS C 414 -14.66 -46.71 26.92
N GLY C 415 -15.24 -47.81 26.46
CA GLY C 415 -16.05 -48.66 27.30
C GLY C 415 -17.51 -48.31 27.35
N SER C 416 -17.95 -47.31 26.60
CA SER C 416 -19.33 -46.88 26.55
C SER C 416 -19.95 -47.27 25.21
N LYS C 417 -21.24 -46.96 25.05
CA LYS C 417 -21.95 -47.32 23.84
C LYS C 417 -21.71 -46.32 22.71
N SER C 418 -21.26 -45.10 23.02
CA SER C 418 -21.08 -44.07 22.01
C SER C 418 -19.64 -43.92 21.56
N GLY C 419 -18.69 -43.97 22.48
CA GLY C 419 -17.29 -43.77 22.12
C GLY C 419 -17.02 -42.29 21.87
N ASN C 420 -16.38 -42.00 20.73
CA ASN C 420 -16.10 -40.63 20.33
C ASN C 420 -16.99 -40.17 19.18
N ARG C 421 -18.14 -40.80 19.01
CA ARG C 421 -19.04 -40.43 17.92
C ARG C 421 -20.06 -39.37 18.33
N ARG C 422 -19.99 -38.21 17.68
CA ARG C 422 -20.93 -37.13 17.98
C ARG C 422 -22.33 -37.68 17.74
N THR C 423 -23.09 -37.85 18.81
CA THR C 423 -24.42 -38.43 18.73
C THR C 423 -25.54 -37.70 17.98
N ALA C 424 -25.32 -36.44 17.58
CA ALA C 424 -26.40 -35.75 16.87
C ALA C 424 -26.02 -34.69 15.82
N ASN C 425 -26.93 -34.53 14.87
CA ASN C 425 -26.83 -33.55 13.79
C ASN C 425 -27.19 -32.18 14.36
N ILE C 426 -26.25 -31.25 14.31
CA ILE C 426 -26.44 -29.90 14.87
C ILE C 426 -26.34 -28.88 13.74
N ARG C 427 -27.41 -28.12 13.54
CA ARG C 427 -27.46 -27.02 12.58
C ARG C 427 -27.69 -25.71 13.30
N SER C 428 -27.38 -24.62 12.62
CA SER C 428 -27.60 -23.28 13.14
C SER C 428 -28.92 -22.72 12.65
N ILE C 429 -29.65 -22.06 13.54
CA ILE C 429 -30.91 -21.43 13.17
C ILE C 429 -30.62 -20.05 12.64
N GLY C 430 -29.95 -19.23 13.43
CA GLY C 430 -29.62 -17.87 13.06
C GLY C 430 -28.19 -17.74 12.59
N TYR C 431 -27.61 -16.57 12.82
CA TYR C 431 -26.19 -16.34 12.53
C TYR C 431 -25.40 -16.54 13.81
N SER C 432 -25.07 -17.78 14.09
CA SER C 432 -24.42 -18.16 15.34
C SER C 432 -22.95 -17.78 15.34
N ASP C 433 -22.43 -17.51 16.53
CA ASP C 433 -21.03 -17.12 16.71
C ASP C 433 -20.46 -18.05 17.78
N LEU C 434 -20.06 -19.23 17.40
CA LEU C 434 -19.59 -20.18 18.39
C LEU C 434 -18.15 -19.86 18.80
N PHE C 435 -17.70 -20.53 19.84
CA PHE C 435 -16.31 -20.50 20.28
C PHE C 435 -15.72 -21.88 20.06
N CYS C 436 -14.89 -22.00 19.04
CA CYS C 436 -14.25 -23.28 18.75
C CYS C 436 -13.16 -23.54 19.79
N LEU C 437 -13.31 -24.64 20.52
CA LEU C 437 -12.30 -25.10 21.48
C LEU C 437 -11.89 -26.51 21.06
N SER C 438 -10.66 -26.65 20.58
CA SER C 438 -10.24 -27.87 19.92
C SER C 438 -9.97 -28.98 20.92
N LYS C 439 -9.89 -30.21 20.41
CA LYS C 439 -9.57 -31.36 21.24
C LYS C 439 -8.12 -31.29 21.72
N ASP C 440 -7.18 -31.13 20.78
CA ASP C 440 -5.77 -31.04 21.11
C ASP C 440 -5.47 -29.77 21.90
N ASP C 441 -6.20 -28.69 21.62
CA ASP C 441 -6.05 -27.46 22.38
C ASP C 441 -6.64 -27.56 23.78
N LEU C 442 -7.42 -28.61 24.08
CA LEU C 442 -7.81 -28.88 25.46
C LEU C 442 -6.83 -29.84 26.15
N MET C 443 -6.40 -30.89 25.46
CA MET C 443 -5.45 -31.84 26.06
C MET C 443 -4.08 -31.22 26.32
N GLU C 444 -3.68 -30.23 25.53
CA GLU C 444 -2.51 -29.43 25.88
C GLU C 444 -2.87 -28.23 26.75
N ALA C 445 -4.13 -28.09 27.15
CA ALA C 445 -4.52 -27.17 28.22
C ALA C 445 -4.86 -27.93 29.50
N LEU C 446 -4.58 -29.23 29.50
CA LEU C 446 -4.71 -30.06 30.69
C LEU C 446 -3.45 -30.85 31.00
N THR C 447 -2.38 -30.68 30.20
CA THR C 447 -1.17 -31.48 30.35
C THR C 447 -0.40 -31.11 31.61
N GLU C 448 -0.36 -29.83 31.96
CA GLU C 448 0.35 -29.38 33.15
C GLU C 448 -0.51 -29.42 34.41
N TYR C 449 -1.78 -29.78 34.29
CA TYR C 449 -2.73 -29.75 35.41
C TYR C 449 -3.40 -31.12 35.49
N PRO C 450 -2.77 -32.09 36.17
CA PRO C 450 -3.33 -33.45 36.20
C PRO C 450 -4.56 -33.59 37.10
N GLU C 451 -4.61 -32.83 38.19
CA GLU C 451 -5.78 -32.87 39.06
C GLU C 451 -6.99 -32.24 38.40
N ALA C 452 -6.76 -31.15 37.66
CA ALA C 452 -7.81 -30.58 36.82
C ALA C 452 -8.18 -31.51 35.68
N LYS C 453 -7.22 -32.30 35.18
CA LYS C 453 -7.51 -33.28 34.14
C LYS C 453 -8.46 -34.36 34.65
N LYS C 454 -8.19 -34.92 35.84
CA LYS C 454 -9.11 -35.93 36.35
C LYS C 454 -10.42 -35.34 36.87
N ALA C 455 -10.44 -34.05 37.24
CA ALA C 455 -11.72 -33.40 37.51
C ALA C 455 -12.55 -33.23 36.24
N LEU C 456 -11.89 -32.91 35.12
CA LEU C 456 -12.62 -32.85 33.86
C LEU C 456 -13.05 -34.24 33.39
N GLU C 457 -12.27 -35.27 33.71
CA GLU C 457 -12.71 -36.63 33.39
C GLU C 457 -13.88 -37.07 34.28
N GLU C 458 -13.94 -36.63 35.53
CA GLU C 458 -15.07 -37.06 36.37
C GLU C 458 -16.35 -36.30 36.00
N LYS C 459 -16.24 -35.03 35.58
CA LYS C 459 -17.45 -34.38 35.07
C LYS C 459 -17.85 -34.93 33.70
N GLY C 460 -16.86 -35.37 32.90
CA GLY C 460 -17.17 -36.05 31.65
C GLY C 460 -17.82 -37.40 31.88
N ARG C 461 -17.46 -38.06 32.98
CA ARG C 461 -18.15 -39.29 33.38
C ARG C 461 -19.58 -39.01 33.82
N GLN C 462 -19.81 -37.88 34.49
CA GLN C 462 -21.18 -37.50 34.87
C GLN C 462 -22.05 -37.19 33.66
N ILE C 463 -21.53 -36.39 32.72
CA ILE C 463 -22.35 -36.01 31.57
C ILE C 463 -22.42 -37.15 30.56
N LEU C 464 -21.48 -38.09 30.60
CA LEU C 464 -21.58 -39.31 29.81
C LEU C 464 -22.58 -40.30 30.42
N MET C 465 -22.69 -40.32 31.74
CA MET C 465 -23.72 -41.13 32.38
C MET C 465 -25.11 -40.54 32.14
N LYS C 466 -25.18 -39.22 31.95
CA LYS C 466 -26.41 -38.63 31.42
C LYS C 466 -26.63 -39.03 29.97
N ASP C 467 -25.59 -38.98 29.15
CA ASP C 467 -25.71 -39.35 27.74
C ASP C 467 -25.60 -40.86 27.56
N LEU D 137 -45.88 -4.61 -2.10
CA LEU D 137 -45.80 -4.35 -0.67
C LEU D 137 -45.82 -5.64 0.14
N PRO D 138 -44.65 -6.26 0.35
CA PRO D 138 -44.59 -7.50 1.12
C PRO D 138 -44.76 -7.24 2.61
N ASN D 139 -44.94 -8.33 3.35
CA ASN D 139 -45.05 -8.24 4.80
C ASN D 139 -43.70 -7.90 5.43
N SER D 140 -42.61 -8.37 4.81
CA SER D 140 -41.27 -8.09 5.29
C SER D 140 -40.33 -8.03 4.10
N ILE D 141 -39.52 -6.97 4.04
CA ILE D 141 -38.65 -6.71 2.91
C ILE D 141 -37.25 -7.21 3.23
N ASP D 142 -36.68 -8.01 2.32
CA ASP D 142 -35.44 -8.73 2.61
C ASP D 142 -34.24 -7.80 2.59
N SER D 143 -34.24 -6.84 1.66
CA SER D 143 -33.25 -5.76 1.50
C SER D 143 -31.85 -6.27 1.20
N TYR D 144 -31.71 -7.48 0.73
CA TYR D 144 -30.47 -7.92 0.10
C TYR D 144 -30.74 -8.62 -1.21
N THR D 145 -31.83 -9.38 -1.29
CA THR D 145 -32.26 -10.04 -2.52
C THR D 145 -33.56 -9.42 -3.04
N ASP D 146 -33.69 -8.10 -2.93
CA ASP D 146 -34.90 -7.40 -3.34
C ASP D 146 -34.56 -6.25 -4.29
N ARG D 147 -34.71 -6.55 -5.59
CA ARG D 147 -34.57 -5.53 -6.62
C ARG D 147 -35.68 -4.50 -6.55
N LEU D 148 -36.85 -4.88 -6.03
CA LEU D 148 -37.92 -3.91 -5.80
C LEU D 148 -37.53 -2.92 -4.70
N TYR D 149 -36.83 -3.39 -3.67
CA TYR D 149 -36.34 -2.47 -2.64
C TYR D 149 -35.21 -1.61 -3.15
N LEU D 150 -34.41 -2.12 -4.09
CA LEU D 150 -33.43 -1.26 -4.74
C LEU D 150 -34.10 -0.19 -5.60
N LEU D 151 -35.22 -0.53 -6.24
CA LEU D 151 -35.97 0.47 -6.98
C LEU D 151 -36.64 1.48 -6.06
N TRP D 152 -37.03 1.06 -4.85
CA TRP D 152 -37.55 2.04 -3.90
C TRP D 152 -36.47 2.96 -3.38
N LEU D 153 -35.27 2.44 -3.15
CA LEU D 153 -34.19 3.33 -2.73
C LEU D 153 -33.74 4.23 -3.86
N LEU D 154 -33.92 3.80 -5.11
CA LEU D 154 -33.76 4.73 -6.24
C LEU D 154 -34.82 5.82 -6.20
N LEU D 155 -36.06 5.51 -5.79
CA LEU D 155 -37.08 6.55 -5.73
C LEU D 155 -36.83 7.55 -4.61
N VAL D 156 -36.37 7.09 -3.45
CA VAL D 156 -36.05 8.05 -2.39
C VAL D 156 -34.77 8.81 -2.72
N THR D 157 -33.88 8.21 -3.51
CA THR D 157 -32.74 8.97 -4.04
C THR D 157 -33.17 10.05 -5.02
N LEU D 158 -34.18 9.78 -5.85
CA LEU D 158 -34.61 10.80 -6.79
C LEU D 158 -35.38 11.92 -6.10
N ALA D 159 -36.13 11.61 -5.05
CA ALA D 159 -36.77 12.70 -4.29
C ALA D 159 -35.75 13.51 -3.50
N TYR D 160 -34.75 12.83 -2.93
CA TYR D 160 -33.72 13.53 -2.17
C TYR D 160 -32.79 14.32 -3.08
N ASN D 161 -32.55 13.84 -4.29
CA ASN D 161 -31.74 14.58 -5.24
C ASN D 161 -32.49 15.75 -5.83
N TRP D 162 -33.82 15.65 -5.98
CA TRP D 162 -34.62 16.82 -6.30
C TRP D 162 -34.48 17.88 -5.24
N ASN D 163 -34.52 17.49 -3.97
CA ASN D 163 -34.40 18.50 -2.90
C ASN D 163 -33.03 19.14 -2.87
N CYS D 164 -31.97 18.33 -2.96
CA CYS D 164 -30.62 18.87 -2.89
C CYS D 164 -30.25 19.68 -4.12
N CYS D 165 -30.76 19.33 -5.30
CA CYS D 165 -30.41 20.05 -6.52
C CYS D 165 -31.41 21.11 -6.90
N PHE D 166 -32.52 21.26 -6.19
CA PHE D 166 -33.50 22.26 -6.58
C PHE D 166 -34.03 23.08 -5.42
N ILE D 167 -33.27 23.06 -4.33
CA ILE D 167 -33.55 23.85 -3.14
C ILE D 167 -32.81 25.17 -3.36
N PRO D 168 -31.47 25.11 -3.56
CA PRO D 168 -30.74 26.35 -3.84
C PRO D 168 -31.05 26.97 -5.17
N LEU D 169 -31.50 26.19 -6.15
CA LEU D 169 -31.83 26.75 -7.47
C LEU D 169 -33.05 27.65 -7.38
N ARG D 170 -34.12 27.18 -6.75
CA ARG D 170 -35.27 28.04 -6.56
C ARG D 170 -35.05 29.06 -5.47
N LEU D 171 -34.11 28.82 -4.57
CA LEU D 171 -33.83 29.76 -3.51
C LEU D 171 -33.07 30.97 -4.01
N VAL D 172 -32.25 30.81 -5.05
CA VAL D 172 -31.40 31.89 -5.56
C VAL D 172 -31.88 32.40 -6.92
N PHE D 173 -32.02 31.53 -7.88
CA PHE D 173 -32.39 31.99 -9.22
C PHE D 173 -33.88 32.29 -9.27
N PRO D 174 -34.33 33.18 -10.15
CA PRO D 174 -35.77 33.40 -10.32
C PRO D 174 -36.40 32.41 -11.29
N TYR D 175 -36.36 31.13 -10.94
CA TYR D 175 -37.03 30.09 -11.70
C TYR D 175 -38.29 29.59 -11.00
N GLN D 176 -38.66 30.20 -9.89
CA GLN D 176 -39.95 29.96 -9.26
C GLN D 176 -40.89 31.11 -9.59
N THR D 177 -41.34 31.14 -10.84
CA THR D 177 -42.21 32.22 -11.28
C THR D 177 -43.67 31.86 -11.02
N ALA D 178 -44.58 32.77 -11.37
CA ALA D 178 -45.99 32.63 -11.01
C ALA D 178 -46.75 31.67 -11.90
N ASP D 179 -46.23 31.32 -13.07
CA ASP D 179 -46.85 30.32 -13.93
C ASP D 179 -46.10 28.99 -13.91
N ASN D 180 -45.10 28.85 -13.05
CA ASN D 180 -44.42 27.60 -12.82
C ASN D 180 -44.57 27.12 -11.38
N ILE D 181 -45.24 27.90 -10.53
CA ILE D 181 -45.29 27.62 -9.10
C ILE D 181 -46.16 26.39 -8.84
N HIS D 182 -47.14 26.11 -9.69
CA HIS D 182 -47.88 24.87 -9.51
C HIS D 182 -47.08 23.66 -9.97
N TYR D 183 -46.14 23.84 -10.90
CA TYR D 183 -45.27 22.73 -11.25
C TYR D 183 -44.26 22.43 -10.15
N TRP D 184 -43.72 23.48 -9.52
CA TRP D 184 -42.82 23.26 -8.39
C TRP D 184 -43.56 22.67 -7.20
N LEU D 185 -44.82 23.06 -7.01
CA LEU D 185 -45.60 22.47 -5.92
C LEU D 185 -46.00 21.04 -6.23
N ILE D 186 -46.24 20.70 -7.51
CA ILE D 186 -46.61 19.33 -7.85
C ILE D 186 -45.43 18.39 -7.65
N ALA D 187 -44.23 18.79 -8.09
CA ALA D 187 -43.08 17.92 -7.90
C ALA D 187 -42.60 17.93 -6.45
N ASP D 188 -42.88 18.99 -5.71
CA ASP D 188 -42.53 18.97 -4.29
C ASP D 188 -43.52 18.17 -3.46
N ILE D 189 -44.79 18.10 -3.85
CA ILE D 189 -45.75 17.21 -3.20
C ILE D 189 -45.44 15.75 -3.53
N ILE D 190 -44.99 15.46 -4.76
CA ILE D 190 -44.55 14.11 -5.11
C ILE D 190 -43.31 13.72 -4.30
N CYS D 191 -42.41 14.69 -4.06
CA CYS D 191 -41.25 14.46 -3.21
C CYS D 191 -41.63 14.20 -1.76
N ASP D 192 -42.60 14.94 -1.23
CA ASP D 192 -43.02 14.72 0.15
C ASP D 192 -43.81 13.43 0.31
N ILE D 193 -44.55 13.02 -0.71
CA ILE D 193 -45.27 11.74 -0.68
C ILE D 193 -44.31 10.57 -0.73
N ILE D 194 -43.21 10.68 -1.50
CA ILE D 194 -42.20 9.62 -1.52
C ILE D 194 -41.46 9.55 -0.18
N TYR D 195 -41.17 10.70 0.44
CA TYR D 195 -40.59 10.73 1.78
C TYR D 195 -41.51 10.11 2.83
N LEU D 196 -42.80 10.43 2.77
CA LEU D 196 -43.75 9.92 3.77
C LEU D 196 -44.05 8.45 3.58
N TYR D 197 -44.13 7.99 2.32
CA TYR D 197 -44.32 6.58 2.07
C TYR D 197 -43.10 5.78 2.48
N ASP D 198 -41.91 6.37 2.38
CA ASP D 198 -40.71 5.74 2.92
C ASP D 198 -40.77 5.66 4.43
N MET D 199 -41.19 6.72 5.09
CA MET D 199 -41.22 6.71 6.55
C MET D 199 -42.34 5.85 7.11
N LEU D 200 -43.37 5.54 6.32
CA LEU D 200 -44.50 4.79 6.85
C LEU D 200 -44.53 3.33 6.38
N PHE D 201 -44.51 3.07 5.08
CA PHE D 201 -44.89 1.76 4.60
C PHE D 201 -43.75 0.93 4.03
N ILE D 202 -42.49 1.39 4.11
CA ILE D 202 -41.39 0.58 3.61
C ILE D 202 -40.34 0.37 4.70
N GLN D 203 -39.84 1.45 5.27
CA GLN D 203 -38.81 1.35 6.30
C GLN D 203 -39.23 0.72 7.64
N PRO D 204 -40.54 0.68 8.03
CA PRO D 204 -40.94 -0.30 9.06
C PRO D 204 -41.17 -1.72 8.56
N ARG D 205 -40.65 -2.12 7.41
CA ARG D 205 -40.84 -3.49 6.94
C ARG D 205 -39.54 -4.20 6.59
N LEU D 206 -38.42 -3.79 7.17
CA LEU D 206 -37.11 -4.28 6.74
C LEU D 206 -36.63 -5.44 7.61
N GLN D 207 -36.25 -6.54 6.96
CA GLN D 207 -35.70 -7.72 7.63
C GLN D 207 -34.33 -7.40 8.22
N PHE D 208 -34.21 -7.51 9.53
CA PHE D 208 -32.95 -7.22 10.19
C PHE D 208 -32.60 -8.36 11.13
N VAL D 209 -31.33 -8.40 11.53
CA VAL D 209 -30.79 -9.49 12.34
C VAL D 209 -30.48 -8.96 13.72
N ARG D 210 -31.13 -9.54 14.73
CA ARG D 210 -30.90 -9.19 16.13
C ARG D 210 -30.43 -10.43 16.86
N GLY D 211 -29.20 -10.39 17.37
CA GLY D 211 -28.68 -11.48 18.16
C GLY D 211 -28.45 -12.77 17.41
N GLY D 212 -28.18 -12.68 16.11
CA GLY D 212 -27.97 -13.87 15.34
C GLY D 212 -29.18 -14.26 14.53
N ASP D 213 -30.38 -14.14 15.12
CA ASP D 213 -31.60 -14.59 14.48
C ASP D 213 -32.17 -13.49 13.60
N ILE D 214 -32.57 -13.85 12.38
CA ILE D 214 -33.26 -12.91 11.52
C ILE D 214 -34.69 -12.72 12.01
N ILE D 215 -35.28 -11.58 11.68
CA ILE D 215 -36.58 -11.19 12.21
C ILE D 215 -37.57 -11.12 11.06
N VAL D 216 -38.71 -11.79 11.24
CA VAL D 216 -39.80 -11.76 10.27
C VAL D 216 -41.03 -11.05 10.84
N ASP D 217 -41.21 -11.04 12.16
CA ASP D 217 -42.41 -10.54 12.82
C ASP D 217 -42.52 -9.02 12.69
N SER D 218 -43.64 -8.57 12.10
CA SER D 218 -43.76 -7.23 11.55
C SER D 218 -43.83 -6.17 12.64
N ASN D 219 -44.42 -6.51 13.79
CA ASN D 219 -44.42 -5.59 14.92
C ASN D 219 -43.02 -5.42 15.49
N GLU D 220 -42.21 -6.48 15.45
CA GLU D 220 -40.83 -6.35 15.92
C GLU D 220 -39.97 -5.56 14.95
N LEU D 221 -40.23 -5.69 13.63
CA LEU D 221 -39.56 -4.82 12.66
C LEU D 221 -39.96 -3.36 12.85
N ARG D 222 -41.23 -3.11 13.14
CA ARG D 222 -41.72 -1.76 13.38
C ARG D 222 -41.12 -1.16 14.63
N LYS D 223 -40.98 -1.96 15.70
CA LYS D 223 -40.30 -1.50 16.90
C LYS D 223 -38.82 -1.23 16.66
N HIS D 224 -38.18 -2.03 15.80
CA HIS D 224 -36.77 -1.83 15.52
C HIS D 224 -36.53 -0.57 14.71
N TYR D 225 -37.38 -0.28 13.73
CA TYR D 225 -37.20 0.95 12.96
C TYR D 225 -37.60 2.17 13.77
N ARG D 226 -38.63 2.07 14.62
CA ARG D 226 -39.02 3.20 15.46
C ARG D 226 -37.96 3.52 16.52
N THR D 227 -37.24 2.51 17.00
CA THR D 227 -36.12 2.75 17.90
C THR D 227 -34.78 2.70 17.18
N SER D 228 -34.73 3.19 15.95
CA SER D 228 -33.50 3.28 15.18
C SER D 228 -33.07 4.74 15.05
N THR D 229 -31.88 4.94 14.48
CA THR D 229 -31.36 6.29 14.27
C THR D 229 -31.65 6.82 12.88
N LYS D 230 -32.27 6.01 12.02
CA LYS D 230 -32.83 6.57 10.79
C LYS D 230 -34.07 7.38 11.06
N PHE D 231 -34.87 6.96 12.05
CA PHE D 231 -36.16 7.57 12.27
C PHE D 231 -36.03 8.97 12.86
N GLN D 232 -34.92 9.25 13.54
CA GLN D 232 -34.66 10.59 14.03
C GLN D 232 -34.47 11.57 12.86
N LEU D 233 -33.67 11.16 11.87
CA LEU D 233 -33.44 11.99 10.69
C LEU D 233 -34.69 12.09 9.83
N ASP D 234 -35.45 11.00 9.71
CA ASP D 234 -36.63 11.01 8.84
C ASP D 234 -37.76 11.86 9.43
N VAL D 235 -38.04 11.72 10.72
CA VAL D 235 -39.08 12.56 11.30
C VAL D 235 -38.57 13.97 11.56
N ALA D 236 -37.25 14.20 11.52
CA ALA D 236 -36.76 15.57 11.56
C ALA D 236 -36.72 16.20 10.18
N SER D 237 -36.75 15.38 9.12
CA SER D 237 -36.77 15.90 7.76
C SER D 237 -38.18 16.19 7.26
N ILE D 238 -39.17 15.42 7.67
CA ILE D 238 -40.48 15.49 7.02
C ILE D 238 -41.39 16.50 7.75
N ILE D 239 -40.80 17.31 8.64
CA ILE D 239 -41.52 18.34 9.39
C ILE D 239 -42.10 19.39 8.45
N PRO D 240 -43.41 19.53 8.39
CA PRO D 240 -44.01 20.40 7.37
C PRO D 240 -43.89 21.86 7.70
N PHE D 241 -42.75 22.44 7.31
CA PHE D 241 -42.58 23.90 7.25
C PHE D 241 -43.22 24.51 6.01
N ASP D 242 -43.86 23.69 5.16
CA ASP D 242 -44.68 24.20 4.07
C ASP D 242 -46.00 24.75 4.55
N ILE D 243 -46.38 24.50 5.81
CA ILE D 243 -47.49 25.22 6.43
C ILE D 243 -47.08 26.59 6.92
N CYS D 244 -45.78 26.90 6.92
CA CYS D 244 -45.28 28.22 7.22
C CYS D 244 -45.16 29.07 5.94
N TYR D 245 -45.78 28.61 4.85
CA TYR D 245 -45.82 29.39 3.61
C TYR D 245 -46.72 30.61 3.72
N LEU D 246 -47.61 30.67 4.70
CA LEU D 246 -48.48 31.84 4.84
C LEU D 246 -47.77 33.01 5.51
N PHE D 247 -46.66 32.77 6.21
CA PHE D 247 -46.00 33.85 6.93
C PHE D 247 -45.07 34.64 6.01
N PHE D 248 -44.13 33.97 5.35
CA PHE D 248 -43.13 34.63 4.53
C PHE D 248 -43.18 34.18 3.07
N GLY D 249 -44.36 33.80 2.58
CA GLY D 249 -44.52 33.47 1.18
C GLY D 249 -43.95 32.11 0.82
N PHE D 250 -43.95 31.83 -0.48
CA PHE D 250 -43.34 30.61 -1.01
C PHE D 250 -41.83 30.80 -1.00
N ASN D 251 -41.18 30.21 0.01
CA ASN D 251 -39.73 30.34 0.18
C ASN D 251 -39.22 28.92 0.32
N PRO D 252 -38.30 28.46 -0.54
CA PRO D 252 -37.72 27.13 -0.37
C PRO D 252 -36.67 27.03 0.72
N MET D 253 -36.39 28.09 1.47
CA MET D 253 -35.58 27.93 2.67
C MET D 253 -36.36 27.30 3.81
N PHE D 254 -37.69 27.27 3.71
CA PHE D 254 -38.50 26.48 4.63
C PHE D 254 -38.35 24.99 4.35
N ARG D 255 -38.16 24.61 3.09
CA ARG D 255 -38.00 23.22 2.73
C ARG D 255 -36.58 22.72 2.86
N ALA D 256 -35.69 23.51 3.42
CA ALA D 256 -34.29 23.11 3.54
C ALA D 256 -34.05 22.12 4.67
N ASN D 257 -35.08 21.60 5.33
CA ASN D 257 -34.95 20.43 6.17
C ASN D 257 -35.21 19.13 5.41
N ARG D 258 -35.66 19.21 4.16
CA ARG D 258 -35.83 18.00 3.36
C ARG D 258 -34.52 17.42 2.88
N MET D 259 -33.42 18.13 3.02
CA MET D 259 -32.12 17.61 2.65
C MET D 259 -31.47 16.83 3.79
N LEU D 260 -32.17 16.66 4.91
CA LEU D 260 -31.65 15.93 6.06
C LEU D 260 -31.77 14.42 5.91
N LYS D 261 -32.43 13.93 4.86
CA LYS D 261 -32.57 12.49 4.66
C LYS D 261 -31.43 11.93 3.83
N TYR D 262 -30.18 12.24 4.20
CA TYR D 262 -29.03 11.79 3.44
C TYR D 262 -28.75 10.31 3.60
N THR D 263 -29.29 9.70 4.66
CA THR D 263 -29.03 8.28 4.90
C THR D 263 -29.74 7.40 3.89
N SER D 264 -30.80 7.89 3.26
CA SER D 264 -31.40 7.13 2.17
C SER D 264 -30.51 7.19 0.93
N PHE D 265 -29.82 8.30 0.72
CA PHE D 265 -28.88 8.35 -0.40
C PHE D 265 -27.66 7.50 -0.14
N PHE D 266 -27.17 7.45 1.11
CA PHE D 266 -26.00 6.63 1.38
C PHE D 266 -26.35 5.14 1.45
N GLU D 267 -27.57 4.81 1.86
CA GLU D 267 -28.05 3.44 1.75
C GLU D 267 -28.19 3.02 0.30
N PHE D 268 -28.63 3.93 -0.57
CA PHE D 268 -28.70 3.62 -1.99
C PHE D 268 -27.33 3.48 -2.60
N ASN D 269 -26.37 4.30 -2.15
CA ASN D 269 -25.01 4.20 -2.66
C ASN D 269 -24.34 2.89 -2.27
N HIS D 270 -24.48 2.48 -1.00
CA HIS D 270 -23.95 1.21 -0.54
C HIS D 270 -24.64 0.02 -1.20
N HIS D 271 -25.96 0.12 -1.41
CA HIS D 271 -26.68 -1.00 -2.02
C HIS D 271 -26.37 -1.12 -3.51
N LEU D 272 -26.18 0.01 -4.21
CA LEU D 272 -25.82 -0.08 -5.62
C LEU D 272 -24.37 -0.50 -5.81
N GLU D 273 -23.47 -0.03 -4.94
CA GLU D 273 -22.07 -0.45 -4.99
C GLU D 273 -21.90 -1.91 -4.62
N SER D 274 -22.80 -2.46 -3.81
CA SER D 274 -22.74 -3.89 -3.52
C SER D 274 -23.41 -4.73 -4.59
N ILE D 275 -24.45 -4.24 -5.27
CA ILE D 275 -25.08 -5.09 -6.27
C ILE D 275 -24.29 -5.04 -7.59
N MET D 276 -23.53 -3.96 -7.84
CA MET D 276 -22.85 -3.79 -9.11
C MET D 276 -21.65 -4.73 -9.22
N ASP D 277 -21.49 -5.32 -10.41
CA ASP D 277 -20.34 -6.18 -10.66
C ASP D 277 -19.05 -5.43 -10.91
N LYS D 278 -19.11 -4.11 -11.11
CA LYS D 278 -17.94 -3.26 -11.29
C LYS D 278 -18.16 -1.99 -10.49
N ALA D 279 -17.57 -1.92 -9.30
CA ALA D 279 -17.81 -0.81 -8.40
C ALA D 279 -17.04 0.45 -8.79
N TYR D 280 -16.01 0.33 -9.64
CA TYR D 280 -15.24 1.50 -10.04
C TYR D 280 -16.02 2.40 -10.99
N ILE D 281 -16.97 1.82 -11.74
CA ILE D 281 -17.85 2.59 -12.62
C ILE D 281 -18.75 3.49 -11.80
N TYR D 282 -19.38 2.94 -10.76
CA TYR D 282 -20.23 3.76 -9.93
C TYR D 282 -19.45 4.65 -8.98
N ARG D 283 -18.21 4.32 -8.64
CA ARG D 283 -17.42 5.27 -7.87
C ARG D 283 -16.99 6.46 -8.72
N VAL D 284 -16.73 6.24 -10.01
CA VAL D 284 -16.41 7.33 -10.91
C VAL D 284 -17.64 8.20 -11.17
N ILE D 285 -18.80 7.59 -11.36
CA ILE D 285 -20.04 8.35 -11.59
C ILE D 285 -20.47 9.09 -10.33
N ARG D 286 -20.19 8.55 -9.15
CA ARG D 286 -20.50 9.27 -7.93
C ARG D 286 -19.52 10.41 -7.66
N THR D 287 -18.26 10.27 -8.05
CA THR D 287 -17.32 11.38 -7.90
C THR D 287 -17.62 12.49 -8.90
N THR D 288 -18.04 12.12 -10.11
CA THR D 288 -18.55 13.09 -11.09
C THR D 288 -19.82 13.77 -10.60
N GLY D 289 -20.71 13.02 -9.94
CA GLY D 289 -21.94 13.61 -9.43
C GLY D 289 -21.70 14.58 -8.28
N TYR D 290 -20.73 14.26 -7.42
CA TYR D 290 -20.37 15.21 -6.36
C TYR D 290 -19.66 16.43 -6.91
N LEU D 291 -18.87 16.27 -7.98
CA LEU D 291 -18.21 17.41 -8.60
C LEU D 291 -19.21 18.37 -9.24
N LEU D 292 -20.15 17.82 -10.02
CA LEU D 292 -21.20 18.64 -10.63
C LEU D 292 -22.13 19.23 -9.58
N PHE D 293 -22.29 18.57 -8.43
CA PHE D 293 -23.13 19.15 -7.40
C PHE D 293 -22.44 20.31 -6.68
N ILE D 294 -21.13 20.22 -6.42
CA ILE D 294 -20.47 21.35 -5.77
C ILE D 294 -20.35 22.54 -6.73
N LEU D 295 -20.23 22.27 -8.03
CA LEU D 295 -20.27 23.37 -8.99
C LEU D 295 -21.66 23.98 -9.11
N HIS D 296 -22.72 23.19 -8.94
CA HIS D 296 -24.06 23.76 -8.92
C HIS D 296 -24.30 24.60 -7.68
N ILE D 297 -23.81 24.15 -6.52
CA ILE D 297 -23.97 24.92 -5.28
C ILE D 297 -23.18 26.21 -5.36
N ASN D 298 -21.98 26.16 -5.97
CA ASN D 298 -21.16 27.36 -6.12
C ASN D 298 -21.74 28.31 -7.16
N ALA D 299 -22.46 27.80 -8.17
CA ALA D 299 -23.18 28.67 -9.09
C ALA D 299 -24.33 29.38 -8.40
N CYS D 300 -25.02 28.68 -7.50
CA CYS D 300 -26.08 29.35 -6.74
C CYS D 300 -25.53 30.36 -5.74
N VAL D 301 -24.36 30.10 -5.16
CA VAL D 301 -23.77 31.07 -4.23
C VAL D 301 -23.24 32.29 -4.99
N TYR D 302 -22.75 32.09 -6.22
CA TYR D 302 -22.31 33.23 -7.03
C TYR D 302 -23.48 34.06 -7.52
N TYR D 303 -24.63 33.44 -7.81
CA TYR D 303 -25.77 34.27 -8.18
C TYR D 303 -26.38 34.96 -6.97
N TRP D 304 -26.24 34.38 -5.76
CA TRP D 304 -26.64 35.14 -4.57
C TRP D 304 -25.74 36.35 -4.36
N ALA D 305 -24.42 36.18 -4.51
CA ALA D 305 -23.51 37.31 -4.32
C ALA D 305 -23.66 38.36 -5.42
N SER D 306 -24.01 37.93 -6.63
CA SER D 306 -24.31 38.88 -7.70
C SER D 306 -25.56 39.67 -7.42
N ASN D 307 -26.61 39.02 -6.91
CA ASN D 307 -27.82 39.76 -6.54
C ASN D 307 -27.63 40.59 -5.30
N TYR D 308 -26.67 40.24 -4.44
CA TYR D 308 -26.42 41.00 -3.22
C TYR D 308 -25.62 42.27 -3.50
N GLU D 309 -24.56 42.17 -4.30
CA GLU D 309 -23.85 43.37 -4.74
C GLU D 309 -24.64 44.16 -5.77
N GLY D 310 -25.59 43.52 -6.46
CA GLY D 310 -26.30 44.15 -7.56
C GLY D 310 -25.89 43.51 -8.86
N ILE D 311 -26.84 43.15 -9.71
CA ILE D 311 -26.53 42.57 -11.00
C ILE D 311 -26.01 43.68 -11.91
N GLY D 312 -24.78 43.54 -12.37
CA GLY D 312 -24.19 44.52 -13.27
C GLY D 312 -23.62 45.74 -12.60
N THR D 313 -23.35 45.69 -11.30
CA THR D 313 -22.80 46.85 -10.60
C THR D 313 -21.29 46.93 -10.77
N THR D 314 -20.57 45.91 -10.35
CA THR D 314 -19.13 45.86 -10.53
C THR D 314 -18.80 44.93 -11.70
N ARG D 315 -17.51 44.80 -12.00
CA ARG D 315 -17.12 43.95 -13.11
C ARG D 315 -17.10 42.48 -12.75
N TRP D 316 -17.05 42.16 -11.48
CA TRP D 316 -16.95 40.77 -11.06
C TRP D 316 -18.29 40.08 -11.09
N VAL D 317 -19.35 40.79 -10.71
CA VAL D 317 -20.69 40.22 -10.55
C VAL D 317 -21.30 39.86 -11.90
N TYR D 318 -22.36 39.09 -11.87
CA TYR D 318 -23.02 38.62 -13.07
C TYR D 318 -23.70 39.80 -13.78
N ASP D 319 -23.53 39.88 -15.09
CA ASP D 319 -23.98 41.08 -15.80
C ASP D 319 -25.48 41.07 -16.09
N GLY D 320 -26.04 39.90 -16.40
CA GLY D 320 -27.47 39.76 -16.61
C GLY D 320 -27.89 39.31 -18.00
N GLU D 321 -26.98 39.10 -18.94
CA GLU D 321 -27.35 39.22 -20.34
C GLU D 321 -27.73 37.91 -21.02
N GLY D 322 -27.41 36.76 -20.43
CA GLY D 322 -27.70 35.51 -21.10
C GLY D 322 -28.59 34.56 -20.34
N ASN D 323 -28.27 33.27 -20.39
CA ASN D 323 -28.91 32.29 -19.53
C ASN D 323 -28.20 32.33 -18.19
N GLU D 324 -28.97 32.62 -17.12
CA GLU D 324 -28.39 32.96 -15.84
C GLU D 324 -27.72 31.76 -15.19
N TYR D 325 -28.34 30.60 -15.30
CA TYR D 325 -27.74 29.41 -14.73
C TYR D 325 -26.52 28.95 -15.52
N LEU D 326 -26.50 29.17 -16.82
CA LEU D 326 -25.37 28.71 -17.62
C LEU D 326 -24.16 29.59 -17.43
N ARG D 327 -24.34 30.91 -17.37
CA ARG D 327 -23.19 31.78 -17.15
C ARG D 327 -22.72 31.73 -15.71
N CYS D 328 -23.61 31.51 -14.74
CA CYS D 328 -23.17 31.36 -13.37
C CYS D 328 -22.51 30.01 -13.12
N TYR D 329 -22.95 28.97 -13.84
CA TYR D 329 -22.27 27.68 -13.75
C TYR D 329 -20.91 27.72 -14.42
N TYR D 330 -20.77 28.52 -15.48
CA TYR D 330 -19.47 28.69 -16.12
C TYR D 330 -18.49 29.41 -15.21
N TRP D 331 -18.96 30.43 -14.49
CA TRP D 331 -18.12 31.07 -13.49
C TRP D 331 -17.75 30.11 -12.37
N ALA D 332 -18.69 29.25 -11.95
CA ALA D 332 -18.37 28.31 -10.88
C ALA D 332 -17.41 27.24 -11.33
N VAL D 333 -17.48 26.82 -12.60
CA VAL D 333 -16.51 25.88 -13.16
C VAL D 333 -15.12 26.50 -13.22
N ARG D 334 -15.02 27.71 -13.77
CA ARG D 334 -13.72 28.37 -13.91
C ARG D 334 -13.16 28.90 -12.61
N THR D 335 -13.94 28.93 -11.53
CA THR D 335 -13.36 29.24 -10.22
C THR D 335 -13.02 28.00 -9.42
N LEU D 336 -13.99 27.09 -9.28
CA LEU D 336 -13.77 25.87 -8.51
C LEU D 336 -12.64 25.02 -9.07
N ILE D 337 -12.56 24.93 -10.40
CA ILE D 337 -11.53 24.14 -11.06
C ILE D 337 -10.19 24.87 -11.11
N THR D 338 -10.12 26.00 -10.41
CA THR D 338 -8.90 26.80 -10.35
C THR D 338 -8.30 27.11 -11.72
N ILE D 339 -9.12 27.61 -12.63
CA ILE D 339 -8.67 27.97 -13.96
C ILE D 339 -8.39 29.46 -14.06
N GLY D 340 -9.35 30.27 -13.65
CA GLY D 340 -9.22 31.68 -13.85
C GLY D 340 -9.50 32.07 -15.29
N GLY D 341 -9.25 33.34 -15.59
CA GLY D 341 -9.66 33.91 -16.85
C GLY D 341 -10.94 34.70 -16.76
N LEU D 342 -11.49 34.83 -15.58
CA LEU D 342 -12.70 35.58 -15.33
C LEU D 342 -12.35 37.03 -15.09
N PRO D 343 -13.33 37.94 -14.98
CA PRO D 343 -13.01 39.28 -14.48
C PRO D 343 -12.50 39.26 -13.05
N GLU D 344 -11.60 40.17 -12.76
CA GLU D 344 -10.93 40.25 -11.48
C GLU D 344 -11.86 40.94 -10.47
N PRO D 345 -11.89 40.46 -9.22
CA PRO D 345 -12.80 41.04 -8.24
C PRO D 345 -12.44 42.45 -7.84
N GLN D 346 -13.46 43.29 -7.73
CA GLN D 346 -13.29 44.72 -7.61
C GLN D 346 -13.38 45.23 -6.17
N THR D 347 -14.41 44.86 -5.42
CA THR D 347 -14.54 45.31 -4.05
C THR D 347 -14.16 44.20 -3.09
N LEU D 348 -14.23 44.52 -1.80
CA LEU D 348 -13.62 43.69 -0.78
C LEU D 348 -14.41 42.40 -0.52
N PHE D 349 -15.73 42.48 -0.65
CA PHE D 349 -16.58 41.29 -0.55
C PHE D 349 -16.29 40.34 -1.71
N GLU D 350 -16.00 40.87 -2.88
CA GLU D 350 -15.70 40.04 -4.02
C GLU D 350 -14.31 39.43 -3.91
N ILE D 351 -13.37 40.15 -3.27
CA ILE D 351 -12.04 39.59 -3.04
C ILE D 351 -12.09 38.46 -2.01
N VAL D 352 -12.91 38.62 -0.95
CA VAL D 352 -13.10 37.56 0.04
C VAL D 352 -13.79 36.34 -0.57
N PHE D 353 -14.81 36.57 -1.40
CA PHE D 353 -15.52 35.50 -2.11
C PHE D 353 -14.58 34.73 -3.02
N GLN D 354 -13.83 35.43 -3.85
CA GLN D 354 -12.96 34.78 -4.83
C GLN D 354 -11.81 34.06 -4.15
N LEU D 355 -11.33 34.58 -3.02
CA LEU D 355 -10.27 33.92 -2.25
C LEU D 355 -10.74 32.63 -1.60
N LEU D 356 -11.91 32.65 -0.94
CA LEU D 356 -12.45 31.43 -0.33
C LEU D 356 -12.85 30.41 -1.38
N ASN D 357 -13.34 30.88 -2.53
CA ASN D 357 -13.77 29.99 -3.58
C ASN D 357 -12.59 29.33 -4.27
N PHE D 358 -11.48 30.06 -4.42
CA PHE D 358 -10.29 29.46 -5.00
C PHE D 358 -9.62 28.48 -4.06
N PHE D 359 -9.67 28.75 -2.75
CA PHE D 359 -9.18 27.79 -1.75
C PHE D 359 -10.00 26.50 -1.74
N SER D 360 -11.33 26.62 -1.77
CA SER D 360 -12.19 25.45 -1.88
C SER D 360 -12.02 24.75 -3.21
N GLY D 361 -11.64 25.47 -4.25
CA GLY D 361 -11.37 24.83 -5.52
C GLY D 361 -10.09 24.04 -5.53
N VAL D 362 -9.07 24.50 -4.80
CA VAL D 362 -7.84 23.74 -4.61
C VAL D 362 -8.13 22.44 -3.89
N PHE D 363 -8.95 22.49 -2.84
CA PHE D 363 -9.23 21.24 -2.13
C PHE D 363 -10.23 20.34 -2.82
N VAL D 364 -11.14 20.89 -3.63
CA VAL D 364 -12.05 20.07 -4.43
C VAL D 364 -11.30 19.36 -5.55
N PHE D 365 -10.38 20.07 -6.22
CA PHE D 365 -9.56 19.43 -7.25
C PHE D 365 -8.58 18.42 -6.67
N SER D 366 -8.07 18.66 -5.47
CA SER D 366 -7.19 17.69 -4.82
C SER D 366 -7.94 16.45 -4.38
N SER D 367 -9.17 16.62 -3.89
CA SER D 367 -10.02 15.48 -3.56
C SER D 367 -10.45 14.70 -4.79
N LEU D 368 -10.59 15.38 -5.93
CA LEU D 368 -10.91 14.71 -7.18
C LEU D 368 -9.75 13.85 -7.67
N ILE D 369 -8.52 14.36 -7.56
CA ILE D 369 -7.33 13.58 -7.90
C ILE D 369 -7.17 12.39 -6.95
N GLY D 370 -7.41 12.60 -5.66
CA GLY D 370 -7.31 11.51 -4.70
C GLY D 370 -8.36 10.43 -4.89
N GLN D 371 -9.58 10.81 -5.29
CA GLN D 371 -10.61 9.82 -5.58
C GLN D 371 -10.29 9.03 -6.85
N MET D 372 -9.76 9.69 -7.88
CA MET D 372 -9.40 8.96 -9.09
C MET D 372 -8.17 8.08 -8.87
N ARG D 373 -7.27 8.49 -7.98
CA ARG D 373 -6.12 7.64 -7.65
CA ARG D 373 -6.12 7.64 -7.65
C ARG D 373 -6.55 6.44 -6.83
N ASP D 374 -7.53 6.63 -5.94
CA ASP D 374 -8.05 5.51 -5.15
C ASP D 374 -8.76 4.51 -6.04
N VAL D 375 -9.52 5.00 -7.03
CA VAL D 375 -10.20 4.12 -7.98
C VAL D 375 -9.18 3.40 -8.87
N ILE D 376 -8.10 4.08 -9.25
CA ILE D 376 -7.09 3.45 -10.10
C ILE D 376 -6.27 2.42 -9.34
N GLY D 377 -5.81 2.77 -8.14
CA GLY D 377 -5.03 1.84 -7.34
C GLY D 377 -5.82 0.69 -6.77
N ALA D 378 -7.13 0.84 -6.61
CA ALA D 378 -7.98 -0.28 -6.23
C ALA D 378 -8.61 -0.96 -7.43
N ALA D 379 -8.38 -0.47 -8.65
CA ALA D 379 -8.83 -1.13 -9.87
C ALA D 379 -7.75 -2.00 -10.50
N THR D 380 -6.50 -1.57 -10.45
CA THR D 380 -5.37 -2.32 -10.99
C THR D 380 -4.53 -2.96 -9.90
N ALA D 381 -5.16 -3.32 -8.77
CA ALA D 381 -4.42 -3.86 -7.63
C ALA D 381 -3.99 -5.29 -7.88
N ASN D 382 -4.91 -6.13 -8.35
CA ASN D 382 -4.58 -7.53 -8.62
C ASN D 382 -3.68 -7.67 -9.84
N GLN D 383 -3.89 -6.83 -10.86
CA GLN D 383 -3.01 -6.82 -12.02
C GLN D 383 -1.62 -6.33 -11.67
N ASN D 384 -1.53 -5.32 -10.79
CA ASN D 384 -0.23 -4.80 -10.41
C ASN D 384 0.50 -5.77 -9.51
N TYR D 385 -0.23 -6.52 -8.67
CA TYR D 385 0.41 -7.52 -7.83
C TYR D 385 0.90 -8.72 -8.64
N PHE D 386 0.10 -9.15 -9.63
CA PHE D 386 0.51 -10.21 -10.54
C PHE D 386 1.72 -9.80 -11.37
N ARG D 387 1.72 -8.58 -11.88
CA ARG D 387 2.86 -8.09 -12.65
C ARG D 387 4.09 -7.89 -11.77
N ALA D 388 3.90 -7.52 -10.51
CA ALA D 388 5.04 -7.32 -9.61
C ALA D 388 5.70 -8.64 -9.27
N CYS D 389 4.91 -9.69 -9.02
CA CYS D 389 5.51 -10.99 -8.78
C CYS D 389 6.10 -11.59 -10.06
N MET D 390 5.50 -11.28 -11.22
CA MET D 390 6.03 -11.80 -12.49
C MET D 390 7.37 -11.17 -12.84
N ASP D 391 7.48 -9.84 -12.74
CA ASP D 391 8.79 -9.23 -12.97
C ASP D 391 9.77 -9.51 -11.83
N ASP D 392 9.30 -9.87 -10.63
CA ASP D 392 10.23 -10.25 -9.57
C ASP D 392 10.86 -11.61 -9.88
N THR D 393 10.06 -12.58 -10.33
CA THR D 393 10.68 -13.86 -10.67
C THR D 393 11.42 -13.83 -12.00
N ILE D 394 11.09 -12.91 -12.91
CA ILE D 394 11.92 -12.71 -14.10
C ILE D 394 13.26 -12.09 -13.72
N ALA D 395 13.26 -11.17 -12.74
CA ALA D 395 14.51 -10.63 -12.21
C ALA D 395 15.35 -11.69 -11.51
N TYR D 396 14.70 -12.64 -10.83
CA TYR D 396 15.44 -13.75 -10.22
C TYR D 396 16.03 -14.68 -11.28
N MET D 397 15.25 -15.03 -12.31
CA MET D 397 15.74 -15.95 -13.33
C MET D 397 16.78 -15.31 -14.26
N ASN D 398 16.82 -13.98 -14.34
CA ASN D 398 17.93 -13.31 -15.00
C ASN D 398 19.11 -13.09 -14.08
N ASN D 399 18.89 -13.00 -12.77
CA ASN D 399 20.01 -12.86 -11.84
C ASN D 399 20.77 -14.16 -11.67
N TYR D 400 20.10 -15.30 -11.78
CA TYR D 400 20.80 -16.57 -11.62
C TYR D 400 21.14 -17.22 -12.96
N SER D 401 20.96 -16.50 -14.08
CA SER D 401 21.31 -16.88 -15.46
C SER D 401 20.66 -18.20 -15.89
N ILE D 402 19.33 -18.14 -16.02
CA ILE D 402 18.48 -19.27 -16.41
C ILE D 402 18.11 -19.10 -17.88
N PRO D 403 18.17 -20.18 -18.73
CA PRO D 403 17.96 -20.01 -20.17
C PRO D 403 16.58 -19.58 -20.64
N LYS D 404 16.49 -19.36 -21.95
CA LYS D 404 15.30 -18.75 -22.54
C LYS D 404 14.14 -19.71 -22.62
N LEU D 405 14.39 -21.02 -22.74
CA LEU D 405 13.28 -21.97 -22.79
C LEU D 405 12.65 -22.14 -21.42
N VAL D 406 13.45 -22.18 -20.36
CA VAL D 406 12.90 -22.29 -19.01
C VAL D 406 12.23 -20.99 -18.60
N GLN D 407 12.80 -19.84 -19.01
CA GLN D 407 12.15 -18.56 -18.77
C GLN D 407 10.85 -18.42 -19.57
N LYS D 408 10.80 -18.98 -20.77
CA LYS D 408 9.58 -18.99 -21.57
C LYS D 408 8.52 -19.90 -20.97
N ARG D 409 8.94 -21.01 -20.35
CA ARG D 409 7.98 -21.89 -19.71
C ARG D 409 7.40 -21.27 -18.43
N VAL D 410 8.23 -20.55 -17.69
CA VAL D 410 7.72 -19.83 -16.52
C VAL D 410 6.78 -18.70 -16.93
N ARG D 411 7.11 -17.97 -18.00
CA ARG D 411 6.22 -16.91 -18.48
C ARG D 411 4.93 -17.47 -19.08
N THR D 412 4.98 -18.64 -19.72
CA THR D 412 3.77 -19.28 -20.23
C THR D 412 2.87 -19.75 -19.10
N TRP D 413 3.48 -20.24 -18.00
CA TRP D 413 2.71 -20.58 -16.81
C TRP D 413 2.03 -19.35 -16.22
N TYR D 414 2.73 -18.22 -16.20
CA TYR D 414 2.15 -17.02 -15.59
C TYR D 414 1.01 -16.46 -16.43
N GLU D 415 1.16 -16.47 -17.75
CA GLU D 415 0.09 -16.01 -18.62
C GLU D 415 -1.11 -16.95 -18.59
N TYR D 416 -0.90 -18.25 -18.49
CA TYR D 416 -2.06 -19.14 -18.42
C TYR D 416 -2.73 -19.10 -17.04
N THR D 417 -1.98 -18.86 -15.98
CA THR D 417 -2.60 -18.73 -14.66
C THR D 417 -3.40 -17.43 -14.56
N TRP D 418 -2.93 -16.34 -15.17
CA TRP D 418 -3.74 -15.13 -15.20
C TRP D 418 -4.96 -15.27 -16.11
N ASP D 419 -4.81 -15.97 -17.24
CA ASP D 419 -5.96 -16.13 -18.12
C ASP D 419 -6.99 -17.13 -17.61
N SER D 420 -6.60 -18.03 -16.70
CA SER D 420 -7.56 -18.98 -16.14
C SER D 420 -8.13 -18.52 -14.81
N GLN D 421 -7.28 -18.31 -13.81
CA GLN D 421 -7.77 -18.07 -12.47
C GLN D 421 -7.98 -16.61 -12.14
N ARG D 422 -7.33 -15.70 -12.88
CA ARG D 422 -7.24 -14.26 -12.60
C ARG D 422 -6.70 -13.97 -11.20
N MET D 423 -5.82 -14.84 -10.70
CA MET D 423 -5.23 -14.68 -9.39
C MET D 423 -3.97 -15.52 -9.34
N LEU D 424 -3.09 -15.18 -8.41
CA LEU D 424 -1.81 -15.86 -8.29
C LEU D 424 -1.96 -17.22 -7.64
N ASP D 425 -2.40 -17.24 -6.38
CA ASP D 425 -2.48 -18.45 -5.59
C ASP D 425 -3.85 -18.51 -4.94
N GLU D 426 -4.59 -19.58 -5.21
CA GLU D 426 -5.90 -19.74 -4.59
C GLU D 426 -5.80 -20.21 -3.15
N SER D 427 -4.69 -20.84 -2.77
CA SER D 427 -4.53 -21.26 -1.38
C SER D 427 -4.28 -20.08 -0.47
N ASP D 428 -3.65 -19.02 -1.01
CA ASP D 428 -3.43 -17.79 -0.27
C ASP D 428 -4.76 -17.09 -0.02
N LEU D 429 -5.71 -17.21 -0.96
CA LEU D 429 -7.04 -16.68 -0.74
C LEU D 429 -7.81 -17.53 0.26
N LEU D 430 -7.82 -18.85 0.06
CA LEU D 430 -8.66 -19.72 0.87
C LEU D 430 -8.13 -19.89 2.29
N LYS D 431 -6.87 -19.53 2.57
CA LYS D 431 -6.40 -19.55 3.95
C LYS D 431 -6.97 -18.43 4.81
N THR D 432 -7.62 -17.43 4.21
CA THR D 432 -8.22 -16.34 4.97
C THR D 432 -9.64 -16.64 5.42
N LEU D 433 -10.31 -17.58 4.78
CA LEU D 433 -11.72 -17.83 5.07
C LEU D 433 -11.86 -18.69 6.32
N PRO D 434 -13.05 -18.70 6.94
CA PRO D 434 -13.33 -19.70 7.96
C PRO D 434 -13.33 -21.13 7.42
N THR D 435 -13.27 -22.08 8.36
CA THR D 435 -13.10 -23.47 8.00
C THR D 435 -14.38 -24.07 7.43
N THR D 436 -15.53 -23.51 7.79
CA THR D 436 -16.80 -24.05 7.30
C THR D 436 -17.06 -23.66 5.85
N VAL D 437 -16.82 -22.40 5.51
CA VAL D 437 -16.93 -21.96 4.12
C VAL D 437 -15.81 -22.56 3.27
N GLN D 438 -14.62 -22.79 3.87
CA GLN D 438 -13.56 -23.55 3.20
C GLN D 438 -14.00 -24.98 2.90
N LEU D 439 -14.72 -25.60 3.84
CA LEU D 439 -15.24 -26.95 3.66
C LEU D 439 -16.28 -27.01 2.56
N ALA D 440 -17.24 -26.06 2.57
CA ALA D 440 -18.30 -26.08 1.57
C ALA D 440 -17.77 -25.74 0.17
N LEU D 441 -16.80 -24.82 0.10
CA LEU D 441 -16.17 -24.51 -1.17
C LEU D 441 -15.32 -25.64 -1.70
N ALA D 442 -14.68 -26.42 -0.82
CA ALA D 442 -13.94 -27.58 -1.33
C ALA D 442 -14.88 -28.70 -1.72
N ILE D 443 -16.00 -28.84 -1.01
CA ILE D 443 -16.97 -29.90 -1.30
C ILE D 443 -17.63 -29.67 -2.65
N ASP D 444 -18.07 -28.44 -2.91
CA ASP D 444 -18.84 -28.20 -4.14
C ASP D 444 -18.00 -28.21 -5.40
N VAL D 445 -16.68 -28.17 -5.30
CA VAL D 445 -15.80 -28.24 -6.46
C VAL D 445 -15.12 -29.60 -6.59
N ASN D 446 -14.96 -30.36 -5.49
CA ASN D 446 -14.23 -31.62 -5.61
C ASN D 446 -15.00 -32.87 -5.21
N PHE D 447 -16.14 -32.75 -4.51
CA PHE D 447 -16.82 -33.94 -3.98
C PHE D 447 -17.49 -34.73 -5.09
N SER D 448 -17.93 -34.05 -6.15
CA SER D 448 -18.42 -34.73 -7.34
C SER D 448 -17.30 -35.46 -8.07
N ILE D 449 -16.08 -34.88 -8.08
CA ILE D 449 -14.98 -35.52 -8.78
C ILE D 449 -14.44 -36.71 -7.99
N ILE D 450 -14.52 -36.65 -6.66
CA ILE D 450 -14.15 -37.81 -5.86
C ILE D 450 -15.22 -38.90 -5.97
N SER D 451 -16.50 -38.52 -5.93
CA SER D 451 -17.56 -39.52 -5.93
C SER D 451 -17.87 -40.08 -7.33
N LYS D 452 -17.41 -39.44 -8.40
CA LYS D 452 -17.63 -40.05 -9.71
C LYS D 452 -16.60 -41.13 -10.03
N VAL D 453 -15.57 -41.27 -9.22
CA VAL D 453 -14.63 -42.38 -9.34
C VAL D 453 -15.16 -43.53 -8.50
N ASP D 454 -15.07 -44.75 -9.06
CA ASP D 454 -15.63 -45.96 -8.46
C ASP D 454 -14.88 -46.42 -7.21
N LEU D 455 -13.67 -45.92 -6.99
CA LEU D 455 -12.83 -46.37 -5.87
C LEU D 455 -13.32 -45.82 -4.53
N PHE D 456 -13.94 -44.64 -4.53
CA PHE D 456 -14.09 -43.85 -3.30
C PHE D 456 -15.48 -43.97 -2.68
N LYS D 457 -16.09 -45.15 -2.72
CA LYS D 457 -17.35 -45.33 -1.99
C LYS D 457 -17.11 -45.63 -0.52
N GLY D 458 -16.17 -46.54 -0.23
CA GLY D 458 -16.02 -47.06 1.11
C GLY D 458 -15.34 -46.13 2.08
N CYS D 459 -14.69 -45.07 1.62
CA CYS D 459 -14.00 -44.16 2.50
C CYS D 459 -15.00 -43.33 3.29
N ASP D 460 -14.62 -42.99 4.52
CA ASP D 460 -15.54 -42.28 5.39
C ASP D 460 -15.41 -40.75 5.26
N THR D 461 -16.47 -40.06 5.65
CA THR D 461 -16.69 -38.70 5.21
C THR D 461 -15.78 -37.69 5.90
N GLN D 462 -15.33 -37.99 7.12
CA GLN D 462 -14.42 -37.06 7.80
C GLN D 462 -13.04 -37.08 7.16
N MET D 463 -12.54 -38.27 6.80
CA MET D 463 -11.30 -38.36 6.02
C MET D 463 -11.46 -37.78 4.63
N ILE D 464 -12.63 -37.95 4.00
CA ILE D 464 -12.85 -37.37 2.68
C ILE D 464 -12.87 -35.85 2.75
N TYR D 465 -13.45 -35.28 3.82
CA TYR D 465 -13.47 -33.83 4.00
C TYR D 465 -12.07 -33.30 4.32
N ASP D 466 -11.29 -34.03 5.11
CA ASP D 466 -9.94 -33.58 5.43
C ASP D 466 -8.99 -33.71 4.24
N MET D 467 -9.17 -34.72 3.40
CA MET D 467 -8.35 -34.79 2.20
C MET D 467 -8.82 -33.80 1.13
N LEU D 468 -10.08 -33.36 1.17
CA LEU D 468 -10.49 -32.30 0.26
C LEU D 468 -10.04 -30.94 0.77
N LEU D 469 -9.79 -30.82 2.06
CA LEU D 469 -9.13 -29.63 2.57
C LEU D 469 -7.62 -29.70 2.48
N ARG D 470 -7.06 -30.87 2.17
CA ARG D 470 -5.61 -31.01 2.02
C ARG D 470 -5.23 -31.40 0.59
N LEU D 471 -6.02 -30.97 -0.39
CA LEU D 471 -5.65 -31.08 -1.79
C LEU D 471 -4.89 -29.83 -2.21
N LYS D 472 -3.92 -30.02 -3.10
CA LYS D 472 -3.13 -28.91 -3.64
C LYS D 472 -3.36 -28.84 -5.14
N SER D 473 -3.56 -27.64 -5.65
CA SER D 473 -3.90 -27.42 -7.05
C SER D 473 -2.68 -26.87 -7.77
N VAL D 474 -2.05 -27.70 -8.59
CA VAL D 474 -0.92 -27.29 -9.41
C VAL D 474 -1.30 -27.39 -10.87
N LEU D 475 -0.52 -26.73 -11.71
CA LEU D 475 -0.75 -26.65 -13.13
C LEU D 475 0.41 -27.28 -13.88
N TYR D 476 0.12 -27.93 -15.00
CA TYR D 476 1.17 -28.53 -15.80
C TYR D 476 1.10 -28.00 -17.22
N LEU D 477 2.24 -27.52 -17.70
CA LEU D 477 2.38 -27.03 -19.07
C LEU D 477 2.31 -28.21 -20.04
N PRO D 478 1.98 -27.96 -21.32
CA PRO D 478 1.83 -29.09 -22.26
C PRO D 478 3.16 -29.78 -22.56
N GLY D 479 3.14 -31.10 -22.41
CA GLY D 479 4.34 -31.91 -22.60
C GLY D 479 5.08 -32.24 -21.32
N ASP D 480 4.65 -31.72 -20.18
CA ASP D 480 5.33 -31.96 -18.92
C ASP D 480 5.11 -33.38 -18.44
N PHE D 481 6.05 -33.85 -17.63
CA PHE D 481 6.01 -35.20 -17.08
C PHE D 481 5.50 -35.13 -15.65
N VAL D 482 4.39 -35.82 -15.39
CA VAL D 482 3.84 -35.83 -14.04
C VAL D 482 4.24 -37.14 -13.37
N CYS D 483 4.49 -38.18 -14.17
CA CYS D 483 4.85 -39.51 -13.66
C CYS D 483 5.86 -40.13 -14.61
N LYS D 484 7.14 -40.02 -14.28
CA LYS D 484 8.19 -40.64 -15.07
C LYS D 484 8.34 -42.09 -14.64
N LYS D 485 8.43 -43.00 -15.61
CA LYS D 485 8.50 -44.44 -15.32
C LYS D 485 9.85 -44.77 -14.73
N GLY D 486 9.86 -45.10 -13.45
CA GLY D 486 11.08 -45.41 -12.72
C GLY D 486 11.37 -44.48 -11.55
N GLU D 487 10.75 -43.30 -11.52
CA GLU D 487 10.94 -42.42 -10.39
C GLU D 487 10.06 -42.85 -9.22
N ILE D 488 10.28 -42.23 -8.08
CA ILE D 488 9.52 -42.56 -6.89
C ILE D 488 8.16 -41.87 -6.96
N GLY D 489 7.15 -42.53 -6.41
CA GLY D 489 5.81 -42.00 -6.44
C GLY D 489 5.29 -41.67 -5.06
N LYS D 490 4.75 -40.46 -4.89
CA LYS D 490 4.27 -40.05 -3.58
C LYS D 490 2.96 -39.26 -3.67
N GLU D 491 2.26 -39.32 -4.80
CA GLU D 491 1.16 -38.39 -5.04
C GLU D 491 -0.02 -39.09 -5.70
N MET D 492 -1.21 -38.75 -5.23
CA MET D 492 -2.46 -39.16 -5.84
C MET D 492 -2.99 -38.00 -6.67
N TYR D 493 -3.19 -38.22 -7.96
CA TYR D 493 -3.53 -37.15 -8.89
C TYR D 493 -5.02 -37.18 -9.20
N ILE D 494 -5.71 -36.10 -8.85
CA ILE D 494 -7.10 -35.89 -9.23
C ILE D 494 -7.08 -34.87 -10.34
N ILE D 495 -7.49 -35.26 -11.54
CA ILE D 495 -7.38 -34.38 -12.69
C ILE D 495 -8.66 -33.58 -12.84
N LYS D 496 -8.50 -32.29 -13.18
CA LYS D 496 -9.64 -31.38 -13.29
C LYS D 496 -9.27 -30.27 -14.26
N HIS D 497 -10.06 -30.12 -15.34
CA HIS D 497 -9.80 -29.21 -16.46
C HIS D 497 -8.42 -29.48 -17.07
N GLY D 498 -8.30 -30.67 -17.64
CA GLY D 498 -7.06 -31.04 -18.29
C GLY D 498 -7.25 -32.32 -19.05
N GLU D 499 -6.18 -32.75 -19.71
CA GLU D 499 -6.18 -34.02 -20.42
C GLU D 499 -4.76 -34.53 -20.50
N VAL D 500 -4.42 -35.53 -19.68
CA VAL D 500 -3.10 -36.14 -19.73
C VAL D 500 -3.21 -37.48 -20.45
N GLN D 501 -2.06 -37.97 -20.91
CA GLN D 501 -1.98 -39.26 -21.57
C GLN D 501 -0.97 -40.13 -20.86
N VAL D 502 -1.19 -41.44 -20.94
CA VAL D 502 -0.22 -42.43 -20.48
C VAL D 502 0.52 -42.97 -21.71
N LEU D 503 1.83 -43.15 -21.57
CA LEU D 503 2.70 -43.54 -22.67
C LEU D 503 3.43 -44.81 -22.25
N GLY D 504 2.90 -45.96 -22.66
CA GLY D 504 3.54 -47.24 -22.36
C GLY D 504 3.69 -48.10 -23.59
N GLY D 508 7.43 -46.13 -25.70
CA GLY D 508 7.21 -45.11 -24.69
C GLY D 508 6.56 -43.86 -25.25
N THR D 509 5.89 -44.01 -26.39
CA THR D 509 5.19 -42.91 -27.02
C THR D 509 3.80 -43.27 -27.51
N LYS D 510 3.38 -44.53 -27.35
CA LYS D 510 2.05 -44.94 -27.79
C LYS D 510 1.01 -44.54 -26.74
N VAL D 511 -0.12 -44.05 -27.22
CA VAL D 511 -1.19 -43.59 -26.34
C VAL D 511 -2.06 -44.78 -25.96
N LEU D 512 -2.03 -45.15 -24.68
CA LEU D 512 -2.84 -46.28 -24.24
C LEU D 512 -4.27 -45.86 -23.97
N VAL D 513 -4.48 -45.00 -22.97
CA VAL D 513 -5.80 -44.44 -22.68
C VAL D 513 -5.60 -42.97 -22.33
N THR D 514 -6.22 -42.09 -23.11
CA THR D 514 -6.12 -40.66 -22.88
C THR D 514 -6.99 -40.30 -21.70
N LEU D 515 -6.36 -39.94 -20.58
CA LEU D 515 -7.09 -39.62 -19.36
C LEU D 515 -7.72 -38.25 -19.52
N LYS D 516 -9.05 -38.21 -19.58
CA LYS D 516 -9.77 -36.94 -19.64
C LYS D 516 -9.96 -36.42 -18.22
N ALA D 517 -10.76 -35.37 -18.07
CA ALA D 517 -10.94 -34.75 -16.77
C ALA D 517 -11.81 -35.60 -15.87
N GLY D 518 -11.48 -35.62 -14.58
CA GLY D 518 -12.20 -36.38 -13.59
C GLY D 518 -11.60 -37.73 -13.24
N SER D 519 -10.69 -38.25 -14.06
CA SER D 519 -10.12 -39.57 -13.85
C SER D 519 -9.06 -39.54 -12.74
N VAL D 520 -8.44 -40.69 -12.49
CA VAL D 520 -7.47 -40.84 -11.42
C VAL D 520 -6.25 -41.57 -11.95
N PHE D 521 -5.08 -41.19 -11.42
CA PHE D 521 -3.84 -41.92 -11.61
C PHE D 521 -2.91 -41.54 -10.46
N GLY D 522 -1.91 -42.37 -10.23
CA GLY D 522 -1.08 -42.20 -9.05
C GLY D 522 -1.60 -42.88 -7.82
N GLU D 523 -2.47 -43.87 -7.97
CA GLU D 523 -3.11 -44.55 -6.85
C GLU D 523 -2.32 -45.76 -6.37
N ILE D 524 -1.34 -46.24 -7.14
CA ILE D 524 -0.61 -47.44 -6.75
C ILE D 524 0.68 -47.12 -5.99
N SER D 525 1.06 -45.85 -5.88
CA SER D 525 2.19 -45.46 -5.06
C SER D 525 1.78 -44.73 -3.79
N LEU D 526 0.49 -44.45 -3.61
CA LEU D 526 0.03 -43.80 -2.39
C LEU D 526 -0.26 -44.81 -1.29
N LEU D 527 -0.74 -45.99 -1.64
CA LEU D 527 -1.14 -46.99 -0.65
C LEU D 527 0.03 -47.80 -0.12
N ALA D 528 1.17 -47.80 -0.81
CA ALA D 528 2.30 -48.64 -0.45
C ALA D 528 3.27 -47.88 0.44
N ALA D 529 3.90 -48.60 1.38
CA ALA D 529 4.79 -48.00 2.37
C ALA D 529 6.22 -47.93 1.85
N GLY D 530 6.89 -46.84 2.19
CA GLY D 530 8.29 -46.68 1.81
C GLY D 530 8.43 -46.36 0.34
N GLY D 531 9.34 -47.05 -0.33
CA GLY D 531 9.47 -46.94 -1.77
C GLY D 531 8.29 -47.60 -2.47
N GLY D 532 8.06 -48.87 -2.17
CA GLY D 532 6.93 -49.59 -2.71
C GLY D 532 7.07 -49.92 -4.18
N ASN D 533 6.20 -49.34 -4.99
CA ASN D 533 6.20 -49.57 -6.43
C ASN D 533 6.60 -48.31 -7.16
N ARG D 534 7.31 -48.47 -8.27
CA ARG D 534 7.65 -47.35 -9.13
C ARG D 534 6.48 -47.08 -10.08
N ARG D 535 6.66 -46.10 -10.95
CA ARG D 535 5.64 -45.79 -11.95
C ARG D 535 5.65 -46.85 -13.05
N THR D 536 4.46 -47.20 -13.54
CA THR D 536 4.37 -48.21 -14.58
C THR D 536 4.49 -47.64 -15.98
N ALA D 537 4.16 -46.36 -16.18
CA ALA D 537 4.23 -45.77 -17.51
C ALA D 537 4.54 -44.29 -17.39
N ASN D 538 5.16 -43.76 -18.45
CA ASN D 538 5.39 -42.33 -18.57
C ASN D 538 4.07 -41.64 -18.82
N VAL D 539 3.72 -40.68 -17.96
CA VAL D 539 2.44 -39.98 -18.07
C VAL D 539 2.75 -38.53 -18.41
N VAL D 540 2.32 -38.09 -19.58
CA VAL D 540 2.58 -36.73 -20.03
C VAL D 540 1.27 -35.97 -20.11
N ALA D 541 1.35 -34.67 -19.89
CA ALA D 541 0.19 -33.80 -19.97
C ALA D 541 0.09 -33.26 -21.39
N HIS D 542 -1.01 -33.58 -22.08
CA HIS D 542 -1.17 -33.17 -23.46
C HIS D 542 -1.50 -31.69 -23.56
N GLY D 543 -2.53 -31.25 -22.85
CA GLY D 543 -2.88 -29.86 -22.77
C GLY D 543 -2.46 -29.22 -21.47
N PHE D 544 -3.01 -28.05 -21.20
CA PHE D 544 -2.70 -27.32 -19.97
C PHE D 544 -3.49 -27.96 -18.83
N ALA D 545 -2.96 -29.08 -18.32
CA ALA D 545 -3.66 -29.83 -17.29
C ALA D 545 -3.51 -29.18 -15.94
N ASN D 546 -4.59 -29.20 -15.16
CA ASN D 546 -4.64 -28.57 -13.85
C ASN D 546 -4.90 -29.66 -12.83
N LEU D 547 -3.86 -30.34 -12.40
CA LEU D 547 -4.02 -31.49 -11.53
C LEU D 547 -4.30 -31.03 -10.10
N LEU D 548 -5.09 -31.83 -9.38
CA LEU D 548 -5.28 -31.67 -7.94
C LEU D 548 -4.49 -32.78 -7.27
N THR D 549 -3.51 -32.41 -6.47
CA THR D 549 -2.50 -33.34 -5.98
C THR D 549 -2.75 -33.66 -4.52
N LEU D 550 -2.50 -34.92 -4.15
CA LEU D 550 -2.61 -35.37 -2.77
C LEU D 550 -1.31 -36.06 -2.39
N ASP D 551 -0.47 -35.37 -1.64
CA ASP D 551 0.85 -35.88 -1.28
C ASP D 551 0.69 -36.97 -0.22
N LYS D 552 1.64 -37.91 -0.21
CA LYS D 552 1.57 -39.04 0.73
C LYS D 552 1.85 -38.60 2.16
N LYS D 553 2.70 -37.59 2.34
CA LYS D 553 3.01 -37.09 3.68
C LYS D 553 1.80 -36.40 4.31
N THR D 554 1.07 -35.61 3.52
CA THR D 554 -0.17 -35.03 3.99
C THR D 554 -1.25 -36.08 4.18
N LEU D 555 -1.18 -37.18 3.42
CA LEU D 555 -2.12 -38.28 3.62
C LEU D 555 -1.89 -38.96 4.96
N GLN D 556 -0.63 -39.24 5.33
CA GLN D 556 -0.36 -39.80 6.66
C GLN D 556 -0.63 -38.80 7.78
N GLU D 557 -0.43 -37.50 7.52
CA GLU D 557 -0.75 -36.50 8.53
C GLU D 557 -2.26 -36.36 8.74
N ILE D 558 -3.05 -36.69 7.72
CA ILE D 558 -4.48 -36.90 7.93
C ILE D 558 -4.71 -38.20 8.70
N LEU D 559 -4.00 -39.26 8.34
CA LEU D 559 -4.28 -40.62 8.82
C LEU D 559 -3.93 -40.84 10.29
N VAL D 560 -3.06 -40.02 10.88
CA VAL D 560 -2.72 -40.23 12.28
C VAL D 560 -3.83 -39.79 13.23
N HIS D 561 -4.77 -38.98 12.77
CA HIS D 561 -5.93 -38.60 13.57
C HIS D 561 -7.14 -39.48 13.29
N TYR D 562 -6.97 -40.54 12.48
CA TYR D 562 -8.07 -41.42 12.10
C TYR D 562 -7.60 -42.86 12.05
N PRO D 563 -7.52 -43.54 13.22
CA PRO D 563 -7.02 -44.93 13.26
C PRO D 563 -7.93 -45.95 12.60
N ASP D 564 -9.22 -45.88 12.90
CA ASP D 564 -10.19 -46.79 12.30
C ASP D 564 -10.30 -46.60 10.79
N SER D 565 -10.29 -45.33 10.35
CA SER D 565 -10.25 -45.02 8.93
C SER D 565 -8.99 -45.55 8.26
N GLU D 566 -7.86 -45.47 8.97
CA GLU D 566 -6.60 -46.05 8.50
C GLU D 566 -6.71 -47.57 8.33
N ARG D 567 -7.38 -48.22 9.30
CA ARG D 567 -7.56 -49.67 9.26
C ARG D 567 -8.42 -50.10 8.06
N ILE D 568 -9.60 -49.49 7.90
CA ILE D 568 -10.50 -49.86 6.81
C ILE D 568 -9.91 -49.45 5.45
N LEU D 569 -9.18 -48.33 5.40
CA LEU D 569 -8.49 -47.92 4.18
C LEU D 569 -7.43 -48.93 3.77
N MET D 570 -6.68 -49.44 4.74
CA MET D 570 -5.69 -50.48 4.45
C MET D 570 -6.36 -51.78 4.00
N LYS D 571 -7.54 -52.09 4.54
CA LYS D 571 -8.29 -53.26 4.07
C LYS D 571 -8.75 -53.12 2.62
N LYS D 572 -9.32 -51.96 2.25
CA LYS D 572 -9.69 -51.71 0.85
C LYS D 572 -8.48 -51.71 -0.07
N ALA D 573 -7.34 -51.20 0.43
CA ALA D 573 -6.08 -51.26 -0.29
C ALA D 573 -5.65 -52.69 -0.58
N ARG D 574 -5.78 -53.57 0.41
CA ARG D 574 -5.35 -54.96 0.22
C ARG D 574 -6.31 -55.75 -0.67
N VAL D 575 -7.62 -55.48 -0.56
CA VAL D 575 -8.57 -56.15 -1.46
C VAL D 575 -8.44 -55.65 -2.90
N LEU D 576 -8.21 -54.35 -3.11
CA LEU D 576 -8.12 -53.84 -4.47
C LEU D 576 -6.74 -54.10 -5.09
N LEU D 577 -5.72 -54.33 -4.28
CA LEU D 577 -4.41 -54.74 -4.78
C LEU D 577 -3.80 -55.81 -3.89
C1 NAG E . -14.71 37.30 -43.61
C2 NAG E . -15.97 38.01 -43.08
C3 NAG E . -16.92 38.32 -44.23
C4 NAG E . -16.21 39.10 -45.35
C5 NAG E . -14.95 38.36 -45.79
C6 NAG E . -14.12 39.15 -46.77
C7 NAG E . -17.16 37.74 -40.96
C8 NAG E . -17.83 36.78 -40.03
N2 NAG E . -16.64 37.22 -42.06
O3 NAG E . -18.03 39.06 -43.76
O4 NAG E . -17.08 39.26 -46.45
O5 NAG E . -14.11 38.09 -44.66
O6 NAG E . -12.91 39.58 -46.19
O7 NAG E . -17.10 38.94 -40.72
PA PCG F . 31.08 -29.56 11.44
O1A PCG F . 31.61 -30.08 12.73
O2A PCG F . 29.60 -29.54 11.50
O5' PCG F . 31.35 -28.13 11.10
C5' PCG F . 32.56 -27.66 10.52
C4' PCG F . 33.01 -28.74 9.58
O4' PCG F . 33.91 -28.43 8.55
C3' PCG F . 32.94 -30.25 9.77
O3' PCG F . 31.69 -30.51 10.42
C2' PCG F . 33.11 -30.68 8.28
O2' PCG F . 31.91 -30.99 7.56
C1' PCG F . 33.68 -29.41 7.55
N9 PCG F . 35.04 -29.57 7.03
C8 PCG F . 35.72 -29.39 5.82
N7 PCG F . 36.98 -29.69 5.92
C5 PCG F . 37.15 -30.11 7.27
C6 PCG F . 38.36 -30.56 7.92
O6 PCG F . 39.51 -30.67 7.42
N1 PCG F . 38.06 -30.86 9.27
C2 PCG F . 36.78 -30.76 9.88
N2 PCG F . 36.80 -31.12 11.19
N3 PCG F . 35.62 -30.33 9.29
C4 PCG F . 35.93 -30.02 7.98
C1 NAG G . 14.47 47.19 -32.32
C2 NAG G . 13.78 47.29 -33.68
C3 NAG G . 14.69 47.99 -34.68
C4 NAG G . 15.17 49.35 -34.14
C5 NAG G . 15.80 49.17 -32.76
C6 NAG G . 16.14 50.48 -32.10
C7 NAG G . 12.17 45.48 -34.04
C8 NAG G . 11.96 44.11 -34.61
N2 NAG G . 13.41 45.98 -34.17
O3 NAG G . 13.99 48.18 -35.90
O4 NAG G . 16.12 49.91 -35.02
O5 NAG G . 14.88 48.51 -31.88
O6 NAG G . 15.54 50.58 -30.82
O7 NAG G . 11.28 46.11 -33.49
PA PCG H . 8.90 -17.98 41.11
O1A PCG H . 8.08 -19.05 41.74
O2A PCG H . 9.12 -18.31 39.69
O5' PCG H . 8.28 -16.63 40.96
C5' PCG H . 8.23 -15.66 42.01
C4' PCG H . 9.51 -15.80 42.75
O4' PCG H . 9.97 -14.74 43.56
C3' PCG H . 10.25 -17.09 43.13
O3' PCG H . 10.13 -17.94 41.99
C2' PCG H . 11.65 -16.45 43.45
O2' PCG H . 12.63 -16.51 42.41
C1' PCG H . 11.38 -14.92 43.65
N9 PCG H . 11.61 -14.44 45.01
C8 PCG H . 12.32 -13.41 45.63
N7 PCG H . 12.18 -13.43 46.93
C5 PCG H . 11.32 -14.55 47.17
C6 PCG H . 10.83 -15.03 48.44
O6 PCG H . 11.07 -14.56 49.60
N1 PCG H . 10.00 -16.15 48.22
C2 PCG H . 9.70 -16.71 46.95
N2 PCG H . 8.88 -17.78 47.04
N3 PCG H . 10.15 -16.28 45.73
C4 PCG H . 10.96 -15.18 45.96
C1 NAG I . -0.24 58.38 -4.90
C2 NAG I . 0.72 58.91 -5.96
C3 NAG I . 1.19 60.32 -5.59
C4 NAG I . 0.01 61.25 -5.32
C5 NAG I . -0.89 60.64 -4.26
C6 NAG I . -2.15 61.45 -4.03
C7 NAG I . 2.16 57.46 -7.31
C8 NAG I . 3.37 56.57 -7.31
N2 NAG I . 1.85 58.02 -6.14
O3 NAG I . 1.98 60.83 -6.66
O4 NAG I . 0.48 62.51 -4.87
O5 NAG I . -1.32 59.34 -4.69
O6 NAG I . -3.28 60.83 -4.63
O7 NAG I . 1.50 57.66 -8.32
PA PCG J . -21.09 -34.13 20.23
O1A PCG J . -21.23 -35.58 19.92
O2A PCG J . -19.66 -33.75 20.15
O5' PCG J . -21.66 -33.15 19.29
C5' PCG J . -23.05 -32.77 19.27
C4' PCG J . -23.48 -32.76 20.70
O4' PCG J . -24.62 -32.03 21.06
C3' PCG J . -23.11 -33.74 21.80
O3' PCG J . -21.72 -34.04 21.60
C2' PCG J . -23.51 -32.85 23.04
O2' PCG J . -22.47 -32.14 23.69
C1' PCG J . -24.44 -31.73 22.45
N9 PCG J . -25.83 -31.79 22.91
C8 PCG J . -26.78 -30.94 23.47
N7 PCG J . -27.92 -31.54 23.68
C5 PCG J . -27.71 -32.87 23.24
C6 PCG J . -28.65 -33.96 23.24
O6 PCG J . -29.85 -33.96 23.64
N1 PCG J . -28.02 -35.11 22.69
C2 PCG J . -26.69 -35.17 22.22
N2 PCG J . -26.36 -36.40 21.76
N3 PCG J . -25.77 -34.15 22.21
C4 PCG J . -26.40 -33.04 22.73
PA PCG K . 1.48 -45.32 -11.81
O1A PCG K . 2.69 -46.01 -12.31
O2A PCG K . 1.68 -44.93 -10.40
O5' PCG K . 1.14 -43.99 -12.41
C5' PCG K . 0.44 -43.83 -13.64
C4' PCG K . -0.54 -44.93 -13.71
O4' PCG K . -1.66 -44.82 -14.57
C3' PCG K . -0.37 -46.39 -13.28
O3' PCG K . 0.39 -46.35 -12.07
C2' PCG K . -1.89 -46.78 -13.21
O2' PCG K . -2.49 -46.76 -11.91
C1' PCG K . -2.65 -45.68 -14.01
N9 PCG K . -3.30 -46.15 -15.23
C8 PCG K . -4.56 -46.09 -15.83
N7 PCG K . -4.58 -46.71 -16.98
C5 PCG K . -3.26 -47.21 -17.15
C6 PCG K . -2.74 -47.97 -18.26
O6 PCG K . -3.35 -48.35 -19.30
N1 PCG K . -1.38 -48.24 -18.01
C2 PCG K . -0.64 -47.85 -16.87
N2 PCG K . 0.65 -48.26 -16.90
N3 PCG K . -1.11 -47.11 -15.81
C4 PCG K . -2.44 -46.85 -16.06
#